data_1VAE
#
_entry.id   1VAE
#
_entity_poly.entity_id   1
_entity_poly.type   'polypeptide(L)'
_entity_poly.pdbx_seq_one_letter_code
;GSSGSSGSASKRWSPPRGIHFTVEEGDLGFTLRGNTPVQVHFLDPHCSASLAGAKEGDYIVSIQGVDCKWLTVSEVMKLL
KSFGGEEVEMKVVSLLDSTSSMHNKSGPSSG
;
_entity_poly.pdbx_strand_id   A
#
# COMPACT_ATOMS: atom_id res chain seq x y z
N GLY A 1 5.03 -4.50 25.43
CA GLY A 1 3.92 -4.72 24.52
C GLY A 1 2.65 -4.06 25.06
N SER A 2 1.60 -4.12 24.24
CA SER A 2 0.32 -3.53 24.62
C SER A 2 -0.77 -4.02 23.66
N SER A 3 -2.01 -3.74 24.05
CA SER A 3 -3.15 -4.13 23.24
C SER A 3 -3.98 -2.90 22.88
N GLY A 4 -4.44 -2.21 23.90
CA GLY A 4 -5.25 -1.01 23.72
C GLY A 4 -6.13 -0.74 24.94
N SER A 5 -6.92 0.31 24.83
CA SER A 5 -7.81 0.69 25.91
C SER A 5 -8.86 1.69 25.42
N SER A 6 -10.06 1.55 25.94
CA SER A 6 -11.16 2.42 25.55
C SER A 6 -11.42 2.31 24.06
N GLY A 7 -12.64 2.65 23.67
CA GLY A 7 -13.03 2.58 22.27
C GLY A 7 -12.72 3.90 21.55
N SER A 8 -11.44 4.09 21.27
CA SER A 8 -11.00 5.30 20.58
C SER A 8 -11.38 5.23 19.11
N ALA A 9 -12.29 6.11 18.72
CA ALA A 9 -12.74 6.16 17.34
C ALA A 9 -11.64 6.76 16.47
N SER A 10 -11.02 5.88 15.68
CA SER A 10 -9.94 6.30 14.79
C SER A 10 -9.64 5.19 13.79
N LYS A 11 -9.18 5.61 12.61
CA LYS A 11 -8.84 4.66 11.57
C LYS A 11 -7.88 3.62 12.12
N ARG A 12 -7.81 2.50 11.42
CA ARG A 12 -6.93 1.41 11.83
C ARG A 12 -6.27 0.77 10.60
N TRP A 13 -4.95 0.70 10.65
CA TRP A 13 -4.19 0.13 9.56
C TRP A 13 -3.69 -1.25 10.01
N SER A 14 -3.54 -2.14 9.04
CA SER A 14 -3.08 -3.49 9.33
C SER A 14 -1.56 -3.47 9.55
N PRO A 15 -1.02 -4.68 9.88
CA PRO A 15 0.41 -4.82 10.12
C PRO A 15 1.19 -4.79 8.80
N PRO A 16 2.45 -4.29 8.90
CA PRO A 16 3.30 -4.20 7.72
C PRO A 16 3.84 -5.57 7.34
N ARG A 17 3.75 -5.87 6.04
CA ARG A 17 4.22 -7.15 5.54
C ARG A 17 5.70 -7.05 5.16
N GLY A 18 6.30 -8.21 4.92
CA GLY A 18 7.71 -8.27 4.55
C GLY A 18 7.88 -8.89 3.16
N ILE A 19 8.13 -8.02 2.20
CA ILE A 19 8.31 -8.46 0.82
C ILE A 19 9.81 -8.59 0.53
N HIS A 20 10.12 -9.45 -0.42
CA HIS A 20 11.52 -9.68 -0.81
C HIS A 20 11.60 -9.83 -2.32
N PHE A 21 12.20 -8.83 -2.94
CA PHE A 21 12.36 -8.84 -4.39
C PHE A 21 13.53 -7.93 -4.82
N THR A 22 13.78 -7.92 -6.12
CA THR A 22 14.85 -7.11 -6.67
C THR A 22 14.29 -6.07 -7.65
N VAL A 23 14.30 -4.82 -7.20
CA VAL A 23 13.79 -3.74 -8.03
C VAL A 23 14.24 -3.95 -9.48
N GLU A 24 13.53 -3.30 -10.38
CA GLU A 24 13.84 -3.40 -11.80
C GLU A 24 13.99 -2.01 -12.42
N GLU A 25 15.23 -1.65 -12.68
CA GLU A 25 15.53 -0.36 -13.26
C GLU A 25 15.28 -0.39 -14.77
N GLY A 26 14.08 -0.81 -15.13
CA GLY A 26 13.70 -0.88 -16.54
C GLY A 26 12.21 -1.19 -16.69
N ASP A 27 11.73 -2.08 -15.83
CA ASP A 27 10.33 -2.46 -15.87
C ASP A 27 9.91 -2.93 -14.47
N LEU A 28 9.45 -1.97 -13.68
CA LEU A 28 9.00 -2.26 -12.32
C LEU A 28 7.78 -3.16 -12.38
N GLY A 29 7.03 -3.03 -13.46
CA GLY A 29 5.83 -3.82 -13.66
C GLY A 29 4.63 -3.21 -12.90
N PHE A 30 4.92 -2.13 -12.19
CA PHE A 30 3.89 -1.44 -11.43
C PHE A 30 4.19 0.06 -11.35
N THR A 31 3.21 0.79 -10.82
CA THR A 31 3.35 2.22 -10.68
C THR A 31 2.86 2.68 -9.30
N LEU A 32 3.02 3.96 -9.04
CA LEU A 32 2.60 4.54 -7.77
C LEU A 32 1.64 5.69 -8.02
N ARG A 33 0.43 5.53 -7.50
CA ARG A 33 -0.60 6.55 -7.65
C ARG A 33 -1.00 7.13 -6.29
N GLY A 34 -1.69 8.26 -6.35
CA GLY A 34 -2.13 8.91 -5.12
C GLY A 34 -1.07 9.88 -4.60
N ASN A 35 -1.21 10.23 -3.33
CA ASN A 35 -0.27 11.15 -2.71
C ASN A 35 0.58 10.39 -1.69
N THR A 36 -0.07 9.99 -0.61
CA THR A 36 0.60 9.24 0.44
C THR A 36 -0.39 8.80 1.51
N PRO A 37 -0.18 7.54 2.00
CA PRO A 37 0.92 6.73 1.53
C PRO A 37 0.64 6.17 0.13
N VAL A 38 1.62 6.32 -0.74
CA VAL A 38 1.48 5.84 -2.11
C VAL A 38 1.02 4.38 -2.08
N GLN A 39 0.30 4.00 -3.13
CA GLN A 39 -0.22 2.64 -3.24
C GLN A 39 0.42 1.93 -4.43
N VAL A 40 0.23 0.62 -4.48
CA VAL A 40 0.77 -0.18 -5.56
C VAL A 40 -0.35 -0.48 -6.57
N HIS A 41 -0.18 0.08 -7.76
CA HIS A 41 -1.15 -0.11 -8.82
C HIS A 41 -0.61 -1.13 -9.84
N PHE A 42 -0.46 -2.36 -9.37
CA PHE A 42 0.05 -3.42 -10.22
C PHE A 42 -0.54 -3.33 -11.63
N LEU A 43 0.35 -3.23 -12.61
CA LEU A 43 -0.07 -3.14 -14.00
C LEU A 43 0.21 -4.45 -14.71
N ASP A 44 1.23 -5.15 -14.21
CA ASP A 44 1.61 -6.43 -14.79
C ASP A 44 1.64 -7.49 -13.68
N PRO A 45 1.04 -8.67 -14.01
CA PRO A 45 1.00 -9.76 -13.05
C PRO A 45 2.36 -10.46 -12.94
N HIS A 46 3.08 -10.44 -14.06
CA HIS A 46 4.39 -11.06 -14.10
C HIS A 46 5.47 -10.01 -13.81
N CYS A 47 5.06 -8.99 -13.07
CA CYS A 47 5.97 -7.92 -12.71
C CYS A 47 7.09 -8.50 -11.85
N SER A 48 7.23 -7.93 -10.65
CA SER A 48 8.26 -8.40 -9.73
C SER A 48 7.72 -8.34 -8.29
N ALA A 49 7.33 -7.14 -7.89
CA ALA A 49 6.80 -6.94 -6.54
C ALA A 49 5.72 -7.98 -6.27
N SER A 50 4.80 -8.10 -7.22
CA SER A 50 3.71 -9.05 -7.08
C SER A 50 4.27 -10.47 -6.94
N LEU A 51 5.13 -10.82 -7.87
CA LEU A 51 5.74 -12.14 -7.86
C LEU A 51 6.38 -12.39 -6.49
N ALA A 52 6.80 -11.31 -5.86
CA ALA A 52 7.43 -11.39 -4.55
C ALA A 52 6.41 -11.93 -3.53
N GLY A 53 5.31 -11.21 -3.42
CA GLY A 53 4.26 -11.60 -2.49
C GLY A 53 3.50 -10.38 -1.96
N ALA A 54 3.19 -9.48 -2.89
CA ALA A 54 2.47 -8.26 -2.53
C ALA A 54 1.06 -8.32 -3.12
N LYS A 55 0.35 -7.20 -2.99
CA LYS A 55 -1.00 -7.11 -3.50
C LYS A 55 -1.24 -5.69 -4.04
N GLU A 56 -2.50 -5.43 -4.38
CA GLU A 56 -2.88 -4.14 -4.90
C GLU A 56 -3.27 -3.20 -3.77
N GLY A 57 -3.29 -1.91 -4.08
CA GLY A 57 -3.64 -0.90 -3.09
C GLY A 57 -2.71 -0.97 -1.88
N ASP A 58 -1.60 -1.67 -2.07
CA ASP A 58 -0.62 -1.80 -1.01
C ASP A 58 0.04 -0.45 -0.73
N TYR A 59 -0.12 0.00 0.51
CA TYR A 59 0.45 1.27 0.92
C TYR A 59 1.84 1.07 1.54
N ILE A 60 2.85 1.48 0.78
CA ILE A 60 4.22 1.36 1.24
C ILE A 60 4.42 2.24 2.47
N VAL A 61 5.10 1.67 3.46
CA VAL A 61 5.37 2.40 4.70
C VAL A 61 6.87 2.65 4.82
N SER A 62 7.64 1.67 4.36
CA SER A 62 9.09 1.78 4.42
C SER A 62 9.71 0.91 3.33
N ILE A 63 10.94 1.26 2.97
CA ILE A 63 11.67 0.51 1.95
C ILE A 63 13.11 0.29 2.42
N GLN A 64 13.37 -0.93 2.87
CA GLN A 64 14.69 -1.29 3.34
C GLN A 64 14.96 -0.66 4.71
N GLY A 65 13.90 -0.08 5.27
CA GLY A 65 14.01 0.55 6.57
C GLY A 65 13.68 2.04 6.49
N VAL A 66 13.81 2.58 5.28
CA VAL A 66 13.52 3.98 5.04
C VAL A 66 12.04 4.25 5.32
N ASP A 67 11.75 5.51 5.65
CA ASP A 67 10.39 5.90 5.93
C ASP A 67 9.70 6.29 4.63
N CYS A 68 8.62 5.58 4.34
CA CYS A 68 7.86 5.84 3.13
C CYS A 68 6.37 5.88 3.49
N LYS A 69 6.06 6.71 4.48
CA LYS A 69 4.69 6.85 4.93
C LYS A 69 4.16 8.24 4.53
N TRP A 70 5.07 9.19 4.51
CA TRP A 70 4.72 10.55 4.16
C TRP A 70 5.17 10.80 2.72
N LEU A 71 6.30 10.21 2.38
CA LEU A 71 6.86 10.35 1.05
C LEU A 71 5.74 10.24 0.02
N THR A 72 5.98 10.84 -1.13
CA THR A 72 4.99 10.82 -2.21
C THR A 72 5.33 9.73 -3.23
N VAL A 73 5.00 10.00 -4.48
CA VAL A 73 5.28 9.06 -5.54
C VAL A 73 6.70 9.26 -6.05
N SER A 74 7.04 10.51 -6.32
CA SER A 74 8.37 10.85 -6.80
C SER A 74 9.42 10.33 -5.83
N GLU A 75 9.27 10.71 -4.57
CA GLU A 75 10.20 10.30 -3.53
C GLU A 75 10.41 8.78 -3.59
N VAL A 76 9.36 8.05 -3.24
CA VAL A 76 9.42 6.60 -3.25
C VAL A 76 10.10 6.12 -4.54
N MET A 77 9.50 6.50 -5.65
CA MET A 77 10.03 6.12 -6.96
C MET A 77 11.55 6.19 -6.96
N LYS A 78 12.08 7.28 -6.40
CA LYS A 78 13.51 7.48 -6.34
C LYS A 78 14.10 6.53 -5.30
N LEU A 79 13.41 6.42 -4.18
CA LEU A 79 13.85 5.56 -3.10
C LEU A 79 13.93 4.11 -3.60
N LEU A 80 13.11 3.83 -4.61
CA LEU A 80 13.07 2.50 -5.19
C LEU A 80 14.14 2.39 -6.28
N LYS A 81 14.18 3.40 -7.13
CA LYS A 81 15.15 3.44 -8.21
C LYS A 81 16.55 3.26 -7.65
N SER A 82 16.86 4.08 -6.64
CA SER A 82 18.16 4.03 -5.99
C SER A 82 18.55 2.56 -5.74
N PHE A 83 17.59 1.81 -5.23
CA PHE A 83 17.83 0.41 -4.92
C PHE A 83 17.52 -0.47 -6.14
N GLY A 84 17.99 -0.02 -7.30
CA GLY A 84 17.77 -0.75 -8.53
C GLY A 84 18.70 -1.96 -8.62
N GLY A 85 18.10 -3.10 -8.90
CA GLY A 85 18.86 -4.34 -9.03
C GLY A 85 19.46 -4.75 -7.68
N GLU A 86 18.76 -4.38 -6.62
CA GLU A 86 19.20 -4.69 -5.28
C GLU A 86 18.04 -5.21 -4.43
N GLU A 87 18.23 -6.41 -3.89
CA GLU A 87 17.20 -7.02 -3.07
C GLU A 87 16.89 -6.15 -1.86
N VAL A 88 15.70 -5.57 -1.88
CA VAL A 88 15.27 -4.70 -0.79
C VAL A 88 14.07 -5.34 -0.08
N GLU A 89 13.70 -4.73 1.04
CA GLU A 89 12.59 -5.22 1.82
C GLU A 89 11.48 -4.17 1.91
N MET A 90 10.43 -4.38 1.13
CA MET A 90 9.31 -3.45 1.11
C MET A 90 8.24 -3.88 2.11
N LYS A 91 7.71 -2.88 2.81
CA LYS A 91 6.68 -3.13 3.80
C LYS A 91 5.40 -2.37 3.41
N VAL A 92 4.30 -3.10 3.38
CA VAL A 92 3.02 -2.52 3.03
C VAL A 92 1.99 -2.86 4.11
N VAL A 93 0.98 -2.02 4.21
CA VAL A 93 -0.07 -2.20 5.19
C VAL A 93 -1.44 -2.08 4.50
N SER A 94 -2.37 -2.91 4.95
CA SER A 94 -3.71 -2.89 4.39
C SER A 94 -4.55 -1.83 5.09
N LEU A 95 -5.42 -1.20 4.31
CA LEU A 95 -6.29 -0.16 4.84
C LEU A 95 -7.67 -0.76 5.12
N LEU A 96 -8.14 -0.53 6.34
CA LEU A 96 -9.44 -1.03 6.74
C LEU A 96 -10.39 0.14 6.98
N ASP A 97 -11.54 0.07 6.33
CA ASP A 97 -12.54 1.12 6.47
C ASP A 97 -13.87 0.62 5.90
N SER A 98 -14.96 1.18 6.44
CA SER A 98 -16.28 0.80 6.00
C SER A 98 -16.36 0.83 4.47
N THR A 99 -17.42 0.23 3.96
CA THR A 99 -17.63 0.18 2.52
C THR A 99 -19.12 0.00 2.19
N SER A 100 -19.48 0.41 0.99
CA SER A 100 -20.85 0.30 0.55
C SER A 100 -21.75 1.21 1.40
N SER A 101 -22.78 1.74 0.76
CA SER A 101 -23.71 2.63 1.45
C SER A 101 -24.91 2.91 0.55
N MET A 102 -26.04 3.18 1.19
CA MET A 102 -27.27 3.48 0.46
C MET A 102 -27.20 4.87 -0.17
N HIS A 103 -27.82 4.99 -1.34
CA HIS A 103 -27.85 6.25 -2.05
C HIS A 103 -29.19 6.41 -2.77
N ASN A 104 -29.38 7.59 -3.32
CA ASN A 104 -30.62 7.89 -4.04
C ASN A 104 -30.54 7.28 -5.44
N LYS A 105 -31.71 7.09 -6.04
CA LYS A 105 -31.79 6.52 -7.37
C LYS A 105 -32.28 7.59 -8.35
N SER A 106 -32.26 7.22 -9.63
CA SER A 106 -32.70 8.14 -10.67
C SER A 106 -33.79 7.48 -11.52
N GLY A 107 -34.53 8.32 -12.23
CA GLY A 107 -35.60 7.83 -13.09
C GLY A 107 -35.21 7.94 -14.56
N PRO A 108 -35.74 6.97 -15.37
CA PRO A 108 -35.45 6.95 -16.80
C PRO A 108 -36.23 8.04 -17.52
N SER A 109 -36.08 8.03 -18.84
CA SER A 109 -36.76 9.02 -19.68
C SER A 109 -37.65 8.31 -20.69
N SER A 110 -38.56 9.10 -21.28
CA SER A 110 -39.47 8.56 -22.28
C SER A 110 -38.97 8.89 -23.68
N GLY A 111 -39.57 8.22 -24.66
CA GLY A 111 -39.19 8.44 -26.04
C GLY A 111 -40.33 8.02 -26.98
N GLY A 1 13.03 -2.64 29.26
CA GLY A 1 13.09 -1.92 27.99
C GLY A 1 11.79 -1.17 27.73
N SER A 2 11.61 -0.76 26.48
CA SER A 2 10.43 -0.04 26.09
C SER A 2 9.95 -0.51 24.71
N SER A 3 8.74 -1.05 24.69
CA SER A 3 8.17 -1.54 23.46
C SER A 3 6.69 -1.87 23.66
N GLY A 4 5.94 -1.82 22.57
CA GLY A 4 4.52 -2.11 22.62
C GLY A 4 3.79 -1.52 21.41
N SER A 5 2.51 -1.82 21.33
CA SER A 5 1.69 -1.33 20.23
C SER A 5 0.23 -1.21 20.67
N SER A 6 -0.52 -0.42 19.92
CA SER A 6 -1.93 -0.22 20.21
C SER A 6 -2.55 0.73 19.19
N GLY A 7 -3.48 0.18 18.42
CA GLY A 7 -4.16 0.95 17.39
C GLY A 7 -5.40 1.65 17.96
N SER A 8 -5.26 2.94 18.19
CA SER A 8 -6.36 3.72 18.74
C SER A 8 -6.45 5.07 18.01
N ALA A 9 -7.67 5.45 17.67
CA ALA A 9 -7.90 6.70 16.98
C ALA A 9 -7.18 6.67 15.63
N SER A 10 -7.47 7.69 14.82
CA SER A 10 -6.85 7.79 13.51
C SER A 10 -7.25 6.58 12.66
N LYS A 11 -7.17 6.77 11.35
CA LYS A 11 -7.50 5.71 10.41
C LYS A 11 -6.79 4.43 10.83
N ARG A 12 -7.47 3.31 10.61
CA ARG A 12 -6.91 2.02 10.96
C ARG A 12 -6.14 1.44 9.77
N TRP A 13 -4.97 0.89 10.08
CA TRP A 13 -4.13 0.31 9.05
C TRP A 13 -3.67 -1.07 9.55
N SER A 14 -3.72 -2.04 8.64
CA SER A 14 -3.32 -3.39 8.97
C SER A 14 -1.81 -3.43 9.26
N PRO A 15 -1.34 -4.65 9.65
CA PRO A 15 0.07 -4.84 9.96
C PRO A 15 0.91 -4.87 8.68
N PRO A 16 2.16 -4.36 8.80
CA PRO A 16 3.07 -4.33 7.67
C PRO A 16 3.64 -5.71 7.38
N ARG A 17 3.69 -6.04 6.11
CA ARG A 17 4.20 -7.34 5.69
C ARG A 17 5.63 -7.19 5.15
N GLY A 18 6.39 -8.26 5.30
CA GLY A 18 7.78 -8.27 4.84
C GLY A 18 7.89 -8.87 3.44
N ILE A 19 8.16 -8.01 2.48
CA ILE A 19 8.30 -8.45 1.10
C ILE A 19 9.79 -8.58 0.75
N HIS A 20 10.06 -9.45 -0.20
CA HIS A 20 11.43 -9.68 -0.64
C HIS A 20 11.47 -9.82 -2.16
N PHE A 21 12.07 -8.82 -2.79
CA PHE A 21 12.18 -8.82 -4.25
C PHE A 21 13.34 -7.94 -4.71
N THR A 22 13.58 -7.97 -6.01
CA THR A 22 14.65 -7.18 -6.59
C THR A 22 14.09 -6.12 -7.54
N VAL A 23 14.24 -4.87 -7.13
CA VAL A 23 13.75 -3.76 -7.94
C VAL A 23 14.11 -4.00 -9.41
N GLU A 24 13.45 -3.24 -10.28
CA GLU A 24 13.69 -3.36 -11.70
C GLU A 24 13.89 -1.98 -12.32
N GLU A 25 15.15 -1.62 -12.49
CA GLU A 25 15.50 -0.33 -13.08
C GLU A 25 15.30 -0.36 -14.60
N GLY A 26 14.09 -0.74 -15.00
CA GLY A 26 13.76 -0.82 -16.41
C GLY A 26 12.28 -1.16 -16.61
N ASP A 27 11.79 -2.03 -15.76
CA ASP A 27 10.40 -2.44 -15.83
C ASP A 27 9.95 -2.94 -14.45
N LEU A 28 9.45 -2.02 -13.66
CA LEU A 28 8.98 -2.36 -12.32
C LEU A 28 7.74 -3.25 -12.43
N GLY A 29 6.91 -2.95 -13.41
CA GLY A 29 5.70 -3.70 -13.63
C GLY A 29 4.52 -3.07 -12.89
N PHE A 30 4.79 -1.97 -12.21
CA PHE A 30 3.77 -1.27 -11.47
C PHE A 30 4.11 0.22 -11.33
N THR A 31 3.16 0.96 -10.78
CA THR A 31 3.34 2.39 -10.59
C THR A 31 2.88 2.80 -9.19
N LEU A 32 3.08 4.08 -8.90
CA LEU A 32 2.69 4.61 -7.61
C LEU A 32 1.65 5.73 -7.80
N ARG A 33 0.45 5.46 -7.34
CA ARG A 33 -0.64 6.43 -7.45
C ARG A 33 -0.95 7.04 -6.09
N GLY A 34 -1.71 8.12 -6.12
CA GLY A 34 -2.09 8.81 -4.91
C GLY A 34 -0.97 9.74 -4.43
N ASN A 35 -1.18 10.32 -3.26
CA ASN A 35 -0.20 11.23 -2.68
C ASN A 35 0.69 10.46 -1.70
N THR A 36 0.07 10.03 -0.61
CA THR A 36 0.80 9.29 0.41
C THR A 36 -0.15 8.88 1.53
N PRO A 37 0.04 7.62 2.01
CA PRO A 37 1.08 6.75 1.46
C PRO A 37 0.68 6.21 0.09
N VAL A 38 1.61 6.33 -0.85
CA VAL A 38 1.36 5.86 -2.20
C VAL A 38 0.83 4.43 -2.15
N GLN A 39 0.37 3.95 -3.30
CA GLN A 39 -0.16 2.60 -3.40
C GLN A 39 0.56 1.83 -4.51
N VAL A 40 0.21 0.56 -4.61
CA VAL A 40 0.81 -0.30 -5.62
C VAL A 40 -0.24 -0.67 -6.66
N HIS A 41 -0.17 0.01 -7.80
CA HIS A 41 -1.10 -0.23 -8.88
C HIS A 41 -0.51 -1.23 -9.87
N PHE A 42 -0.45 -2.48 -9.43
CA PHE A 42 0.09 -3.53 -10.27
C PHE A 42 -0.51 -3.50 -11.67
N LEU A 43 0.36 -3.55 -12.66
CA LEU A 43 -0.08 -3.53 -14.05
C LEU A 43 0.15 -4.90 -14.68
N ASP A 44 1.21 -5.56 -14.22
CA ASP A 44 1.56 -6.87 -14.72
C ASP A 44 1.46 -7.90 -13.59
N PRO A 45 0.68 -8.99 -13.86
CA PRO A 45 0.49 -10.03 -12.88
C PRO A 45 1.74 -10.90 -12.76
N HIS A 46 2.66 -10.68 -13.69
CA HIS A 46 3.91 -11.44 -13.70
C HIS A 46 5.09 -10.49 -13.84
N CYS A 47 5.28 -9.66 -12.82
CA CYS A 47 6.37 -8.70 -12.82
C CYS A 47 7.42 -9.18 -11.81
N SER A 48 7.46 -8.48 -10.69
CA SER A 48 8.41 -8.81 -9.64
C SER A 48 7.78 -8.60 -8.26
N ALA A 49 7.50 -7.33 -7.96
CA ALA A 49 6.90 -6.98 -6.69
C ALA A 49 5.77 -7.96 -6.38
N SER A 50 4.88 -8.11 -7.36
CA SER A 50 3.74 -9.01 -7.20
C SER A 50 4.24 -10.41 -6.85
N LEU A 51 5.07 -10.96 -7.73
CA LEU A 51 5.61 -12.28 -7.52
C LEU A 51 6.12 -12.41 -6.09
N ALA A 52 6.90 -11.41 -5.68
CA ALA A 52 7.44 -11.39 -4.33
C ALA A 52 6.38 -11.89 -3.34
N GLY A 53 5.34 -11.09 -3.20
CA GLY A 53 4.26 -11.43 -2.29
C GLY A 53 3.44 -10.19 -1.93
N ALA A 54 3.17 -9.37 -2.94
CA ALA A 54 2.41 -8.16 -2.75
C ALA A 54 1.07 -8.27 -3.49
N LYS A 55 0.21 -7.29 -3.27
CA LYS A 55 -1.09 -7.27 -3.92
C LYS A 55 -1.53 -5.82 -4.11
N GLU A 56 -2.48 -5.65 -5.02
CA GLU A 56 -2.99 -4.32 -5.32
C GLU A 56 -3.60 -3.69 -4.06
N GLY A 57 -3.31 -2.41 -3.88
CA GLY A 57 -3.81 -1.69 -2.73
C GLY A 57 -2.79 -1.68 -1.60
N ASP A 58 -1.55 -1.97 -1.96
CA ASP A 58 -0.48 -1.99 -0.98
C ASP A 58 0.08 -0.58 -0.79
N TYR A 59 0.12 -0.17 0.47
CA TYR A 59 0.62 1.16 0.80
C TYR A 59 2.05 1.08 1.37
N ILE A 60 3.00 1.43 0.52
CA ILE A 60 4.40 1.40 0.93
C ILE A 60 4.58 2.25 2.19
N VAL A 61 5.18 1.63 3.19
CA VAL A 61 5.43 2.31 4.45
C VAL A 61 6.93 2.48 4.66
N SER A 62 7.68 1.48 4.22
CA SER A 62 9.12 1.50 4.35
C SER A 62 9.77 0.89 3.11
N ILE A 63 11.08 1.06 3.01
CA ILE A 63 11.83 0.53 1.89
C ILE A 63 13.29 0.34 2.30
N GLN A 64 13.60 -0.89 2.71
CA GLN A 64 14.96 -1.21 3.14
C GLN A 64 15.27 -0.53 4.47
N GLY A 65 14.24 -0.42 5.30
CA GLY A 65 14.39 0.19 6.61
C GLY A 65 14.32 1.72 6.51
N VAL A 66 13.80 2.18 5.37
CA VAL A 66 13.66 3.61 5.14
C VAL A 66 12.22 4.02 5.39
N ASP A 67 12.04 5.32 5.61
CA ASP A 67 10.71 5.86 5.87
C ASP A 67 10.04 6.19 4.54
N CYS A 68 8.92 5.53 4.30
CA CYS A 68 8.17 5.74 3.07
C CYS A 68 6.68 5.77 3.41
N LYS A 69 6.35 6.58 4.42
CA LYS A 69 4.97 6.70 4.84
C LYS A 69 4.46 8.11 4.52
N TRP A 70 5.37 9.07 4.61
CA TRP A 70 5.02 10.45 4.32
C TRP A 70 5.49 10.77 2.91
N LEU A 71 6.58 10.13 2.52
CA LEU A 71 7.14 10.35 1.19
C LEU A 71 6.00 10.33 0.16
N THR A 72 6.25 11.00 -0.95
CA THR A 72 5.26 11.07 -2.01
C THR A 72 5.53 9.99 -3.06
N VAL A 73 5.06 10.25 -4.28
CA VAL A 73 5.24 9.30 -5.37
C VAL A 73 6.67 9.43 -5.90
N SER A 74 7.08 10.67 -6.11
CA SER A 74 8.42 10.94 -6.63
C SER A 74 9.47 10.37 -5.67
N GLU A 75 9.34 10.77 -4.41
CA GLU A 75 10.27 10.30 -3.39
C GLU A 75 10.45 8.79 -3.47
N VAL A 76 9.39 8.08 -3.12
CA VAL A 76 9.42 6.63 -3.15
C VAL A 76 10.10 6.16 -4.44
N MET A 77 9.53 6.59 -5.56
CA MET A 77 10.06 6.22 -6.87
C MET A 77 11.59 6.26 -6.85
N LYS A 78 12.12 7.43 -6.52
CA LYS A 78 13.56 7.61 -6.47
C LYS A 78 14.15 6.69 -5.40
N LEU A 79 13.37 6.49 -4.35
CA LEU A 79 13.80 5.63 -3.25
C LEU A 79 13.87 4.18 -3.74
N LEU A 80 13.02 3.86 -4.70
CA LEU A 80 12.98 2.52 -5.26
C LEU A 80 14.03 2.40 -6.36
N LYS A 81 14.07 3.43 -7.20
CA LYS A 81 15.03 3.45 -8.30
C LYS A 81 16.45 3.28 -7.75
N SER A 82 16.75 4.11 -6.76
CA SER A 82 18.06 4.07 -6.13
C SER A 82 18.48 2.61 -5.87
N PHE A 83 17.53 1.86 -5.34
CA PHE A 83 17.78 0.45 -5.03
C PHE A 83 17.45 -0.43 -6.24
N GLY A 84 17.77 0.08 -7.42
CA GLY A 84 17.51 -0.65 -8.65
C GLY A 84 18.46 -1.84 -8.78
N GLY A 85 17.86 -3.01 -8.97
CA GLY A 85 18.63 -4.24 -9.12
C GLY A 85 19.28 -4.64 -7.79
N GLU A 86 18.59 -4.30 -6.71
CA GLU A 86 19.07 -4.61 -5.38
C GLU A 86 17.93 -5.09 -4.49
N GLU A 87 18.08 -6.30 -3.97
CA GLU A 87 17.06 -6.87 -3.10
C GLU A 87 16.80 -5.96 -1.91
N VAL A 88 15.56 -5.51 -1.80
CA VAL A 88 15.17 -4.63 -0.72
C VAL A 88 13.97 -5.23 0.02
N GLU A 89 13.72 -4.70 1.21
CA GLU A 89 12.61 -5.18 2.01
C GLU A 89 11.52 -4.10 2.09
N MET A 90 10.50 -4.26 1.25
CA MET A 90 9.40 -3.31 1.21
C MET A 90 8.25 -3.77 2.12
N LYS A 91 7.76 -2.84 2.92
CA LYS A 91 6.67 -3.13 3.83
C LYS A 91 5.40 -2.44 3.33
N VAL A 92 4.32 -3.22 3.29
CA VAL A 92 3.04 -2.70 2.85
C VAL A 92 1.98 -2.98 3.90
N VAL A 93 0.94 -2.16 3.89
CA VAL A 93 -0.14 -2.31 4.84
C VAL A 93 -1.49 -2.17 4.11
N SER A 94 -2.54 -2.64 4.77
CA SER A 94 -3.87 -2.57 4.20
C SER A 94 -4.67 -1.46 4.87
N LEU A 95 -5.47 -0.76 4.06
CA LEU A 95 -6.28 0.33 4.57
C LEU A 95 -7.67 -0.21 4.92
N LEU A 96 -8.00 -0.09 6.21
CA LEU A 96 -9.29 -0.56 6.69
C LEU A 96 -10.30 0.57 6.60
N ASP A 97 -11.43 0.38 7.28
CA ASP A 97 -12.48 1.39 7.27
C ASP A 97 -13.31 1.23 8.55
N SER A 98 -14.00 2.31 8.91
CA SER A 98 -14.84 2.31 10.09
C SER A 98 -16.12 1.51 9.82
N THR A 99 -16.94 2.07 8.93
CA THR A 99 -18.20 1.44 8.58
C THR A 99 -18.02 -0.08 8.45
N SER A 100 -19.09 -0.80 8.72
CA SER A 100 -19.06 -2.25 8.63
C SER A 100 -20.30 -2.76 7.90
N SER A 101 -20.26 -4.03 7.54
CA SER A 101 -21.37 -4.65 6.83
C SER A 101 -21.59 -3.95 5.48
N MET A 102 -21.62 -4.75 4.43
CA MET A 102 -21.82 -4.22 3.09
C MET A 102 -21.92 -5.36 2.07
N HIS A 103 -21.00 -6.31 2.20
CA HIS A 103 -20.96 -7.44 1.29
C HIS A 103 -20.73 -6.95 -0.14
N ASN A 104 -19.99 -7.76 -0.88
CA ASN A 104 -19.68 -7.42 -2.27
C ASN A 104 -20.05 -8.60 -3.16
N LYS A 105 -20.93 -8.33 -4.11
CA LYS A 105 -21.37 -9.35 -5.05
C LYS A 105 -20.40 -9.41 -6.23
N SER A 106 -19.89 -10.61 -6.46
CA SER A 106 -18.95 -10.81 -7.55
C SER A 106 -18.76 -12.32 -7.81
N GLY A 107 -19.10 -12.73 -9.01
CA GLY A 107 -18.98 -14.12 -9.40
C GLY A 107 -18.80 -14.27 -10.91
N PRO A 108 -18.07 -15.34 -11.30
CA PRO A 108 -17.83 -15.61 -12.72
C PRO A 108 -19.08 -16.16 -13.39
N SER A 109 -19.05 -16.16 -14.72
CA SER A 109 -20.17 -16.67 -15.50
C SER A 109 -19.66 -17.39 -16.74
N SER A 110 -19.95 -18.68 -16.80
CA SER A 110 -19.52 -19.50 -17.92
C SER A 110 -20.45 -20.71 -18.07
N GLY A 111 -20.73 -21.06 -19.32
CA GLY A 111 -21.58 -22.20 -19.60
C GLY A 111 -22.49 -21.89 -20.80
N GLY A 1 2.84 0.50 32.48
CA GLY A 1 2.43 1.90 32.51
C GLY A 1 2.04 2.39 31.11
N SER A 2 0.75 2.30 30.84
CA SER A 2 0.23 2.73 29.55
C SER A 2 -1.28 3.00 29.65
N SER A 3 -1.61 4.29 29.65
CA SER A 3 -3.00 4.70 29.74
C SER A 3 -3.53 5.05 28.35
N GLY A 4 -4.23 4.10 27.76
CA GLY A 4 -4.80 4.31 26.44
C GLY A 4 -6.28 3.91 26.41
N SER A 5 -6.82 3.84 25.20
CA SER A 5 -8.21 3.47 25.02
C SER A 5 -9.11 4.52 25.68
N SER A 6 -9.74 5.33 24.83
CA SER A 6 -10.63 6.37 25.31
C SER A 6 -11.88 6.45 24.42
N GLY A 7 -11.65 6.69 23.14
CA GLY A 7 -12.73 6.78 22.19
C GLY A 7 -12.25 6.46 20.77
N SER A 8 -13.08 5.73 20.04
CA SER A 8 -12.75 5.34 18.68
C SER A 8 -12.09 6.52 17.96
N ALA A 9 -10.90 6.25 17.43
CA ALA A 9 -10.15 7.27 16.72
C ALA A 9 -8.98 6.62 16.00
N SER A 10 -8.34 7.40 15.14
CA SER A 10 -7.19 6.93 14.39
C SER A 10 -7.63 5.80 13.44
N LYS A 11 -7.45 6.05 12.16
CA LYS A 11 -7.82 5.08 11.14
C LYS A 11 -7.26 3.71 11.52
N ARG A 12 -7.83 2.68 10.92
CA ARG A 12 -7.39 1.31 11.19
C ARG A 12 -6.58 0.78 10.01
N TRP A 13 -5.27 0.71 10.22
CA TRP A 13 -4.38 0.21 9.19
C TRP A 13 -3.93 -1.19 9.58
N SER A 14 -3.62 -1.99 8.57
CA SER A 14 -3.17 -3.36 8.80
C SER A 14 -1.68 -3.37 9.12
N PRO A 15 -1.19 -4.58 9.51
CA PRO A 15 0.22 -4.74 9.86
C PRO A 15 1.09 -4.76 8.60
N PRO A 16 2.35 -4.25 8.76
CA PRO A 16 3.28 -4.21 7.65
C PRO A 16 3.84 -5.59 7.35
N ARG A 17 3.82 -5.93 6.07
CA ARG A 17 4.33 -7.22 5.63
C ARG A 17 5.78 -7.11 5.17
N GLY A 18 6.40 -8.26 4.96
CA GLY A 18 7.79 -8.30 4.53
C GLY A 18 7.90 -8.88 3.12
N ILE A 19 8.15 -8.00 2.17
CA ILE A 19 8.29 -8.41 0.78
C ILE A 19 9.77 -8.50 0.42
N HIS A 20 10.07 -9.38 -0.52
CA HIS A 20 11.44 -9.56 -0.97
C HIS A 20 11.47 -9.67 -2.49
N PHE A 21 12.03 -8.66 -3.12
CA PHE A 21 12.14 -8.63 -4.57
C PHE A 21 13.26 -7.70 -5.02
N THR A 22 13.53 -7.74 -6.33
CA THR A 22 14.58 -6.91 -6.90
C THR A 22 13.97 -5.83 -7.79
N VAL A 23 14.35 -4.59 -7.52
CA VAL A 23 13.85 -3.47 -8.29
C VAL A 23 14.43 -3.53 -9.71
N GLU A 24 13.81 -2.77 -10.59
CA GLU A 24 14.24 -2.73 -11.98
C GLU A 24 14.44 -1.29 -12.43
N GLU A 25 15.66 -0.78 -12.20
CA GLU A 25 15.99 0.57 -12.58
C GLU A 25 16.05 0.70 -14.10
N GLY A 26 14.92 0.41 -14.73
CA GLY A 26 14.84 0.50 -16.18
C GLY A 26 13.40 0.29 -16.65
N ASP A 27 12.71 -0.63 -15.99
CA ASP A 27 11.33 -0.92 -16.34
C ASP A 27 10.66 -1.66 -15.17
N LEU A 28 10.01 -0.88 -14.32
CA LEU A 28 9.33 -1.44 -13.17
C LEU A 28 8.10 -2.23 -13.63
N GLY A 29 7.79 -3.30 -12.92
CA GLY A 29 6.66 -4.14 -13.24
C GLY A 29 5.39 -3.62 -12.57
N PHE A 30 5.48 -2.40 -12.05
CA PHE A 30 4.35 -1.78 -11.37
C PHE A 30 4.53 -0.27 -11.29
N THR A 31 3.41 0.43 -11.21
CA THR A 31 3.42 1.88 -11.11
C THR A 31 2.90 2.33 -9.75
N LEU A 32 2.93 3.64 -9.54
CA LEU A 32 2.46 4.21 -8.29
C LEU A 32 1.48 5.35 -8.60
N ARG A 33 0.55 5.54 -7.68
CA ARG A 33 -0.45 6.58 -7.84
C ARG A 33 -0.84 7.16 -6.47
N GLY A 34 -1.50 8.30 -6.51
CA GLY A 34 -1.94 8.96 -5.30
C GLY A 34 -0.86 9.90 -4.77
N ASN A 35 -1.07 10.39 -3.55
CA ASN A 35 -0.13 11.29 -2.93
C ASN A 35 0.72 10.51 -1.92
N THR A 36 0.07 10.08 -0.85
CA THR A 36 0.75 9.33 0.19
C THR A 36 -0.24 8.92 1.28
N PRO A 37 -0.06 7.66 1.77
CA PRO A 37 1.00 6.80 1.27
C PRO A 37 0.65 6.26 -0.12
N VAL A 38 1.61 6.36 -1.02
CA VAL A 38 1.42 5.88 -2.37
C VAL A 38 0.88 4.45 -2.33
N GLN A 39 0.05 4.14 -3.32
CA GLN A 39 -0.55 2.81 -3.41
C GLN A 39 -0.01 2.07 -4.63
N VAL A 40 0.37 0.82 -4.40
CA VAL A 40 0.90 -0.01 -5.47
C VAL A 40 -0.21 -0.35 -6.45
N HIS A 41 -0.04 0.12 -7.68
CA HIS A 41 -1.03 -0.14 -8.71
C HIS A 41 -0.49 -1.18 -9.70
N PHE A 42 -0.54 -2.42 -9.28
CA PHE A 42 -0.05 -3.52 -10.11
C PHE A 42 -0.42 -3.30 -11.58
N LEU A 43 0.61 -3.24 -12.41
CA LEU A 43 0.41 -3.03 -13.83
C LEU A 43 0.87 -4.27 -14.59
N ASP A 44 1.91 -4.90 -14.07
CA ASP A 44 2.45 -6.10 -14.69
C ASP A 44 2.27 -7.29 -13.74
N PRO A 45 1.76 -8.41 -14.31
CA PRO A 45 1.52 -9.61 -13.53
C PRO A 45 2.84 -10.32 -13.23
N HIS A 46 3.68 -10.41 -14.26
CA HIS A 46 4.97 -11.07 -14.11
C HIS A 46 6.03 -10.03 -13.69
N CYS A 47 5.59 -9.10 -12.86
CA CYS A 47 6.48 -8.06 -12.39
C CYS A 47 7.48 -8.69 -11.40
N SER A 48 7.53 -8.12 -10.21
CA SER A 48 8.42 -8.61 -9.17
C SER A 48 7.71 -8.61 -7.82
N ALA A 49 7.25 -7.43 -7.43
CA ALA A 49 6.56 -7.28 -6.16
C ALA A 49 5.46 -8.34 -6.06
N SER A 50 4.79 -8.56 -7.18
CA SER A 50 3.72 -9.55 -7.22
C SER A 50 4.29 -10.95 -7.05
N LEU A 51 5.42 -11.18 -7.71
CA LEU A 51 6.08 -12.47 -7.64
C LEU A 51 6.65 -12.68 -6.23
N ALA A 52 6.76 -11.58 -5.51
CA ALA A 52 7.28 -11.63 -4.15
C ALA A 52 6.17 -12.06 -3.20
N GLY A 53 5.07 -11.31 -3.25
CA GLY A 53 3.93 -11.61 -2.39
C GLY A 53 3.22 -10.31 -1.97
N ALA A 54 3.02 -9.44 -2.93
CA ALA A 54 2.36 -8.17 -2.68
C ALA A 54 0.94 -8.22 -3.25
N LYS A 55 0.14 -7.26 -2.83
CA LYS A 55 -1.24 -7.17 -3.29
C LYS A 55 -1.48 -5.81 -3.93
N GLU A 56 -2.72 -5.57 -4.31
CA GLU A 56 -3.10 -4.32 -4.93
C GLU A 56 -3.50 -3.29 -3.87
N GLY A 57 -3.22 -2.03 -4.18
CA GLY A 57 -3.55 -0.95 -3.25
C GLY A 57 -2.61 -0.96 -2.05
N ASP A 58 -1.52 -1.69 -2.19
CA ASP A 58 -0.54 -1.78 -1.11
C ASP A 58 0.08 -0.40 -0.86
N TYR A 59 0.04 0.01 0.39
CA TYR A 59 0.59 1.30 0.78
C TYR A 59 1.98 1.14 1.38
N ILE A 60 2.97 1.56 0.60
CA ILE A 60 4.36 1.47 1.03
C ILE A 60 4.54 2.30 2.30
N VAL A 61 5.12 1.67 3.31
CA VAL A 61 5.37 2.34 4.57
C VAL A 61 6.87 2.51 4.78
N SER A 62 7.62 1.54 4.29
CA SER A 62 9.06 1.57 4.41
C SER A 62 9.71 0.95 3.17
N ILE A 63 11.01 1.13 3.07
CA ILE A 63 11.76 0.61 1.94
C ILE A 63 13.22 0.42 2.34
N GLN A 64 13.54 -0.80 2.75
CA GLN A 64 14.90 -1.12 3.17
C GLN A 64 15.22 -0.43 4.49
N GLY A 65 14.20 -0.31 5.33
CA GLY A 65 14.37 0.33 6.62
C GLY A 65 14.33 1.85 6.50
N VAL A 66 13.61 2.30 5.48
CA VAL A 66 13.48 3.73 5.24
C VAL A 66 12.03 4.16 5.48
N ASP A 67 11.84 5.46 5.65
CA ASP A 67 10.52 6.00 5.90
C ASP A 67 9.86 6.34 4.56
N CYS A 68 8.74 5.68 4.31
CA CYS A 68 7.99 5.90 3.08
C CYS A 68 6.50 5.93 3.42
N LYS A 69 6.17 6.74 4.40
CA LYS A 69 4.79 6.87 4.84
C LYS A 69 4.28 8.27 4.47
N TRP A 70 5.18 9.24 4.55
CA TRP A 70 4.84 10.61 4.26
C TRP A 70 5.36 10.93 2.85
N LEU A 71 6.35 10.16 2.43
CA LEU A 71 6.94 10.34 1.12
C LEU A 71 5.85 10.28 0.06
N THR A 72 6.15 10.86 -1.09
CA THR A 72 5.19 10.88 -2.19
C THR A 72 5.59 9.84 -3.26
N VAL A 73 5.08 10.07 -4.46
CA VAL A 73 5.37 9.17 -5.56
C VAL A 73 6.82 9.35 -6.00
N SER A 74 7.17 10.61 -6.27
CA SER A 74 8.51 10.93 -6.71
C SER A 74 9.54 10.36 -5.72
N GLU A 75 9.42 10.80 -4.48
CA GLU A 75 10.32 10.34 -3.43
C GLU A 75 10.49 8.82 -3.50
N VAL A 76 9.42 8.12 -3.12
CA VAL A 76 9.44 6.67 -3.14
C VAL A 76 10.15 6.18 -4.40
N MET A 77 9.57 6.54 -5.54
CA MET A 77 10.13 6.15 -6.82
C MET A 77 11.66 6.20 -6.79
N LYS A 78 12.17 7.37 -6.44
CA LYS A 78 13.61 7.57 -6.36
C LYS A 78 14.19 6.65 -5.29
N LEU A 79 13.45 6.55 -4.18
CA LEU A 79 13.87 5.71 -3.07
C LEU A 79 14.00 4.26 -3.56
N LEU A 80 13.16 3.91 -4.51
CA LEU A 80 13.17 2.57 -5.07
C LEU A 80 14.24 2.47 -6.15
N LYS A 81 14.26 3.47 -7.01
CA LYS A 81 15.22 3.52 -8.10
C LYS A 81 16.63 3.32 -7.53
N SER A 82 16.94 4.13 -6.53
CA SER A 82 18.24 4.06 -5.90
C SER A 82 18.64 2.60 -5.67
N PHE A 83 17.67 1.82 -5.20
CA PHE A 83 17.91 0.41 -4.95
C PHE A 83 17.59 -0.44 -6.18
N GLY A 84 17.97 0.10 -7.33
CA GLY A 84 17.73 -0.59 -8.59
C GLY A 84 18.67 -1.80 -8.74
N GLY A 85 18.07 -2.94 -9.04
CA GLY A 85 18.83 -4.16 -9.20
C GLY A 85 19.36 -4.67 -7.87
N GLU A 86 18.74 -4.19 -6.80
CA GLU A 86 19.14 -4.59 -5.45
C GLU A 86 17.91 -5.01 -4.64
N GLU A 87 17.98 -6.24 -4.13
CA GLU A 87 16.90 -6.78 -3.34
C GLU A 87 16.64 -5.90 -2.11
N VAL A 88 15.42 -5.41 -2.00
CA VAL A 88 15.04 -4.57 -0.89
C VAL A 88 13.83 -5.17 -0.17
N GLU A 89 13.58 -4.68 1.03
CA GLU A 89 12.46 -5.16 1.82
C GLU A 89 11.37 -4.08 1.91
N MET A 90 10.36 -4.23 1.07
CA MET A 90 9.26 -3.28 1.05
C MET A 90 8.11 -3.76 1.95
N LYS A 91 7.71 -2.87 2.85
CA LYS A 91 6.63 -3.18 3.77
C LYS A 91 5.37 -2.44 3.33
N VAL A 92 4.26 -3.17 3.32
CA VAL A 92 2.98 -2.59 2.93
C VAL A 92 1.93 -2.93 3.99
N VAL A 93 0.93 -2.06 4.07
CA VAL A 93 -0.15 -2.26 5.03
C VAL A 93 -1.50 -2.15 4.31
N SER A 94 -2.42 -3.00 4.72
CA SER A 94 -3.75 -3.01 4.13
C SER A 94 -4.65 -1.99 4.84
N LEU A 95 -5.51 -1.36 4.06
CA LEU A 95 -6.43 -0.37 4.60
C LEU A 95 -7.71 -1.06 5.06
N LEU A 96 -8.12 -0.74 6.26
CA LEU A 96 -9.33 -1.32 6.83
C LEU A 96 -10.38 -0.22 7.03
N ASP A 97 -11.52 -0.39 6.36
CA ASP A 97 -12.59 0.57 6.46
C ASP A 97 -13.91 -0.11 6.06
N SER A 98 -13.95 -1.41 6.27
CA SER A 98 -15.13 -2.19 5.94
C SER A 98 -16.36 -1.58 6.64
N THR A 99 -17.49 -2.25 6.47
CA THR A 99 -18.73 -1.80 7.07
C THR A 99 -19.84 -2.82 6.84
N SER A 100 -20.69 -2.95 7.85
CA SER A 100 -21.80 -3.88 7.78
C SER A 100 -22.96 -3.27 7.01
N SER A 101 -23.89 -4.13 6.60
CA SER A 101 -25.04 -3.68 5.85
C SER A 101 -26.08 -4.80 5.76
N MET A 102 -27.29 -4.43 5.37
CA MET A 102 -28.37 -5.39 5.25
C MET A 102 -29.36 -4.96 4.16
N HIS A 103 -30.14 -5.93 3.71
CA HIS A 103 -31.13 -5.67 2.67
C HIS A 103 -32.08 -6.86 2.55
N ASN A 104 -33.14 -6.81 3.35
CA ASN A 104 -34.13 -7.88 3.35
C ASN A 104 -35.43 -7.36 2.73
N LYS A 105 -36.31 -8.30 2.42
CA LYS A 105 -37.59 -7.96 1.83
C LYS A 105 -38.54 -9.14 1.95
N SER A 106 -38.84 -9.49 3.19
CA SER A 106 -39.74 -10.61 3.47
C SER A 106 -41.07 -10.39 2.75
N GLY A 107 -41.54 -11.44 2.09
CA GLY A 107 -42.80 -11.38 1.37
C GLY A 107 -43.08 -12.68 0.64
N PRO A 108 -43.47 -13.73 1.43
CA PRO A 108 -43.77 -15.03 0.87
C PRO A 108 -45.12 -15.02 0.16
N SER A 109 -45.33 -16.05 -0.66
CA SER A 109 -46.57 -16.17 -1.40
C SER A 109 -46.72 -14.99 -2.37
N SER A 110 -47.58 -15.18 -3.35
CA SER A 110 -47.83 -14.16 -4.35
C SER A 110 -49.13 -13.41 -4.02
N GLY A 111 -49.00 -12.39 -3.19
CA GLY A 111 -50.15 -11.60 -2.79
C GLY A 111 -50.29 -11.56 -1.27
N GLY A 1 -0.43 11.32 30.27
CA GLY A 1 -1.81 10.89 30.17
C GLY A 1 -1.97 9.42 30.51
N SER A 2 -1.81 8.58 29.50
CA SER A 2 -1.93 7.14 29.68
C SER A 2 -0.89 6.42 28.83
N SER A 3 -0.97 6.65 27.54
CA SER A 3 -0.03 6.03 26.60
C SER A 3 -0.23 4.51 26.60
N GLY A 4 0.17 3.90 25.50
CA GLY A 4 0.04 2.46 25.36
C GLY A 4 -0.61 2.09 24.02
N SER A 5 -1.89 2.42 23.91
CA SER A 5 -2.63 2.13 22.69
C SER A 5 -2.93 3.43 21.95
N SER A 6 -3.67 4.30 22.61
CA SER A 6 -4.04 5.58 22.02
C SER A 6 -4.93 5.35 20.79
N GLY A 7 -5.72 6.37 20.50
CA GLY A 7 -6.62 6.30 19.36
C GLY A 7 -8.09 6.26 19.81
N SER A 8 -8.89 7.10 19.18
CA SER A 8 -10.31 7.17 19.51
C SER A 8 -11.14 6.75 18.31
N ALA A 9 -10.66 7.13 17.14
CA ALA A 9 -11.36 6.81 15.90
C ALA A 9 -10.58 7.39 14.72
N SER A 10 -10.11 6.51 13.85
CA SER A 10 -9.36 6.92 12.69
C SER A 10 -9.15 5.73 11.75
N LYS A 11 -8.93 6.05 10.48
CA LYS A 11 -8.72 5.02 9.48
C LYS A 11 -7.76 3.97 10.03
N ARG A 12 -8.24 2.73 10.05
CA ARG A 12 -7.45 1.62 10.55
C ARG A 12 -6.50 1.11 9.46
N TRP A 13 -5.33 0.66 9.88
CA TRP A 13 -4.35 0.14 8.96
C TRP A 13 -3.87 -1.22 9.49
N SER A 14 -3.72 -2.16 8.57
CA SER A 14 -3.26 -3.49 8.93
C SER A 14 -1.76 -3.47 9.20
N PRO A 15 -1.23 -4.68 9.56
CA PRO A 15 0.19 -4.81 9.85
C PRO A 15 1.02 -4.80 8.56
N PRO A 16 2.25 -4.25 8.67
CA PRO A 16 3.15 -4.18 7.53
C PRO A 16 3.74 -5.55 7.20
N ARG A 17 3.66 -5.91 5.93
CA ARG A 17 4.19 -7.19 5.47
C ARG A 17 5.65 -7.04 5.03
N GLY A 18 6.34 -8.17 4.99
CA GLY A 18 7.73 -8.18 4.58
C GLY A 18 7.90 -8.78 3.19
N ILE A 19 8.15 -7.90 2.22
CA ILE A 19 8.33 -8.34 0.85
C ILE A 19 9.83 -8.40 0.54
N HIS A 20 10.16 -9.29 -0.40
CA HIS A 20 11.55 -9.47 -0.79
C HIS A 20 11.62 -9.67 -2.31
N PHE A 21 12.17 -8.67 -2.98
CA PHE A 21 12.31 -8.73 -4.43
C PHE A 21 13.43 -7.81 -4.91
N THR A 22 13.67 -7.85 -6.22
CA THR A 22 14.71 -7.04 -6.82
C THR A 22 14.09 -5.99 -7.75
N VAL A 23 14.22 -4.74 -7.35
CA VAL A 23 13.69 -3.64 -8.15
C VAL A 23 14.08 -3.83 -9.61
N GLU A 24 13.41 -3.09 -10.47
CA GLU A 24 13.68 -3.15 -11.89
C GLU A 24 13.91 -1.75 -12.47
N GLU A 25 15.12 -1.27 -12.30
CA GLU A 25 15.48 0.06 -12.79
C GLU A 25 15.52 0.06 -14.32
N GLY A 26 14.37 -0.22 -14.91
CA GLY A 26 14.25 -0.26 -16.36
C GLY A 26 12.81 -0.50 -16.79
N ASP A 27 12.14 -1.37 -16.04
CA ASP A 27 10.75 -1.69 -16.33
C ASP A 27 10.10 -2.27 -15.07
N LEU A 28 9.24 -1.44 -14.48
CA LEU A 28 8.54 -1.84 -13.27
C LEU A 28 7.18 -2.42 -13.65
N GLY A 29 6.75 -3.41 -12.89
CA GLY A 29 5.47 -4.05 -13.13
C GLY A 29 4.37 -3.42 -12.28
N PHE A 30 4.58 -2.16 -11.94
CA PHE A 30 3.62 -1.42 -11.14
C PHE A 30 3.99 0.07 -11.07
N THR A 31 3.02 0.85 -10.60
CA THR A 31 3.23 2.29 -10.48
C THR A 31 2.75 2.78 -9.11
N LEU A 32 2.95 4.07 -8.89
CA LEU A 32 2.55 4.67 -7.63
C LEU A 32 1.52 5.76 -7.90
N ARG A 33 0.32 5.55 -7.38
CA ARG A 33 -0.76 6.51 -7.55
C ARG A 33 -1.14 7.13 -6.21
N GLY A 34 -1.70 8.33 -6.28
CA GLY A 34 -2.11 9.04 -5.09
C GLY A 34 -1.01 9.98 -4.59
N ASN A 35 -1.14 10.40 -3.34
CA ASN A 35 -0.18 11.29 -2.74
C ASN A 35 0.67 10.51 -1.73
N THR A 36 0.02 10.13 -0.63
CA THR A 36 0.70 9.39 0.42
C THR A 36 -0.29 8.99 1.52
N PRO A 37 -0.12 7.74 2.02
CA PRO A 37 0.94 6.86 1.52
C PRO A 37 0.58 6.30 0.15
N VAL A 38 1.55 6.39 -0.76
CA VAL A 38 1.36 5.90 -2.11
C VAL A 38 0.87 4.46 -2.06
N GLN A 39 0.35 3.99 -3.19
CA GLN A 39 -0.15 2.64 -3.28
C GLN A 39 0.62 1.85 -4.35
N VAL A 40 0.14 0.65 -4.60
CA VAL A 40 0.77 -0.21 -5.60
C VAL A 40 -0.28 -0.65 -6.62
N HIS A 41 -0.15 -0.10 -7.82
CA HIS A 41 -1.08 -0.42 -8.88
C HIS A 41 -0.41 -1.38 -9.88
N PHE A 42 -0.35 -2.64 -9.48
CA PHE A 42 0.25 -3.66 -10.31
C PHE A 42 -0.05 -3.40 -11.80
N LEU A 43 0.97 -3.58 -12.62
CA LEU A 43 0.83 -3.38 -14.05
C LEU A 43 0.94 -4.72 -14.77
N ASP A 44 1.73 -5.61 -14.17
CA ASP A 44 1.94 -6.93 -14.74
C ASP A 44 1.78 -7.98 -13.65
N PRO A 45 1.13 -9.12 -14.02
CA PRO A 45 0.91 -10.20 -13.08
C PRO A 45 2.20 -10.98 -12.83
N HIS A 46 2.96 -11.16 -13.90
CA HIS A 46 4.22 -11.90 -13.81
C HIS A 46 5.36 -10.91 -13.55
N CYS A 47 5.03 -9.83 -12.86
CA CYS A 47 6.01 -8.81 -12.55
C CYS A 47 6.99 -9.39 -11.53
N SER A 48 7.35 -8.56 -10.56
CA SER A 48 8.29 -8.98 -9.53
C SER A 48 7.61 -8.92 -8.17
N ALA A 49 7.39 -7.70 -7.70
CA ALA A 49 6.75 -7.50 -6.41
C ALA A 49 5.63 -8.52 -6.22
N SER A 50 4.69 -8.48 -7.16
CA SER A 50 3.57 -9.40 -7.11
C SER A 50 4.06 -10.82 -6.86
N LEU A 51 5.14 -11.18 -7.53
CA LEU A 51 5.72 -12.50 -7.38
C LEU A 51 6.26 -12.66 -5.96
N ALA A 52 6.80 -11.57 -5.44
CA ALA A 52 7.35 -11.58 -4.10
C ALA A 52 6.26 -12.01 -3.11
N GLY A 53 5.22 -11.21 -3.05
CA GLY A 53 4.10 -11.50 -2.16
C GLY A 53 3.34 -10.23 -1.81
N ALA A 54 3.10 -9.42 -2.83
CA ALA A 54 2.37 -8.17 -2.65
C ALA A 54 1.03 -8.26 -3.37
N LYS A 55 0.07 -7.49 -2.87
CA LYS A 55 -1.26 -7.48 -3.45
C LYS A 55 -1.55 -6.08 -3.99
N GLU A 56 -2.78 -5.89 -4.44
CA GLU A 56 -3.19 -4.61 -5.00
C GLU A 56 -3.70 -3.69 -3.88
N GLY A 57 -3.38 -2.42 -4.01
CA GLY A 57 -3.79 -1.43 -3.03
C GLY A 57 -2.83 -1.41 -1.84
N ASP A 58 -1.64 -1.91 -2.08
CA ASP A 58 -0.62 -1.97 -1.04
C ASP A 58 -0.03 -0.56 -0.85
N TYR A 59 0.00 -0.13 0.40
CA TYR A 59 0.53 1.18 0.73
C TYR A 59 1.92 1.07 1.36
N ILE A 60 2.93 1.40 0.57
CA ILE A 60 4.30 1.34 1.03
C ILE A 60 4.46 2.23 2.26
N VAL A 61 5.05 1.65 3.30
CA VAL A 61 5.27 2.38 4.53
C VAL A 61 6.77 2.63 4.73
N SER A 62 7.56 1.68 4.24
CA SER A 62 9.01 1.78 4.35
C SER A 62 9.67 0.94 3.26
N ILE A 63 10.94 1.22 3.03
CA ILE A 63 11.70 0.50 2.03
C ILE A 63 13.14 0.36 2.48
N GLN A 64 13.49 -0.84 2.93
CA GLN A 64 14.83 -1.12 3.40
C GLN A 64 15.09 -0.41 4.73
N GLY A 65 14.00 -0.22 5.48
CA GLY A 65 14.10 0.45 6.77
C GLY A 65 13.90 1.96 6.62
N VAL A 66 13.69 2.38 5.38
CA VAL A 66 13.48 3.78 5.10
C VAL A 66 12.01 4.15 5.33
N ASP A 67 11.79 5.41 5.67
CA ASP A 67 10.44 5.88 5.94
C ASP A 67 9.77 6.23 4.61
N CYS A 68 8.69 5.52 4.33
CA CYS A 68 7.94 5.75 3.10
C CYS A 68 6.45 5.78 3.45
N LYS A 69 6.12 6.58 4.46
CA LYS A 69 4.74 6.70 4.89
C LYS A 69 4.22 8.09 4.52
N TRP A 70 5.13 9.06 4.53
CA TRP A 70 4.78 10.43 4.20
C TRP A 70 5.30 10.71 2.79
N LEU A 71 6.43 10.10 2.48
CA LEU A 71 7.05 10.29 1.18
C LEU A 71 5.96 10.25 0.10
N THR A 72 6.20 11.00 -0.97
CA THR A 72 5.26 11.06 -2.07
C THR A 72 5.57 9.95 -3.09
N VAL A 73 5.13 10.19 -4.31
CA VAL A 73 5.35 9.23 -5.39
C VAL A 73 6.77 9.41 -5.93
N SER A 74 7.17 10.66 -6.06
CA SER A 74 8.50 10.97 -6.57
C SER A 74 9.57 10.46 -5.60
N GLU A 75 9.36 10.78 -4.33
CA GLU A 75 10.29 10.35 -3.30
C GLU A 75 10.50 8.84 -3.35
N VAL A 76 9.43 8.12 -3.08
CA VAL A 76 9.48 6.66 -3.09
C VAL A 76 10.15 6.19 -4.39
N MET A 77 9.63 6.69 -5.49
CA MET A 77 10.16 6.34 -6.80
C MET A 77 11.68 6.44 -6.81
N LYS A 78 12.18 7.51 -6.21
CA LYS A 78 13.61 7.74 -6.14
C LYS A 78 14.23 6.81 -5.10
N LEU A 79 13.39 6.39 -4.16
CA LEU A 79 13.84 5.49 -3.10
C LEU A 79 13.91 4.07 -3.65
N LEU A 80 13.09 3.81 -4.65
CA LEU A 80 13.04 2.50 -5.27
C LEU A 80 14.09 2.42 -6.38
N LYS A 81 14.10 3.45 -7.21
CA LYS A 81 15.03 3.52 -8.32
C LYS A 81 16.45 3.34 -7.78
N SER A 82 16.78 4.12 -6.76
CA SER A 82 18.09 4.06 -6.16
C SER A 82 18.49 2.59 -5.92
N PHE A 83 17.54 1.83 -5.41
CA PHE A 83 17.77 0.43 -5.13
C PHE A 83 17.44 -0.44 -6.36
N GLY A 84 17.77 0.10 -7.52
CA GLY A 84 17.52 -0.61 -8.76
C GLY A 84 18.46 -1.81 -8.92
N GLY A 85 17.85 -2.96 -9.19
CA GLY A 85 18.61 -4.19 -9.36
C GLY A 85 19.26 -4.62 -8.04
N GLU A 86 18.62 -4.22 -6.94
CA GLU A 86 19.12 -4.56 -5.62
C GLU A 86 17.98 -5.07 -4.74
N GLU A 87 18.17 -6.28 -4.23
CA GLU A 87 17.17 -6.89 -3.37
C GLU A 87 16.91 -6.03 -2.14
N VAL A 88 15.67 -5.54 -2.05
CA VAL A 88 15.29 -4.70 -0.94
C VAL A 88 14.10 -5.33 -0.22
N GLU A 89 13.72 -4.71 0.89
CA GLU A 89 12.61 -5.21 1.68
C GLU A 89 11.55 -4.11 1.85
N MET A 90 10.52 -4.19 1.03
CA MET A 90 9.44 -3.22 1.09
C MET A 90 8.32 -3.69 2.00
N LYS A 91 7.75 -2.73 2.73
CA LYS A 91 6.67 -3.05 3.64
C LYS A 91 5.39 -2.33 3.18
N VAL A 92 4.30 -3.07 3.21
CA VAL A 92 3.01 -2.53 2.79
C VAL A 92 1.94 -2.92 3.81
N VAL A 93 0.98 -2.02 3.99
CA VAL A 93 -0.10 -2.26 4.92
C VAL A 93 -1.44 -2.22 4.17
N SER A 94 -2.38 -2.98 4.69
CA SER A 94 -3.71 -3.05 4.09
C SER A 94 -4.64 -2.02 4.75
N LEU A 95 -5.49 -1.42 3.92
CA LEU A 95 -6.42 -0.43 4.42
C LEU A 95 -7.77 -1.10 4.67
N LEU A 96 -8.29 -0.87 5.88
CA LEU A 96 -9.56 -1.44 6.26
C LEU A 96 -10.62 -0.33 6.28
N ASP A 97 -11.77 -0.67 6.85
CA ASP A 97 -12.87 0.28 6.94
C ASP A 97 -13.75 -0.08 8.14
N SER A 98 -13.14 -0.74 9.10
CA SER A 98 -13.85 -1.15 10.31
C SER A 98 -15.20 -1.77 9.92
N THR A 99 -16.16 -1.64 10.84
CA THR A 99 -17.49 -2.18 10.61
C THR A 99 -18.53 -1.07 10.73
N SER A 100 -19.64 -1.28 10.02
CA SER A 100 -20.73 -0.32 10.04
C SER A 100 -22.05 -1.03 10.29
N SER A 101 -22.95 -0.31 10.95
CA SER A 101 -24.26 -0.86 11.26
C SER A 101 -25.14 0.22 11.90
N MET A 102 -26.07 0.73 11.10
CA MET A 102 -26.98 1.77 11.58
C MET A 102 -28.42 1.25 11.62
N HIS A 103 -28.85 0.93 12.83
CA HIS A 103 -30.20 0.42 13.01
C HIS A 103 -30.56 0.46 14.51
N ASN A 104 -31.86 0.53 14.77
CA ASN A 104 -32.35 0.57 16.14
C ASN A 104 -33.60 -0.29 16.26
N LYS A 105 -34.56 0.00 15.41
CA LYS A 105 -35.81 -0.74 15.41
C LYS A 105 -36.54 -0.51 16.74
N SER A 106 -37.75 -0.02 16.63
CA SER A 106 -38.56 0.25 17.81
C SER A 106 -39.97 -0.33 17.63
N GLY A 107 -40.14 -1.55 18.13
CA GLY A 107 -41.42 -2.21 18.04
C GLY A 107 -41.87 -2.74 19.40
N PRO A 108 -42.75 -1.94 20.06
CA PRO A 108 -43.26 -2.31 21.37
C PRO A 108 -44.31 -3.42 21.26
N SER A 109 -45.25 -3.20 20.35
CA SER A 109 -46.31 -4.17 20.14
C SER A 109 -47.16 -4.30 21.40
N SER A 110 -48.33 -4.90 21.22
CA SER A 110 -49.25 -5.11 22.34
C SER A 110 -49.40 -6.59 22.63
N GLY A 111 -48.91 -6.99 23.80
CA GLY A 111 -48.98 -8.38 24.22
C GLY A 111 -49.91 -8.55 25.43
N GLY A 1 18.26 -4.60 20.79
CA GLY A 1 16.95 -3.99 20.59
C GLY A 1 16.63 -2.98 21.69
N SER A 2 16.43 -1.75 21.27
CA SER A 2 16.11 -0.68 22.21
C SER A 2 14.59 -0.51 22.33
N SER A 3 14.19 0.18 23.38
CA SER A 3 12.77 0.42 23.63
C SER A 3 12.24 1.42 22.59
N GLY A 4 10.96 1.23 22.26
CA GLY A 4 10.31 2.09 21.29
C GLY A 4 8.79 2.03 21.42
N SER A 5 8.15 3.13 21.06
CA SER A 5 6.71 3.21 21.16
C SER A 5 6.19 4.40 20.33
N SER A 6 4.94 4.29 19.90
CA SER A 6 4.33 5.34 19.10
C SER A 6 2.82 5.36 19.34
N GLY A 7 2.28 6.58 19.38
CA GLY A 7 0.86 6.75 19.59
C GLY A 7 0.29 7.82 18.66
N SER A 8 -0.24 7.36 17.54
CA SER A 8 -0.82 8.25 16.56
C SER A 8 -2.24 7.81 16.21
N ALA A 9 -3.12 8.79 16.08
CA ALA A 9 -4.51 8.51 15.75
C ALA A 9 -4.74 8.76 14.26
N SER A 10 -4.80 7.67 13.52
CA SER A 10 -5.02 7.77 12.08
C SER A 10 -5.69 6.49 11.56
N LYS A 11 -7.01 6.54 11.53
CA LYS A 11 -7.78 5.39 11.06
C LYS A 11 -7.13 4.10 11.55
N ARG A 12 -7.40 3.03 10.84
CA ARG A 12 -6.85 1.73 11.18
C ARG A 12 -6.07 1.14 10.01
N TRP A 13 -4.85 0.74 10.29
CA TRP A 13 -3.99 0.16 9.26
C TRP A 13 -3.43 -1.16 9.79
N SER A 14 -3.60 -2.20 8.99
CA SER A 14 -3.11 -3.52 9.37
C SER A 14 -1.60 -3.48 9.57
N PRO A 15 -1.04 -4.67 9.95
CA PRO A 15 0.39 -4.78 10.18
C PRO A 15 1.15 -4.81 8.85
N PRO A 16 2.39 -4.24 8.89
CA PRO A 16 3.23 -4.19 7.70
C PRO A 16 3.82 -5.57 7.40
N ARG A 17 3.83 -5.91 6.12
CA ARG A 17 4.37 -7.19 5.69
C ARG A 17 5.80 -7.01 5.16
N GLY A 18 6.52 -8.12 5.10
CA GLY A 18 7.89 -8.10 4.63
C GLY A 18 7.99 -8.71 3.23
N ILE A 19 8.30 -7.87 2.27
CA ILE A 19 8.44 -8.31 0.89
C ILE A 19 9.92 -8.42 0.53
N HIS A 20 10.21 -9.29 -0.43
CA HIS A 20 11.57 -9.50 -0.87
C HIS A 20 11.60 -9.65 -2.40
N PHE A 21 12.17 -8.65 -3.04
CA PHE A 21 12.26 -8.67 -4.50
C PHE A 21 13.39 -7.75 -4.98
N THR A 22 13.66 -7.83 -6.27
CA THR A 22 14.71 -7.02 -6.86
C THR A 22 14.11 -5.97 -7.81
N VAL A 23 14.27 -4.72 -7.41
CA VAL A 23 13.76 -3.61 -8.21
C VAL A 23 14.21 -3.76 -9.66
N GLU A 24 13.57 -3.02 -10.53
CA GLU A 24 13.90 -3.06 -11.95
C GLU A 24 14.09 -1.64 -12.49
N GLU A 25 15.30 -1.13 -12.32
CA GLU A 25 15.63 0.20 -12.79
C GLU A 25 15.64 0.24 -14.32
N GLY A 26 14.50 -0.09 -14.90
CA GLY A 26 14.37 -0.10 -16.35
C GLY A 26 12.91 -0.29 -16.76
N ASP A 27 12.23 -1.17 -16.04
CA ASP A 27 10.83 -1.46 -16.33
C ASP A 27 10.17 -2.03 -15.07
N LEU A 28 9.41 -1.18 -14.40
CA LEU A 28 8.71 -1.59 -13.20
C LEU A 28 7.39 -2.25 -13.57
N GLY A 29 7.00 -3.23 -12.77
CA GLY A 29 5.76 -3.95 -13.01
C GLY A 29 4.61 -3.34 -12.21
N PHE A 30 4.77 -2.07 -11.87
CA PHE A 30 3.76 -1.35 -11.11
C PHE A 30 4.07 0.14 -11.04
N THR A 31 3.09 0.90 -10.59
CA THR A 31 3.24 2.34 -10.47
C THR A 31 2.75 2.82 -9.11
N LEU A 32 2.91 4.12 -8.88
CA LEU A 32 2.48 4.72 -7.63
C LEU A 32 1.50 5.85 -7.92
N ARG A 33 0.32 5.75 -7.33
CA ARG A 33 -0.71 6.75 -7.51
C ARG A 33 -1.17 7.30 -6.15
N GLY A 34 -1.69 8.51 -6.19
CA GLY A 34 -2.18 9.15 -4.98
C GLY A 34 -1.13 10.12 -4.42
N ASN A 35 -1.35 10.51 -3.17
CA ASN A 35 -0.43 11.43 -2.51
C ASN A 35 0.46 10.65 -1.54
N THR A 36 -0.17 10.13 -0.49
CA THR A 36 0.55 9.37 0.50
C THR A 36 -0.39 8.91 1.61
N PRO A 37 -0.16 7.66 2.08
CA PRO A 37 0.91 6.84 1.55
C PRO A 37 0.56 6.29 0.17
N VAL A 38 1.50 6.44 -0.75
CA VAL A 38 1.30 5.96 -2.10
C VAL A 38 0.94 4.48 -2.07
N GLN A 39 0.14 4.07 -3.05
CA GLN A 39 -0.28 2.68 -3.15
C GLN A 39 0.46 1.98 -4.29
N VAL A 40 0.05 0.74 -4.54
CA VAL A 40 0.67 -0.05 -5.59
C VAL A 40 -0.41 -0.51 -6.58
N HIS A 41 -0.35 0.07 -7.77
CA HIS A 41 -1.32 -0.26 -8.81
C HIS A 41 -0.69 -1.25 -9.79
N PHE A 42 -0.52 -2.48 -9.31
CA PHE A 42 0.06 -3.53 -10.13
C PHE A 42 -0.40 -3.41 -11.58
N LEU A 43 0.55 -3.54 -12.49
CA LEU A 43 0.25 -3.46 -13.91
C LEU A 43 0.44 -4.83 -14.55
N ASP A 44 1.48 -5.52 -14.10
CA ASP A 44 1.77 -6.84 -14.62
C ASP A 44 1.63 -7.88 -13.50
N PRO A 45 0.99 -9.02 -13.86
CA PRO A 45 0.79 -10.08 -12.89
C PRO A 45 2.08 -10.85 -12.62
N HIS A 46 2.89 -10.98 -13.67
CA HIS A 46 4.15 -11.68 -13.56
C HIS A 46 5.28 -10.67 -13.40
N CYS A 47 4.95 -9.56 -12.77
CA CYS A 47 5.92 -8.51 -12.53
C CYS A 47 7.04 -9.07 -11.66
N SER A 48 7.19 -8.49 -10.49
CA SER A 48 8.22 -8.91 -9.55
C SER A 48 7.74 -8.72 -8.12
N ALA A 49 7.20 -7.54 -7.86
CA ALA A 49 6.69 -7.20 -6.54
C ALA A 49 5.58 -8.19 -6.17
N SER A 50 4.67 -8.39 -7.10
CA SER A 50 3.56 -9.29 -6.89
C SER A 50 4.07 -10.71 -6.63
N LEU A 51 5.03 -11.11 -7.45
CA LEU A 51 5.61 -12.43 -7.33
C LEU A 51 6.32 -12.55 -5.98
N ALA A 52 6.63 -11.39 -5.40
CA ALA A 52 7.30 -11.35 -4.11
C ALA A 52 6.31 -11.72 -3.02
N GLY A 53 5.24 -10.95 -2.94
CA GLY A 53 4.21 -11.18 -1.94
C GLY A 53 3.44 -9.89 -1.63
N ALA A 54 3.11 -9.17 -2.68
CA ALA A 54 2.38 -7.93 -2.53
C ALA A 54 1.04 -8.04 -3.27
N LYS A 55 0.05 -7.30 -2.76
CA LYS A 55 -1.27 -7.29 -3.35
C LYS A 55 -1.57 -5.91 -3.94
N GLU A 56 -2.81 -5.74 -4.35
CA GLU A 56 -3.23 -4.47 -4.94
C GLU A 56 -3.61 -3.48 -3.82
N GLY A 57 -3.38 -2.21 -4.11
CA GLY A 57 -3.70 -1.17 -3.15
C GLY A 57 -2.74 -1.20 -1.96
N ASP A 58 -1.58 -1.80 -2.20
CA ASP A 58 -0.57 -1.90 -1.16
C ASP A 58 0.06 -0.53 -0.91
N TYR A 59 -0.02 -0.09 0.33
CA TYR A 59 0.53 1.20 0.71
C TYR A 59 1.93 1.05 1.29
N ILE A 60 2.92 1.49 0.53
CA ILE A 60 4.30 1.42 0.96
C ILE A 60 4.48 2.26 2.22
N VAL A 61 5.07 1.63 3.23
CA VAL A 61 5.31 2.32 4.49
C VAL A 61 6.81 2.55 4.67
N SER A 62 7.58 1.59 4.17
CA SER A 62 9.03 1.66 4.26
C SER A 62 9.67 0.97 3.05
N ILE A 63 10.98 1.14 2.94
CA ILE A 63 11.72 0.55 1.84
C ILE A 63 13.18 0.38 2.25
N GLN A 64 13.51 -0.85 2.64
CA GLN A 64 14.87 -1.16 3.06
C GLN A 64 15.17 -0.52 4.42
N GLY A 65 14.10 -0.26 5.16
CA GLY A 65 14.23 0.34 6.47
C GLY A 65 14.24 1.87 6.38
N VAL A 66 13.55 2.36 5.36
CA VAL A 66 13.48 3.79 5.14
C VAL A 66 12.04 4.26 5.34
N ASP A 67 11.90 5.54 5.66
CA ASP A 67 10.59 6.11 5.88
C ASP A 67 9.89 6.34 4.53
N CYS A 68 8.78 5.66 4.35
CA CYS A 68 8.01 5.79 3.12
C CYS A 68 6.53 5.79 3.46
N LYS A 69 6.19 6.59 4.46
CA LYS A 69 4.81 6.69 4.90
C LYS A 69 4.26 8.07 4.54
N TRP A 70 5.17 9.05 4.53
CA TRP A 70 4.79 10.41 4.20
C TRP A 70 5.30 10.71 2.79
N LEU A 71 6.42 10.10 2.46
CA LEU A 71 7.02 10.29 1.15
C LEU A 71 5.92 10.22 0.08
N THR A 72 6.18 10.91 -1.03
CA THR A 72 5.23 10.93 -2.12
C THR A 72 5.58 9.86 -3.15
N VAL A 73 5.02 10.02 -4.34
CA VAL A 73 5.27 9.07 -5.42
C VAL A 73 6.68 9.24 -5.94
N SER A 74 7.07 10.51 -6.10
CA SER A 74 8.40 10.83 -6.60
C SER A 74 9.46 10.27 -5.63
N GLU A 75 9.36 10.71 -4.39
CA GLU A 75 10.30 10.27 -3.36
C GLU A 75 10.50 8.75 -3.45
N VAL A 76 9.46 8.03 -3.05
CA VAL A 76 9.51 6.58 -3.08
C VAL A 76 10.18 6.11 -4.38
N MET A 77 9.60 6.55 -5.49
CA MET A 77 10.11 6.20 -6.80
C MET A 77 11.65 6.30 -6.83
N LYS A 78 12.14 7.34 -6.18
CA LYS A 78 13.58 7.57 -6.12
C LYS A 78 14.20 6.60 -5.10
N LEU A 79 13.49 6.40 -4.01
CA LEU A 79 13.96 5.51 -2.96
C LEU A 79 14.03 4.08 -3.50
N LEU A 80 13.23 3.83 -4.54
CA LEU A 80 13.20 2.52 -5.15
C LEU A 80 14.27 2.45 -6.23
N LYS A 81 14.31 3.47 -7.06
CA LYS A 81 15.28 3.54 -8.14
C LYS A 81 16.69 3.36 -7.57
N SER A 82 16.98 4.14 -6.54
CA SER A 82 18.28 4.08 -5.89
C SER A 82 18.66 2.62 -5.62
N PHE A 83 17.64 1.81 -5.41
CA PHE A 83 17.85 0.39 -5.14
C PHE A 83 17.50 -0.46 -6.36
N GLY A 84 17.84 0.07 -7.53
CA GLY A 84 17.56 -0.63 -8.77
C GLY A 84 18.49 -1.83 -8.94
N GLY A 85 17.87 -2.97 -9.23
CA GLY A 85 18.63 -4.20 -9.41
C GLY A 85 19.20 -4.69 -8.08
N GLU A 86 18.65 -4.18 -7.00
CA GLU A 86 19.10 -4.56 -5.67
C GLU A 86 17.92 -5.03 -4.82
N GLU A 87 18.09 -6.20 -4.24
CA GLU A 87 17.05 -6.77 -3.40
C GLU A 87 16.81 -5.88 -2.18
N VAL A 88 15.57 -5.43 -2.05
CA VAL A 88 15.19 -4.58 -0.93
C VAL A 88 13.99 -5.19 -0.21
N GLU A 89 13.68 -4.63 0.95
CA GLU A 89 12.56 -5.11 1.74
C GLU A 89 11.48 -4.03 1.84
N MET A 90 10.46 -4.19 1.00
CA MET A 90 9.36 -3.24 0.98
C MET A 90 8.24 -3.68 1.92
N LYS A 91 7.75 -2.72 2.70
CA LYS A 91 6.69 -3.00 3.64
C LYS A 91 5.39 -2.36 3.15
N VAL A 92 4.31 -3.12 3.26
CA VAL A 92 3.01 -2.65 2.82
C VAL A 92 1.97 -2.97 3.89
N VAL A 93 0.84 -2.28 3.79
CA VAL A 93 -0.24 -2.47 4.74
C VAL A 93 -1.58 -2.30 4.03
N SER A 94 -2.65 -2.59 4.77
CA SER A 94 -3.99 -2.48 4.21
C SER A 94 -4.75 -1.36 4.93
N LEU A 95 -5.61 -0.69 4.17
CA LEU A 95 -6.40 0.40 4.72
C LEU A 95 -7.72 -0.16 5.26
N LEU A 96 -7.93 0.04 6.55
CA LEU A 96 -9.14 -0.43 7.20
C LEU A 96 -9.99 0.77 7.63
N ASP A 97 -11.20 0.80 7.10
CA ASP A 97 -12.12 1.88 7.42
C ASP A 97 -13.54 1.33 7.46
N SER A 98 -14.40 2.03 8.21
CA SER A 98 -15.78 1.63 8.34
C SER A 98 -16.36 1.25 6.98
N THR A 99 -16.30 2.21 6.06
CA THR A 99 -16.79 2.00 4.71
C THR A 99 -18.25 1.51 4.76
N SER A 100 -19.16 2.42 4.45
CA SER A 100 -20.57 2.09 4.46
C SER A 100 -21.29 2.86 3.35
N SER A 101 -22.30 2.22 2.79
CA SER A 101 -23.07 2.83 1.72
C SER A 101 -24.54 2.36 1.79
N MET A 102 -25.37 3.01 1.00
CA MET A 102 -26.78 2.68 0.96
C MET A 102 -27.33 2.74 -0.47
N HIS A 103 -28.55 2.25 -0.62
CA HIS A 103 -29.20 2.24 -1.92
C HIS A 103 -30.71 2.21 -1.74
N ASN A 104 -31.41 2.36 -2.86
CA ASN A 104 -32.86 2.34 -2.84
C ASN A 104 -33.39 2.38 -4.27
N LYS A 105 -34.63 1.95 -4.44
CA LYS A 105 -35.26 1.94 -5.74
C LYS A 105 -36.70 2.43 -5.61
N SER A 106 -37.31 2.69 -6.76
CA SER A 106 -38.69 3.16 -6.80
C SER A 106 -39.29 2.93 -8.19
N GLY A 107 -40.60 3.12 -8.26
CA GLY A 107 -41.30 2.93 -9.52
C GLY A 107 -42.79 3.24 -9.36
N PRO A 108 -43.15 4.51 -9.68
CA PRO A 108 -44.54 4.95 -9.58
C PRO A 108 -45.37 4.38 -10.73
N SER A 109 -46.65 4.74 -10.72
CA SER A 109 -47.56 4.29 -11.75
C SER A 109 -47.65 5.32 -12.88
N SER A 110 -48.27 4.91 -13.97
CA SER A 110 -48.42 5.79 -15.12
C SER A 110 -49.45 5.21 -16.08
N GLY A 111 -49.84 6.04 -17.05
CA GLY A 111 -50.82 5.63 -18.04
C GLY A 111 -50.61 6.37 -19.36
N GLY A 1 -8.71 -0.51 19.12
CA GLY A 1 -9.64 -0.67 18.02
C GLY A 1 -10.83 0.29 18.16
N SER A 2 -11.91 -0.07 17.48
CA SER A 2 -13.11 0.75 17.53
C SER A 2 -14.12 0.15 18.52
N SER A 3 -14.78 1.03 19.25
CA SER A 3 -15.76 0.61 20.23
C SER A 3 -16.74 1.75 20.53
N GLY A 4 -17.99 1.52 20.15
CA GLY A 4 -19.03 2.51 20.36
C GLY A 4 -18.86 3.70 19.40
N SER A 5 -19.32 4.85 19.85
CA SER A 5 -19.23 6.06 19.05
C SER A 5 -19.64 5.76 17.61
N SER A 6 -20.95 5.71 17.39
CA SER A 6 -21.48 5.43 16.08
C SER A 6 -21.42 6.69 15.21
N GLY A 7 -20.47 6.69 14.29
CA GLY A 7 -20.30 7.82 13.40
C GLY A 7 -18.91 7.82 12.77
N SER A 8 -18.33 9.01 12.68
CA SER A 8 -17.00 9.16 12.09
C SER A 8 -15.96 8.47 12.98
N ALA A 9 -15.08 7.72 12.35
CA ALA A 9 -14.03 7.01 13.07
C ALA A 9 -12.75 7.01 12.23
N SER A 10 -11.63 6.85 12.91
CA SER A 10 -10.34 6.83 12.24
C SER A 10 -10.18 5.50 11.48
N LYS A 11 -9.51 5.59 10.34
CA LYS A 11 -9.28 4.42 9.52
C LYS A 11 -8.16 3.58 10.14
N ARG A 12 -8.34 2.26 10.06
CA ARG A 12 -7.35 1.34 10.61
C ARG A 12 -6.41 0.85 9.50
N TRP A 13 -5.24 0.38 9.93
CA TRP A 13 -4.26 -0.12 8.99
C TRP A 13 -3.72 -1.45 9.53
N SER A 14 -3.60 -2.41 8.62
CA SER A 14 -3.10 -3.73 8.99
C SER A 14 -1.59 -3.67 9.23
N PRO A 15 -1.02 -4.85 9.60
CA PRO A 15 0.40 -4.94 9.87
C PRO A 15 1.20 -4.93 8.56
N PRO A 16 2.44 -4.37 8.65
CA PRO A 16 3.31 -4.29 7.49
C PRO A 16 3.91 -5.66 7.16
N ARG A 17 3.78 -6.03 5.90
CA ARG A 17 4.32 -7.31 5.44
C ARG A 17 5.74 -7.14 4.91
N GLY A 18 6.51 -8.21 5.03
CA GLY A 18 7.89 -8.20 4.57
C GLY A 18 8.01 -8.79 3.17
N ILE A 19 8.23 -7.92 2.20
CA ILE A 19 8.36 -8.35 0.82
C ILE A 19 9.85 -8.50 0.49
N HIS A 20 10.12 -9.39 -0.46
CA HIS A 20 11.49 -9.65 -0.88
C HIS A 20 11.54 -9.79 -2.40
N PHE A 21 12.15 -8.80 -3.03
CA PHE A 21 12.27 -8.80 -4.48
C PHE A 21 13.44 -7.92 -4.93
N THR A 22 13.67 -7.91 -6.23
CA THR A 22 14.75 -7.11 -6.80
C THR A 22 14.19 -6.06 -7.76
N VAL A 23 14.26 -4.81 -7.32
CA VAL A 23 13.78 -3.71 -8.12
C VAL A 23 14.20 -3.90 -9.58
N GLU A 24 13.56 -3.16 -10.46
CA GLU A 24 13.86 -3.25 -11.88
C GLU A 24 13.99 -1.85 -12.48
N GLU A 25 15.23 -1.45 -12.71
CA GLU A 25 15.52 -0.14 -13.28
C GLU A 25 15.32 -0.17 -14.79
N GLY A 26 14.15 -0.64 -15.20
CA GLY A 26 13.82 -0.72 -16.61
C GLY A 26 12.33 -1.02 -16.81
N ASP A 27 11.82 -1.92 -15.98
CA ASP A 27 10.41 -2.30 -16.05
C ASP A 27 9.95 -2.75 -14.67
N LEU A 28 9.38 -1.80 -13.93
CA LEU A 28 8.88 -2.09 -12.60
C LEU A 28 7.62 -2.94 -12.71
N GLY A 29 6.84 -2.67 -13.74
CA GLY A 29 5.61 -3.40 -13.98
C GLY A 29 4.46 -2.79 -13.18
N PHE A 30 4.78 -1.75 -12.42
CA PHE A 30 3.79 -1.07 -11.61
C PHE A 30 4.18 0.39 -11.38
N THR A 31 3.21 1.16 -10.93
CA THR A 31 3.42 2.58 -10.67
C THR A 31 2.91 2.95 -9.28
N LEU A 32 3.13 4.21 -8.92
CA LEU A 32 2.68 4.70 -7.62
C LEU A 32 1.71 5.86 -7.84
N ARG A 33 0.49 5.67 -7.33
CA ARG A 33 -0.54 6.68 -7.45
C ARG A 33 -0.93 7.21 -6.08
N GLY A 34 -1.66 8.31 -6.09
CA GLY A 34 -2.10 8.92 -4.84
C GLY A 34 -1.02 9.85 -4.27
N ASN A 35 -1.35 10.46 -3.16
CA ASN A 35 -0.42 11.36 -2.49
C ASN A 35 0.45 10.57 -1.53
N THR A 36 -0.15 10.19 -0.40
CA THR A 36 0.55 9.43 0.61
C THR A 36 -0.40 9.00 1.72
N PRO A 37 -0.22 7.73 2.17
CA PRO A 37 0.81 6.88 1.61
C PRO A 37 0.41 6.36 0.22
N VAL A 38 1.35 6.49 -0.71
CA VAL A 38 1.11 6.05 -2.08
C VAL A 38 0.58 4.61 -2.05
N GLN A 39 0.18 4.14 -3.23
CA GLN A 39 -0.35 2.80 -3.36
C GLN A 39 0.39 2.05 -4.47
N VAL A 40 0.09 0.75 -4.57
CA VAL A 40 0.72 -0.08 -5.58
C VAL A 40 -0.29 -0.35 -6.69
N HIS A 41 -0.10 0.34 -7.80
CA HIS A 41 -0.98 0.18 -8.94
C HIS A 41 -0.36 -0.81 -9.94
N PHE A 42 -0.30 -2.06 -9.50
CA PHE A 42 0.26 -3.11 -10.34
C PHE A 42 -0.34 -3.08 -11.74
N LEU A 43 0.52 -3.28 -12.72
CA LEU A 43 0.08 -3.28 -14.11
C LEU A 43 0.21 -4.70 -14.69
N ASP A 44 1.32 -5.34 -14.35
CA ASP A 44 1.57 -6.69 -14.81
C ASP A 44 1.44 -7.66 -13.64
N PRO A 45 0.87 -8.86 -13.95
CA PRO A 45 0.68 -9.88 -12.93
C PRO A 45 2.02 -10.57 -12.59
N HIS A 46 2.96 -10.44 -13.52
CA HIS A 46 4.27 -11.03 -13.33
C HIS A 46 5.36 -9.97 -13.54
N CYS A 47 5.31 -8.97 -12.68
CA CYS A 47 6.28 -7.88 -12.75
C CYS A 47 7.45 -8.23 -11.84
N SER A 48 7.12 -8.62 -10.62
CA SER A 48 8.14 -8.98 -9.65
C SER A 48 7.55 -8.91 -8.23
N ALA A 49 7.36 -7.68 -7.77
CA ALA A 49 6.82 -7.47 -6.44
C ALA A 49 5.66 -8.44 -6.20
N SER A 50 4.73 -8.44 -7.15
CA SER A 50 3.57 -9.32 -7.05
C SER A 50 4.02 -10.77 -6.87
N LEU A 51 5.09 -11.12 -7.57
CA LEU A 51 5.63 -12.47 -7.48
C LEU A 51 6.28 -12.66 -6.11
N ALA A 52 6.72 -11.55 -5.53
CA ALA A 52 7.36 -11.59 -4.22
C ALA A 52 6.32 -11.99 -3.16
N GLY A 53 5.28 -11.16 -3.08
CA GLY A 53 4.21 -11.41 -2.11
C GLY A 53 3.46 -10.12 -1.79
N ALA A 54 3.18 -9.35 -2.84
CA ALA A 54 2.47 -8.09 -2.67
C ALA A 54 1.17 -8.14 -3.47
N LYS A 55 0.42 -7.05 -3.38
CA LYS A 55 -0.84 -6.95 -4.09
C LYS A 55 -1.17 -5.48 -4.34
N GLU A 56 -2.36 -5.26 -4.89
CA GLU A 56 -2.80 -3.91 -5.19
C GLU A 56 -3.34 -3.24 -3.93
N GLY A 57 -3.50 -1.92 -4.00
CA GLY A 57 -4.01 -1.16 -2.88
C GLY A 57 -3.02 -1.19 -1.71
N ASP A 58 -1.83 -1.68 -2.00
CA ASP A 58 -0.79 -1.77 -0.98
C ASP A 58 -0.18 -0.38 -0.77
N TYR A 59 -0.15 0.03 0.49
CA TYR A 59 0.40 1.34 0.84
C TYR A 59 1.82 1.20 1.38
N ILE A 60 2.76 1.75 0.63
CA ILE A 60 4.16 1.70 1.02
C ILE A 60 4.35 2.50 2.31
N VAL A 61 5.04 1.88 3.26
CA VAL A 61 5.30 2.51 4.54
C VAL A 61 6.80 2.76 4.67
N SER A 62 7.58 1.80 4.20
CA SER A 62 9.02 1.90 4.27
C SER A 62 9.67 0.96 3.25
N ILE A 63 10.92 1.23 2.94
CA ILE A 63 11.66 0.42 1.99
C ILE A 63 13.08 0.19 2.51
N GLN A 64 13.39 -1.08 2.74
CA GLN A 64 14.71 -1.44 3.24
C GLN A 64 14.85 -1.05 4.71
N GLY A 65 14.66 0.23 4.96
CA GLY A 65 14.76 0.75 6.31
C GLY A 65 14.61 2.27 6.33
N VAL A 66 13.73 2.76 5.48
CA VAL A 66 13.50 4.20 5.38
C VAL A 66 12.00 4.47 5.55
N ASP A 67 11.69 5.70 5.95
CA ASP A 67 10.30 6.10 6.15
C ASP A 67 9.68 6.45 4.79
N CYS A 68 8.58 5.77 4.49
CA CYS A 68 7.89 5.99 3.24
C CYS A 68 6.39 6.04 3.53
N LYS A 69 6.03 6.83 4.53
CA LYS A 69 4.64 6.96 4.92
C LYS A 69 4.15 8.37 4.56
N TRP A 70 5.09 9.30 4.56
CA TRP A 70 4.77 10.68 4.23
C TRP A 70 5.28 10.96 2.82
N LEU A 71 6.39 10.33 2.48
CA LEU A 71 6.99 10.51 1.16
C LEU A 71 5.89 10.46 0.11
N THR A 72 6.14 11.14 -0.99
CA THR A 72 5.19 11.18 -2.09
C THR A 72 5.47 10.06 -3.09
N VAL A 73 4.99 10.26 -4.30
CA VAL A 73 5.18 9.27 -5.36
C VAL A 73 6.63 9.35 -5.87
N SER A 74 7.08 10.59 -6.09
CA SER A 74 8.43 10.80 -6.57
C SER A 74 9.44 10.27 -5.56
N GLU A 75 9.36 10.81 -4.35
CA GLU A 75 10.26 10.41 -3.29
C GLU A 75 10.50 8.89 -3.34
N VAL A 76 9.42 8.15 -3.10
CA VAL A 76 9.49 6.70 -3.11
C VAL A 76 10.14 6.24 -4.41
N MET A 77 9.51 6.60 -5.51
CA MET A 77 10.01 6.23 -6.83
C MET A 77 11.54 6.32 -6.87
N LYS A 78 12.06 7.36 -6.24
CA LYS A 78 13.50 7.56 -6.20
C LYS A 78 14.12 6.56 -5.22
N LEU A 79 13.50 6.46 -4.06
CA LEU A 79 13.99 5.54 -3.03
C LEU A 79 13.99 4.12 -3.58
N LEU A 80 13.17 3.91 -4.61
CA LEU A 80 13.07 2.60 -5.23
C LEU A 80 14.13 2.49 -6.32
N LYS A 81 14.21 3.52 -7.14
CA LYS A 81 15.18 3.55 -8.23
C LYS A 81 16.59 3.35 -7.66
N SER A 82 16.88 4.12 -6.62
CA SER A 82 18.19 4.04 -5.97
C SER A 82 18.57 2.58 -5.75
N PHE A 83 17.60 1.82 -5.24
CA PHE A 83 17.83 0.40 -4.98
C PHE A 83 17.48 -0.44 -6.21
N GLY A 84 17.97 0.01 -7.35
CA GLY A 84 17.71 -0.69 -8.60
C GLY A 84 18.62 -1.92 -8.72
N GLY A 85 18.00 -3.04 -9.07
CA GLY A 85 18.73 -4.29 -9.21
C GLY A 85 19.36 -4.72 -7.89
N GLU A 86 18.70 -4.33 -6.81
CA GLU A 86 19.17 -4.68 -5.48
C GLU A 86 18.02 -5.20 -4.62
N GLU A 87 18.22 -6.38 -4.07
CA GLU A 87 17.21 -7.01 -3.23
C GLU A 87 16.95 -6.16 -2.00
N VAL A 88 15.75 -5.58 -1.95
CA VAL A 88 15.37 -4.73 -0.83
C VAL A 88 14.17 -5.36 -0.12
N GLU A 89 13.78 -4.73 0.98
CA GLU A 89 12.65 -5.21 1.75
C GLU A 89 11.57 -4.13 1.83
N MET A 90 10.54 -4.32 1.01
CA MET A 90 9.43 -3.37 0.98
C MET A 90 8.32 -3.80 1.95
N LYS A 91 7.79 -2.81 2.64
CA LYS A 91 6.71 -3.06 3.60
C LYS A 91 5.44 -2.38 3.12
N VAL A 92 4.34 -3.11 3.22
CA VAL A 92 3.05 -2.58 2.81
C VAL A 92 2.00 -2.92 3.86
N VAL A 93 0.99 -2.07 3.94
CA VAL A 93 -0.08 -2.27 4.90
C VAL A 93 -1.44 -2.08 4.20
N SER A 94 -2.39 -2.90 4.59
CA SER A 94 -3.73 -2.83 4.01
C SER A 94 -4.59 -1.85 4.81
N LEU A 95 -5.40 -1.10 4.08
CA LEU A 95 -6.28 -0.13 4.70
C LEU A 95 -7.64 -0.78 4.98
N LEU A 96 -8.09 -0.63 6.22
CA LEU A 96 -9.36 -1.20 6.61
C LEU A 96 -10.39 -0.07 6.74
N ASP A 97 -11.48 -0.39 7.45
CA ASP A 97 -12.54 0.58 7.64
C ASP A 97 -13.66 -0.06 8.46
N SER A 98 -14.53 0.79 9.00
CA SER A 98 -15.63 0.32 9.81
C SER A 98 -16.83 0.00 8.91
N THR A 99 -17.84 -0.59 9.53
CA THR A 99 -19.05 -0.96 8.80
C THR A 99 -18.73 -2.01 7.74
N SER A 100 -19.58 -3.03 7.68
CA SER A 100 -19.40 -4.11 6.72
C SER A 100 -20.46 -5.18 6.93
N SER A 101 -20.73 -5.92 5.86
CA SER A 101 -21.72 -6.98 5.91
C SER A 101 -23.09 -6.40 6.28
N MET A 102 -24.12 -7.19 6.00
CA MET A 102 -25.48 -6.76 6.29
C MET A 102 -26.44 -7.95 6.29
N HIS A 103 -26.37 -8.73 5.22
CA HIS A 103 -27.21 -9.90 5.09
C HIS A 103 -28.68 -9.47 5.09
N ASN A 104 -29.36 -9.81 4.00
CA ASN A 104 -30.77 -9.47 3.86
C ASN A 104 -31.41 -10.40 2.85
N LYS A 105 -32.74 -10.45 2.89
CA LYS A 105 -33.49 -11.30 1.98
C LYS A 105 -34.14 -10.42 0.91
N SER A 106 -33.81 -10.73 -0.34
CA SER A 106 -34.35 -9.97 -1.47
C SER A 106 -34.33 -10.85 -2.73
N GLY A 107 -34.71 -10.23 -3.83
CA GLY A 107 -34.74 -10.93 -5.11
C GLY A 107 -34.15 -10.07 -6.22
N PRO A 108 -32.83 -10.30 -6.49
CA PRO A 108 -32.13 -9.56 -7.52
C PRO A 108 -32.53 -10.04 -8.92
N SER A 109 -32.49 -11.36 -9.08
CA SER A 109 -32.84 -11.96 -10.36
C SER A 109 -34.13 -12.77 -10.22
N SER A 110 -35.20 -12.24 -10.81
CA SER A 110 -36.48 -12.90 -10.75
C SER A 110 -36.41 -14.26 -11.43
N GLY A 111 -36.00 -14.24 -12.69
CA GLY A 111 -35.87 -15.46 -13.47
C GLY A 111 -37.23 -16.14 -13.62
N GLY A 1 5.56 -0.52 29.57
CA GLY A 1 4.68 0.18 28.66
C GLY A 1 3.24 -0.31 28.81
N SER A 2 2.30 0.57 28.48
CA SER A 2 0.89 0.23 28.57
C SER A 2 0.14 0.78 27.35
N SER A 3 0.17 0.00 26.28
CA SER A 3 -0.49 0.38 25.06
C SER A 3 -1.42 -0.74 24.58
N GLY A 4 -2.69 -0.41 24.46
CA GLY A 4 -3.69 -1.37 24.02
C GLY A 4 -5.09 -0.75 24.00
N SER A 5 -5.68 -0.74 22.82
CA SER A 5 -7.01 -0.19 22.64
C SER A 5 -7.66 -0.78 21.39
N SER A 6 -8.98 -0.94 21.47
CA SER A 6 -9.74 -1.48 20.36
C SER A 6 -9.98 -0.39 19.30
N GLY A 7 -10.27 -0.84 18.10
CA GLY A 7 -10.52 0.08 17.00
C GLY A 7 -11.93 0.67 17.10
N SER A 8 -11.98 2.00 17.07
CA SER A 8 -13.25 2.70 17.15
C SER A 8 -13.27 3.88 16.18
N ALA A 9 -12.17 4.63 16.19
CA ALA A 9 -12.04 5.78 15.32
C ALA A 9 -10.66 5.76 14.66
N SER A 10 -10.44 6.76 13.83
CA SER A 10 -9.17 6.88 13.13
C SER A 10 -8.99 5.69 12.17
N LYS A 11 -8.81 6.00 10.90
CA LYS A 11 -8.61 4.98 9.90
C LYS A 11 -7.71 3.88 10.46
N ARG A 12 -8.19 2.64 10.35
CA ARG A 12 -7.43 1.51 10.85
C ARG A 12 -6.51 0.98 9.75
N TRP A 13 -5.28 0.69 10.14
CA TRP A 13 -4.29 0.16 9.20
C TRP A 13 -3.79 -1.17 9.74
N SER A 14 -3.54 -2.09 8.82
CA SER A 14 -3.06 -3.41 9.19
C SER A 14 -1.55 -3.37 9.44
N PRO A 15 -0.99 -4.55 9.82
CA PRO A 15 0.43 -4.64 10.09
C PRO A 15 1.23 -4.65 8.79
N PRO A 16 2.49 -4.14 8.88
CA PRO A 16 3.37 -4.09 7.73
C PRO A 16 3.92 -5.47 7.39
N ARG A 17 3.78 -5.84 6.12
CA ARG A 17 4.25 -7.13 5.66
C ARG A 17 5.70 -7.02 5.19
N GLY A 18 6.33 -8.18 5.06
CA GLY A 18 7.72 -8.22 4.62
C GLY A 18 7.84 -8.88 3.23
N ILE A 19 8.26 -8.07 2.27
CA ILE A 19 8.41 -8.55 0.91
C ILE A 19 9.90 -8.65 0.57
N HIS A 20 10.22 -9.56 -0.33
CA HIS A 20 11.59 -9.77 -0.75
C HIS A 20 11.65 -9.91 -2.27
N PHE A 21 12.23 -8.90 -2.90
CA PHE A 21 12.36 -8.90 -4.35
C PHE A 21 13.52 -8.00 -4.79
N THR A 22 13.82 -8.07 -6.08
CA THR A 22 14.90 -7.27 -6.65
C THR A 22 14.33 -6.23 -7.62
N VAL A 23 14.31 -4.99 -7.15
CA VAL A 23 13.80 -3.90 -7.97
C VAL A 23 14.26 -4.09 -9.41
N GLU A 24 13.49 -3.50 -10.32
CA GLU A 24 13.80 -3.59 -11.73
C GLU A 24 14.10 -2.21 -12.32
N GLU A 25 15.38 -1.94 -12.51
CA GLU A 25 15.80 -0.66 -13.06
C GLU A 25 15.62 -0.64 -14.58
N GLY A 26 14.42 -1.01 -15.01
CA GLY A 26 14.12 -1.04 -16.43
C GLY A 26 12.63 -1.30 -16.67
N ASP A 27 12.08 -2.18 -15.83
CA ASP A 27 10.67 -2.52 -15.94
C ASP A 27 10.17 -3.01 -14.58
N LEU A 28 9.75 -2.06 -13.76
CA LEU A 28 9.25 -2.38 -12.44
C LEU A 28 8.00 -3.27 -12.57
N GLY A 29 7.17 -2.93 -13.53
CA GLY A 29 5.95 -3.68 -13.77
C GLY A 29 4.77 -3.06 -13.03
N PHE A 30 5.05 -1.97 -12.33
CA PHE A 30 4.02 -1.28 -11.57
C PHE A 30 4.37 0.19 -11.41
N THR A 31 3.37 0.96 -10.98
CA THR A 31 3.56 2.39 -10.78
C THR A 31 3.12 2.79 -9.36
N LEU A 32 3.27 4.07 -9.07
CA LEU A 32 2.90 4.59 -7.77
C LEU A 32 1.81 5.66 -7.94
N ARG A 33 0.66 5.39 -7.35
CA ARG A 33 -0.46 6.30 -7.44
C ARG A 33 -0.81 6.83 -6.04
N GLY A 34 -1.58 7.92 -6.03
CA GLY A 34 -1.99 8.54 -4.78
C GLY A 34 -0.88 9.46 -4.24
N ASN A 35 -1.24 10.19 -3.19
CA ASN A 35 -0.30 11.11 -2.57
C ASN A 35 0.58 10.34 -1.58
N THR A 36 -0.04 9.93 -0.48
CA THR A 36 0.67 9.19 0.54
C THR A 36 -0.30 8.74 1.65
N PRO A 37 -0.13 7.47 2.09
CA PRO A 37 0.90 6.62 1.52
C PRO A 37 0.50 6.12 0.12
N VAL A 38 1.44 6.25 -0.80
CA VAL A 38 1.19 5.83 -2.17
C VAL A 38 0.67 4.39 -2.18
N GLN A 39 0.39 3.90 -3.37
CA GLN A 39 -0.13 2.54 -3.52
C GLN A 39 0.68 1.79 -4.58
N VAL A 40 0.45 0.49 -4.64
CA VAL A 40 1.14 -0.35 -5.61
C VAL A 40 0.18 -0.71 -6.74
N HIS A 41 0.52 -0.23 -7.93
CA HIS A 41 -0.30 -0.49 -9.10
C HIS A 41 0.43 -1.45 -10.03
N PHE A 42 0.04 -2.72 -9.95
CA PHE A 42 0.64 -3.75 -10.78
C PHE A 42 0.09 -3.70 -12.21
N LEU A 43 0.94 -3.25 -13.12
CA LEU A 43 0.56 -3.15 -14.52
C LEU A 43 0.63 -4.53 -15.16
N ASP A 44 1.56 -5.33 -14.67
CA ASP A 44 1.75 -6.68 -15.19
C ASP A 44 1.71 -7.68 -14.03
N PRO A 45 1.01 -8.82 -14.28
CA PRO A 45 0.89 -9.85 -13.27
C PRO A 45 2.19 -10.64 -13.13
N HIS A 46 3.04 -10.51 -14.15
CA HIS A 46 4.32 -11.20 -14.15
C HIS A 46 5.44 -10.20 -13.88
N CYS A 47 5.08 -9.11 -13.22
CA CYS A 47 6.05 -8.08 -12.90
C CYS A 47 7.13 -8.68 -12.01
N SER A 48 7.23 -8.14 -10.80
CA SER A 48 8.21 -8.62 -9.84
C SER A 48 7.64 -8.59 -8.43
N ALA A 49 7.34 -7.38 -7.98
CA ALA A 49 6.78 -7.19 -6.65
C ALA A 49 5.64 -8.19 -6.43
N SER A 50 4.70 -8.17 -7.38
CA SER A 50 3.56 -9.06 -7.30
C SER A 50 4.03 -10.51 -7.12
N LEU A 51 5.00 -10.88 -7.94
CA LEU A 51 5.55 -12.22 -7.88
C LEU A 51 6.13 -12.48 -6.49
N ALA A 52 6.84 -11.49 -5.99
CA ALA A 52 7.46 -11.59 -4.68
C ALA A 52 6.44 -12.17 -3.69
N GLY A 53 5.36 -11.42 -3.50
CA GLY A 53 4.31 -11.85 -2.59
C GLY A 53 3.54 -10.64 -2.05
N ALA A 54 3.22 -9.73 -2.94
CA ALA A 54 2.49 -8.53 -2.57
C ALA A 54 1.11 -8.56 -3.21
N LYS A 55 0.40 -7.45 -3.07
CA LYS A 55 -0.94 -7.34 -3.62
C LYS A 55 -1.14 -5.94 -4.20
N GLU A 56 -2.37 -5.66 -4.58
CA GLU A 56 -2.71 -4.36 -5.15
C GLU A 56 -3.19 -3.41 -4.06
N GLY A 57 -2.92 -2.13 -4.26
CA GLY A 57 -3.31 -1.11 -3.30
C GLY A 57 -2.36 -1.09 -2.10
N ASP A 58 -1.32 -1.91 -2.20
CA ASP A 58 -0.33 -1.99 -1.14
C ASP A 58 0.25 -0.60 -0.87
N TYR A 59 0.11 -0.16 0.37
CA TYR A 59 0.62 1.14 0.76
C TYR A 59 2.01 1.03 1.39
N ILE A 60 3.00 1.48 0.63
CA ILE A 60 4.38 1.43 1.09
C ILE A 60 4.53 2.34 2.31
N VAL A 61 5.19 1.80 3.32
CA VAL A 61 5.41 2.54 4.56
C VAL A 61 6.91 2.79 4.74
N SER A 62 7.69 1.79 4.35
CA SER A 62 9.13 1.88 4.46
C SER A 62 9.80 1.05 3.37
N ILE A 63 11.08 1.33 3.15
CA ILE A 63 11.83 0.61 2.13
C ILE A 63 13.30 0.54 2.56
N GLN A 64 13.66 -0.62 3.11
CA GLN A 64 15.03 -0.83 3.56
C GLN A 64 15.33 0.04 4.78
N GLY A 65 14.39 0.03 5.72
CA GLY A 65 14.55 0.81 6.93
C GLY A 65 14.24 2.29 6.67
N VAL A 66 13.93 2.59 5.42
CA VAL A 66 13.61 3.95 5.03
C VAL A 66 12.14 4.23 5.30
N ASP A 67 11.79 5.51 5.29
CA ASP A 67 10.42 5.93 5.52
C ASP A 67 9.75 6.22 4.18
N CYS A 68 8.66 5.50 3.93
CA CYS A 68 7.92 5.68 2.69
C CYS A 68 6.43 5.74 3.04
N LYS A 69 6.15 6.22 4.24
CA LYS A 69 4.77 6.34 4.70
C LYS A 69 4.28 7.76 4.45
N TRP A 70 5.24 8.68 4.39
CA TRP A 70 4.92 10.08 4.17
C TRP A 70 5.35 10.44 2.75
N LEU A 71 6.43 9.80 2.31
CA LEU A 71 6.94 10.05 0.98
C LEU A 71 5.80 10.00 -0.03
N THR A 72 5.97 10.73 -1.12
CA THR A 72 4.98 10.78 -2.17
C THR A 72 5.24 9.70 -3.22
N VAL A 73 4.94 10.03 -4.47
CA VAL A 73 5.14 9.11 -5.56
C VAL A 73 6.56 9.26 -6.10
N SER A 74 6.96 10.50 -6.29
CA SER A 74 8.29 10.80 -6.79
C SER A 74 9.35 10.33 -5.79
N GLU A 75 9.16 10.73 -4.55
CA GLU A 75 10.09 10.36 -3.50
C GLU A 75 10.33 8.85 -3.52
N VAL A 76 9.30 8.10 -3.18
CA VAL A 76 9.38 6.66 -3.16
C VAL A 76 10.10 6.18 -4.44
N MET A 77 9.54 6.57 -5.57
CA MET A 77 10.12 6.19 -6.85
C MET A 77 11.64 6.20 -6.79
N LYS A 78 12.17 7.30 -6.28
CA LYS A 78 13.62 7.45 -6.17
C LYS A 78 14.15 6.45 -5.14
N LEU A 79 13.44 6.36 -4.03
CA LEU A 79 13.83 5.45 -2.97
C LEU A 79 13.89 4.02 -3.52
N LEU A 80 13.07 3.77 -4.53
CA LEU A 80 13.03 2.46 -5.16
C LEU A 80 14.07 2.40 -6.27
N LYS A 81 14.06 3.43 -7.10
CA LYS A 81 14.99 3.50 -8.22
C LYS A 81 16.42 3.33 -7.68
N SER A 82 16.74 4.12 -6.67
CA SER A 82 18.06 4.06 -6.06
C SER A 82 18.46 2.61 -5.80
N PHE A 83 17.51 1.85 -5.28
CA PHE A 83 17.74 0.45 -4.98
C PHE A 83 17.39 -0.44 -6.18
N GLY A 84 17.76 0.05 -7.36
CA GLY A 84 17.49 -0.67 -8.59
C GLY A 84 18.45 -1.86 -8.74
N GLY A 85 17.87 -3.03 -8.98
CA GLY A 85 18.66 -4.24 -9.14
C GLY A 85 19.29 -4.67 -7.82
N GLU A 86 18.62 -4.31 -6.74
CA GLU A 86 19.10 -4.64 -5.41
C GLU A 86 17.95 -5.15 -4.53
N GLU A 87 18.15 -6.34 -3.97
CA GLU A 87 17.14 -6.94 -3.12
C GLU A 87 16.87 -6.06 -1.90
N VAL A 88 15.68 -5.51 -1.86
CA VAL A 88 15.28 -4.63 -0.77
C VAL A 88 14.08 -5.25 -0.05
N GLU A 89 13.78 -4.68 1.11
CA GLU A 89 12.65 -5.15 1.91
C GLU A 89 11.54 -4.10 1.94
N MET A 90 10.50 -4.36 1.17
CA MET A 90 9.37 -3.45 1.12
C MET A 90 8.30 -3.83 2.14
N LYS A 91 7.74 -2.82 2.78
CA LYS A 91 6.71 -3.02 3.78
C LYS A 91 5.43 -2.29 3.36
N VAL A 92 4.33 -3.02 3.41
CA VAL A 92 3.05 -2.45 3.05
C VAL A 92 2.00 -2.80 4.11
N VAL A 93 0.97 -1.98 4.17
CA VAL A 93 -0.09 -2.20 5.14
C VAL A 93 -1.44 -2.11 4.43
N SER A 94 -2.36 -2.97 4.88
CA SER A 94 -3.70 -3.00 4.29
C SER A 94 -4.59 -1.95 4.96
N LEU A 95 -5.49 -1.39 4.16
CA LEU A 95 -6.40 -0.38 4.66
C LEU A 95 -7.75 -1.03 5.00
N LEU A 96 -8.11 -0.95 6.27
CA LEU A 96 -9.36 -1.53 6.74
C LEU A 96 -10.45 -0.44 6.73
N ASP A 97 -11.54 -0.75 7.41
CA ASP A 97 -12.65 0.18 7.49
C ASP A 97 -13.79 -0.45 8.29
N SER A 98 -14.66 0.39 8.81
CA SER A 98 -15.78 -0.06 9.60
C SER A 98 -17.00 -0.30 8.69
N THR A 99 -17.45 0.77 8.07
CA THR A 99 -18.59 0.70 7.18
C THR A 99 -19.68 -0.20 7.78
N SER A 100 -19.70 -0.24 9.09
CA SER A 100 -20.69 -1.04 9.80
C SER A 100 -21.74 -0.14 10.46
N SER A 101 -22.90 -0.09 9.82
CA SER A 101 -23.98 0.73 10.33
C SER A 101 -25.29 -0.06 10.27
N MET A 102 -26.27 0.41 11.04
CA MET A 102 -27.57 -0.23 11.09
C MET A 102 -28.67 0.74 10.67
N HIS A 103 -29.75 0.17 10.15
CA HIS A 103 -30.88 0.96 9.71
C HIS A 103 -32.05 0.05 9.37
N ASN A 104 -33.11 0.18 10.15
CA ASN A 104 -34.31 -0.63 9.94
C ASN A 104 -35.03 -0.15 8.67
N LYS A 105 -35.93 -0.99 8.19
CA LYS A 105 -36.69 -0.67 7.00
C LYS A 105 -37.68 -1.81 6.70
N SER A 106 -38.95 -1.43 6.65
CA SER A 106 -40.01 -2.40 6.39
C SER A 106 -41.01 -1.81 5.41
N GLY A 107 -41.73 -2.71 4.73
CA GLY A 107 -42.74 -2.29 3.78
C GLY A 107 -43.79 -3.39 3.57
N PRO A 108 -44.76 -3.42 4.51
CA PRO A 108 -45.83 -4.41 4.45
C PRO A 108 -46.84 -4.05 3.36
N SER A 109 -47.43 -5.08 2.78
CA SER A 109 -48.42 -4.89 1.73
C SER A 109 -49.76 -4.49 2.34
N SER A 110 -50.43 -3.58 1.67
CA SER A 110 -51.73 -3.11 2.13
C SER A 110 -52.35 -2.17 1.09
N GLY A 111 -53.61 -1.84 1.30
CA GLY A 111 -54.33 -0.97 0.40
C GLY A 111 -54.55 -1.64 -0.96
N GLY A 1 -4.85 6.47 36.46
CA GLY A 1 -5.79 6.42 35.35
C GLY A 1 -5.52 5.21 34.46
N SER A 2 -6.34 5.08 33.43
CA SER A 2 -6.20 3.97 32.50
C SER A 2 -7.08 4.20 31.26
N SER A 3 -6.61 3.69 30.15
CA SER A 3 -7.34 3.83 28.89
C SER A 3 -8.21 2.61 28.65
N GLY A 4 -9.52 2.81 28.74
CA GLY A 4 -10.46 1.73 28.53
C GLY A 4 -11.88 2.26 28.35
N SER A 5 -12.25 2.49 27.10
CA SER A 5 -13.57 3.00 26.78
C SER A 5 -13.97 2.59 25.37
N SER A 6 -13.15 3.00 24.40
CA SER A 6 -13.41 2.68 23.02
C SER A 6 -12.38 1.66 22.52
N GLY A 7 -12.88 0.50 22.13
CA GLY A 7 -12.01 -0.56 21.62
C GLY A 7 -11.86 -0.48 20.11
N SER A 8 -10.66 -0.10 19.68
CA SER A 8 -10.38 0.02 18.27
C SER A 8 -11.23 1.14 17.66
N ALA A 9 -10.71 2.35 17.75
CA ALA A 9 -11.40 3.51 17.21
C ALA A 9 -10.48 4.24 16.24
N SER A 10 -11.07 5.14 15.46
CA SER A 10 -10.32 5.92 14.50
C SER A 10 -9.69 5.00 13.46
N LYS A 11 -9.20 5.62 12.39
CA LYS A 11 -8.58 4.86 11.31
C LYS A 11 -7.61 3.83 11.91
N ARG A 12 -7.70 2.62 11.42
CA ARG A 12 -6.84 1.54 11.89
C ARG A 12 -6.14 0.87 10.71
N TRP A 13 -4.82 0.89 10.76
CA TRP A 13 -4.01 0.29 9.71
C TRP A 13 -3.48 -1.05 10.24
N SER A 14 -3.49 -2.03 9.36
CA SER A 14 -3.01 -3.36 9.71
C SER A 14 -1.48 -3.35 9.85
N PRO A 15 -0.93 -4.54 10.19
CA PRO A 15 0.51 -4.67 10.35
C PRO A 15 1.22 -4.69 9.00
N PRO A 16 2.48 -4.18 9.00
CA PRO A 16 3.27 -4.12 7.78
C PRO A 16 3.80 -5.52 7.41
N ARG A 17 3.74 -5.80 6.12
CA ARG A 17 4.22 -7.08 5.63
C ARG A 17 5.69 -7.01 5.25
N GLY A 18 6.29 -8.17 5.08
CA GLY A 18 7.70 -8.25 4.71
C GLY A 18 7.88 -8.86 3.32
N ILE A 19 8.07 -7.98 2.34
CA ILE A 19 8.25 -8.42 0.97
C ILE A 19 9.75 -8.49 0.66
N HIS A 20 10.09 -9.39 -0.26
CA HIS A 20 11.47 -9.56 -0.66
C HIS A 20 11.55 -9.78 -2.17
N PHE A 21 12.10 -8.78 -2.84
CA PHE A 21 12.24 -8.85 -4.29
C PHE A 21 13.35 -7.92 -4.78
N THR A 22 13.60 -7.98 -6.08
CA THR A 22 14.63 -7.15 -6.69
C THR A 22 14.00 -6.13 -7.65
N VAL A 23 14.20 -4.87 -7.33
CA VAL A 23 13.66 -3.80 -8.16
C VAL A 23 14.12 -4.00 -9.60
N GLU A 24 13.25 -3.61 -10.52
CA GLU A 24 13.55 -3.75 -11.94
C GLU A 24 13.70 -2.36 -12.57
N GLU A 25 14.94 -2.04 -12.92
CA GLU A 25 15.23 -0.77 -13.55
C GLU A 25 14.87 -0.80 -15.04
N GLY A 26 13.63 -1.20 -15.30
CA GLY A 26 13.15 -1.28 -16.66
C GLY A 26 11.65 -1.53 -16.70
N ASP A 27 11.20 -2.39 -15.79
CA ASP A 27 9.78 -2.72 -15.71
C ASP A 27 9.47 -3.22 -14.30
N LEU A 28 9.13 -2.28 -13.43
CA LEU A 28 8.81 -2.61 -12.05
C LEU A 28 7.56 -3.51 -12.03
N GLY A 29 6.73 -3.33 -13.06
CA GLY A 29 5.51 -4.11 -13.16
C GLY A 29 4.37 -3.44 -12.39
N PHE A 30 4.70 -2.33 -11.76
CA PHE A 30 3.70 -1.58 -10.99
C PHE A 30 4.08 -0.10 -10.91
N THR A 31 3.13 0.68 -10.43
CA THR A 31 3.35 2.12 -10.29
C THR A 31 2.79 2.62 -8.96
N LEU A 32 2.99 3.90 -8.71
CA LEU A 32 2.52 4.52 -7.48
C LEU A 32 1.55 5.65 -7.82
N ARG A 33 0.47 5.72 -7.06
CA ARG A 33 -0.52 6.75 -7.27
C ARG A 33 -0.99 7.33 -5.93
N GLY A 34 -1.56 8.52 -6.00
CA GLY A 34 -2.03 9.19 -4.80
C GLY A 34 -0.98 10.16 -4.26
N ASN A 35 -1.14 10.49 -2.98
CA ASN A 35 -0.20 11.39 -2.33
C ASN A 35 0.65 10.61 -1.33
N THR A 36 0.02 10.22 -0.23
CA THR A 36 0.71 9.46 0.79
C THR A 36 -0.27 9.03 1.88
N PRO A 37 -0.09 7.76 2.34
CA PRO A 37 0.96 6.91 1.82
C PRO A 37 0.60 6.39 0.42
N VAL A 38 1.57 6.51 -0.49
CA VAL A 38 1.36 6.06 -1.85
C VAL A 38 0.82 4.63 -1.84
N GLN A 39 0.20 4.26 -2.95
CA GLN A 39 -0.37 2.93 -3.08
C GLN A 39 0.38 2.13 -4.14
N VAL A 40 -0.06 0.90 -4.34
CA VAL A 40 0.55 0.02 -5.32
C VAL A 40 -0.49 -0.37 -6.38
N HIS A 41 -0.30 0.20 -7.56
CA HIS A 41 -1.22 -0.07 -8.66
C HIS A 41 -0.59 -1.11 -9.60
N PHE A 42 -0.80 -2.37 -9.25
CA PHE A 42 -0.26 -3.46 -10.04
C PHE A 42 -0.74 -3.38 -11.49
N LEU A 43 0.20 -3.58 -12.41
CA LEU A 43 -0.11 -3.52 -13.82
C LEU A 43 0.11 -4.90 -14.44
N ASP A 44 1.25 -5.49 -14.10
CA ASP A 44 1.59 -6.80 -14.61
C ASP A 44 1.36 -7.85 -13.52
N PRO A 45 0.55 -8.90 -13.89
CA PRO A 45 0.24 -9.96 -12.95
C PRO A 45 1.43 -10.90 -12.77
N HIS A 46 2.47 -10.63 -13.55
CA HIS A 46 3.68 -11.44 -13.48
C HIS A 46 4.91 -10.53 -13.41
N CYS A 47 4.98 -9.77 -12.32
CA CYS A 47 6.09 -8.87 -12.11
C CYS A 47 6.82 -9.28 -10.83
N SER A 48 8.05 -8.79 -10.71
CA SER A 48 8.85 -9.11 -9.55
C SER A 48 8.06 -8.85 -8.27
N ALA A 49 7.68 -7.60 -8.08
CA ALA A 49 6.91 -7.22 -6.91
C ALA A 49 5.86 -8.28 -6.61
N SER A 50 4.91 -8.39 -7.52
CA SER A 50 3.85 -9.38 -7.37
C SER A 50 4.44 -10.74 -7.03
N LEU A 51 5.36 -11.18 -7.88
CA LEU A 51 6.01 -12.46 -7.68
C LEU A 51 6.55 -12.53 -6.25
N ALA A 52 6.87 -11.37 -5.70
CA ALA A 52 7.39 -11.29 -4.35
C ALA A 52 6.31 -11.73 -3.35
N GLY A 53 5.14 -11.15 -3.51
CA GLY A 53 4.01 -11.47 -2.65
C GLY A 53 3.29 -10.20 -2.20
N ALA A 54 3.08 -9.31 -3.15
CA ALA A 54 2.39 -8.05 -2.87
C ALA A 54 0.98 -8.11 -3.43
N LYS A 55 0.16 -7.17 -3.00
CA LYS A 55 -1.21 -7.09 -3.46
C LYS A 55 -1.56 -5.65 -3.80
N GLU A 56 -2.70 -5.48 -4.45
CA GLU A 56 -3.16 -4.15 -4.85
C GLU A 56 -3.70 -3.41 -3.63
N GLY A 57 -3.68 -2.08 -3.73
CA GLY A 57 -4.16 -1.24 -2.65
C GLY A 57 -3.18 -1.22 -1.48
N ASP A 58 -1.96 -1.67 -1.76
CA ASP A 58 -0.92 -1.72 -0.76
C ASP A 58 -0.32 -0.32 -0.58
N TYR A 59 -0.16 0.07 0.67
CA TYR A 59 0.40 1.38 0.97
C TYR A 59 1.83 1.25 1.52
N ILE A 60 2.78 1.70 0.73
CA ILE A 60 4.17 1.64 1.11
C ILE A 60 4.39 2.47 2.38
N VAL A 61 5.12 1.89 3.31
CA VAL A 61 5.40 2.55 4.57
C VAL A 61 6.92 2.78 4.70
N SER A 62 7.67 1.80 4.24
CA SER A 62 9.13 1.87 4.29
C SER A 62 9.73 1.03 3.18
N ILE A 63 11.00 1.30 2.90
CA ILE A 63 11.71 0.57 1.86
C ILE A 63 13.18 0.42 2.27
N GLN A 64 13.52 -0.79 2.70
CA GLN A 64 14.89 -1.08 3.11
C GLN A 64 15.21 -0.33 4.42
N GLY A 65 14.18 -0.16 5.24
CA GLY A 65 14.34 0.53 6.50
C GLY A 65 14.03 2.01 6.36
N VAL A 66 14.00 2.47 5.12
CA VAL A 66 13.72 3.87 4.83
C VAL A 66 12.23 4.13 5.05
N ASP A 67 11.91 5.40 5.22
CA ASP A 67 10.53 5.80 5.43
C ASP A 67 9.85 6.06 4.07
N CYS A 68 8.65 5.53 3.94
CA CYS A 68 7.90 5.69 2.70
C CYS A 68 6.42 5.78 3.05
N LYS A 69 6.15 6.36 4.21
CA LYS A 69 4.78 6.52 4.68
C LYS A 69 4.34 7.98 4.48
N TRP A 70 5.32 8.87 4.52
CA TRP A 70 5.05 10.28 4.33
C TRP A 70 5.58 10.70 2.97
N LEU A 71 6.48 9.89 2.44
CA LEU A 71 7.08 10.15 1.15
C LEU A 71 5.98 10.16 0.08
N THR A 72 6.21 10.94 -0.96
CA THR A 72 5.25 11.04 -2.05
C THR A 72 5.47 9.93 -3.07
N VAL A 73 4.93 10.14 -4.26
CA VAL A 73 5.06 9.16 -5.32
C VAL A 73 6.47 9.23 -5.91
N SER A 74 6.96 10.46 -6.03
CA SER A 74 8.29 10.69 -6.57
C SER A 74 9.35 10.19 -5.58
N GLU A 75 9.29 10.75 -4.37
CA GLU A 75 10.23 10.37 -3.34
C GLU A 75 10.44 8.85 -3.33
N VAL A 76 9.39 8.14 -2.96
CA VAL A 76 9.46 6.68 -2.91
C VAL A 76 10.14 6.17 -4.18
N MET A 77 9.52 6.47 -5.31
CA MET A 77 10.06 6.05 -6.59
C MET A 77 11.58 6.16 -6.62
N LYS A 78 12.05 7.39 -6.49
CA LYS A 78 13.48 7.65 -6.50
C LYS A 78 14.16 6.75 -5.48
N LEU A 79 13.46 6.50 -4.38
CA LEU A 79 13.98 5.65 -3.33
C LEU A 79 14.09 4.21 -3.83
N LEU A 80 13.18 3.88 -4.75
CA LEU A 80 13.17 2.55 -5.33
C LEU A 80 14.28 2.42 -6.37
N LYS A 81 14.35 3.42 -7.23
CA LYS A 81 15.36 3.44 -8.28
C LYS A 81 16.74 3.20 -7.66
N SER A 82 17.04 4.00 -6.64
CA SER A 82 18.32 3.87 -5.96
C SER A 82 18.64 2.40 -5.70
N PHE A 83 17.60 1.65 -5.38
CA PHE A 83 17.76 0.23 -5.11
C PHE A 83 17.40 -0.61 -6.35
N GLY A 84 17.79 -0.09 -7.51
CA GLY A 84 17.52 -0.78 -8.76
C GLY A 84 18.39 -2.02 -8.90
N GLY A 85 17.74 -3.15 -9.13
CA GLY A 85 18.44 -4.41 -9.29
C GLY A 85 19.10 -4.83 -7.98
N GLU A 86 18.45 -4.47 -6.88
CA GLU A 86 18.98 -4.81 -5.56
C GLU A 86 17.85 -5.30 -4.66
N GLU A 87 18.03 -6.50 -4.13
CA GLU A 87 17.04 -7.09 -3.25
C GLU A 87 16.77 -6.18 -2.05
N VAL A 88 15.55 -5.68 -1.99
CA VAL A 88 15.15 -4.80 -0.92
C VAL A 88 13.96 -5.40 -0.18
N GLU A 89 13.71 -4.87 1.02
CA GLU A 89 12.60 -5.34 1.83
C GLU A 89 11.51 -4.27 1.91
N MET A 90 10.46 -4.48 1.13
CA MET A 90 9.34 -3.55 1.11
C MET A 90 8.27 -3.95 2.12
N LYS A 91 7.68 -2.94 2.74
CA LYS A 91 6.64 -3.17 3.72
C LYS A 91 5.38 -2.41 3.33
N VAL A 92 4.26 -3.10 3.37
CA VAL A 92 2.98 -2.49 3.02
C VAL A 92 1.95 -2.83 4.11
N VAL A 93 0.87 -2.05 4.10
CA VAL A 93 -0.18 -2.24 5.08
C VAL A 93 -1.54 -2.04 4.39
N SER A 94 -2.49 -2.89 4.76
CA SER A 94 -3.82 -2.82 4.19
C SER A 94 -4.67 -1.83 4.99
N LEU A 95 -5.39 -0.99 4.25
CA LEU A 95 -6.25 0.01 4.87
C LEU A 95 -7.58 -0.63 5.25
N LEU A 96 -7.97 -0.41 6.50
CA LEU A 96 -9.22 -0.96 6.99
C LEU A 96 -10.11 0.18 7.51
N ASP A 97 -11.18 -0.21 8.18
CA ASP A 97 -12.11 0.76 8.73
C ASP A 97 -12.97 0.09 9.81
N SER A 98 -13.64 0.93 10.59
CA SER A 98 -14.49 0.44 11.66
C SER A 98 -15.89 0.16 11.12
N THR A 99 -16.55 1.24 10.71
CA THR A 99 -17.90 1.12 10.17
C THR A 99 -17.86 0.58 8.73
N SER A 100 -18.98 0.00 8.33
CA SER A 100 -19.09 -0.56 6.99
C SER A 100 -20.49 -1.16 6.80
N SER A 101 -21.36 -0.36 6.21
CA SER A 101 -22.72 -0.81 5.95
C SER A 101 -23.14 -0.42 4.53
N MET A 102 -23.53 -1.43 3.77
CA MET A 102 -23.95 -1.21 2.39
C MET A 102 -25.30 -1.87 2.12
N HIS A 103 -26.04 -1.27 1.19
CA HIS A 103 -27.35 -1.79 0.83
C HIS A 103 -27.77 -1.23 -0.52
N ASN A 104 -28.51 -2.04 -1.27
CA ASN A 104 -28.98 -1.64 -2.57
C ASN A 104 -29.78 -2.78 -3.19
N LYS A 105 -31.03 -2.46 -3.55
CA LYS A 105 -31.91 -3.45 -4.14
C LYS A 105 -32.41 -2.93 -5.50
N SER A 106 -32.48 -3.84 -6.46
CA SER A 106 -32.95 -3.48 -7.79
C SER A 106 -32.97 -4.74 -8.68
N GLY A 107 -33.97 -4.78 -9.55
CA GLY A 107 -34.12 -5.90 -10.45
C GLY A 107 -35.50 -5.88 -11.12
N PRO A 108 -35.52 -6.30 -12.41
CA PRO A 108 -36.75 -6.34 -13.17
C PRO A 108 -37.62 -7.52 -12.75
N SER A 109 -38.76 -7.64 -13.41
CA SER A 109 -39.68 -8.74 -13.12
C SER A 109 -40.65 -8.93 -14.28
N SER A 110 -40.63 -10.14 -14.82
CA SER A 110 -41.50 -10.48 -15.94
C SER A 110 -42.94 -10.67 -15.46
N GLY A 111 -43.85 -10.71 -16.41
CA GLY A 111 -45.26 -10.88 -16.09
C GLY A 111 -46.06 -9.64 -16.48
N GLY A 1 4.54 7.72 20.57
CA GLY A 1 3.57 7.43 19.53
C GLY A 1 2.49 8.50 19.47
N SER A 2 1.52 8.37 20.37
CA SER A 2 0.43 9.33 20.43
C SER A 2 0.01 9.56 21.89
N SER A 3 -0.63 10.69 22.11
CA SER A 3 -1.08 11.05 23.45
C SER A 3 -2.21 12.07 23.36
N GLY A 4 -2.99 12.14 24.44
CA GLY A 4 -4.10 13.08 24.50
C GLY A 4 -5.42 12.33 24.68
N SER A 5 -6.49 12.95 24.20
CA SER A 5 -7.81 12.36 24.30
C SER A 5 -8.44 12.24 22.91
N SER A 6 -9.24 11.19 22.74
CA SER A 6 -9.90 10.96 21.47
C SER A 6 -11.06 9.98 21.66
N GLY A 7 -12.26 10.51 21.51
CA GLY A 7 -13.46 9.70 21.66
C GLY A 7 -13.29 8.34 20.99
N SER A 8 -13.49 8.33 19.68
CA SER A 8 -13.37 7.10 18.92
C SER A 8 -13.68 7.37 17.44
N ALA A 9 -12.65 7.84 16.73
CA ALA A 9 -12.80 8.13 15.32
C ALA A 9 -11.42 8.12 14.65
N SER A 10 -11.07 6.98 14.09
CA SER A 10 -9.78 6.84 13.43
C SER A 10 -9.75 5.52 12.64
N LYS A 11 -9.02 5.55 11.54
CA LYS A 11 -8.89 4.37 10.70
C LYS A 11 -7.78 3.47 11.24
N ARG A 12 -7.92 2.19 10.95
CA ARG A 12 -6.94 1.21 11.41
C ARG A 12 -6.12 0.69 10.23
N TRP A 13 -4.85 0.42 10.49
CA TRP A 13 -3.96 -0.08 9.47
C TRP A 13 -3.41 -1.43 9.95
N SER A 14 -3.56 -2.43 9.08
CA SER A 14 -3.09 -3.77 9.39
C SER A 14 -1.57 -3.76 9.54
N PRO A 15 -1.02 -4.96 9.87
CA PRO A 15 0.42 -5.11 10.05
C PRO A 15 1.14 -5.10 8.71
N PRO A 16 2.39 -4.57 8.72
CA PRO A 16 3.19 -4.49 7.51
C PRO A 16 3.75 -5.87 7.14
N ARG A 17 3.89 -6.09 5.85
CA ARG A 17 4.41 -7.35 5.35
C ARG A 17 5.80 -7.14 4.73
N GLY A 18 6.74 -7.94 5.20
CA GLY A 18 8.11 -7.87 4.70
C GLY A 18 8.25 -8.60 3.37
N ILE A 19 8.31 -7.81 2.30
CA ILE A 19 8.44 -8.38 0.96
C ILE A 19 9.91 -8.39 0.57
N HIS A 20 10.28 -9.40 -0.20
CA HIS A 20 11.66 -9.53 -0.65
C HIS A 20 11.68 -9.73 -2.17
N PHE A 21 12.19 -8.72 -2.86
CA PHE A 21 12.26 -8.76 -4.31
C PHE A 21 13.35 -7.81 -4.83
N THR A 22 13.59 -7.89 -6.13
CA THR A 22 14.59 -7.05 -6.76
C THR A 22 13.92 -6.01 -7.67
N VAL A 23 14.41 -4.79 -7.55
CA VAL A 23 13.87 -3.69 -8.35
C VAL A 23 14.21 -3.92 -9.82
N GLU A 24 13.22 -3.71 -10.67
CA GLU A 24 13.40 -3.90 -12.10
C GLU A 24 14.08 -2.67 -12.71
N GLU A 25 14.47 -1.75 -11.84
CA GLU A 25 15.13 -0.53 -12.27
C GLU A 25 14.60 -0.11 -13.64
N GLY A 26 13.29 0.11 -13.70
CA GLY A 26 12.66 0.52 -14.94
C GLY A 26 11.37 -0.28 -15.18
N ASP A 27 11.48 -1.59 -15.01
CA ASP A 27 10.35 -2.47 -15.20
C ASP A 27 9.79 -2.89 -13.84
N LEU A 28 9.56 -1.90 -13.00
CA LEU A 28 9.03 -2.15 -11.66
C LEU A 28 7.83 -3.09 -11.77
N GLY A 29 7.08 -2.91 -12.85
CA GLY A 29 5.90 -3.73 -13.08
C GLY A 29 4.66 -3.07 -12.49
N PHE A 30 4.86 -1.91 -11.90
CA PHE A 30 3.77 -1.17 -11.29
C PHE A 30 4.14 0.30 -11.12
N THR A 31 3.16 1.08 -10.66
CA THR A 31 3.36 2.50 -10.46
C THR A 31 2.78 2.93 -9.11
N LEU A 32 2.96 4.20 -8.79
CA LEU A 32 2.46 4.75 -7.55
C LEU A 32 1.45 5.86 -7.85
N ARG A 33 0.33 5.81 -7.16
CA ARG A 33 -0.71 6.81 -7.33
C ARG A 33 -1.17 7.36 -5.98
N GLY A 34 -1.70 8.57 -6.03
CA GLY A 34 -2.18 9.22 -4.81
C GLY A 34 -1.13 10.20 -4.27
N ASN A 35 -1.27 10.52 -3.00
CA ASN A 35 -0.35 11.45 -2.35
C ASN A 35 0.51 10.67 -1.35
N THR A 36 -0.13 10.24 -0.27
CA THR A 36 0.56 9.49 0.76
C THR A 36 -0.42 9.05 1.84
N PRO A 37 -0.23 7.78 2.31
CA PRO A 37 0.85 6.95 1.80
C PRO A 37 0.51 6.42 0.40
N VAL A 38 1.47 6.55 -0.49
CA VAL A 38 1.29 6.09 -1.87
C VAL A 38 0.86 4.62 -1.85
N GLN A 39 0.05 4.26 -2.84
CA GLN A 39 -0.44 2.90 -2.95
C GLN A 39 0.34 2.14 -4.03
N VAL A 40 -0.11 0.94 -4.31
CA VAL A 40 0.53 0.11 -5.31
C VAL A 40 -0.48 -0.21 -6.42
N HIS A 41 -0.27 0.44 -7.56
CA HIS A 41 -1.14 0.24 -8.70
C HIS A 41 -0.55 -0.82 -9.62
N PHE A 42 -0.50 -2.03 -9.10
CA PHE A 42 0.04 -3.15 -9.86
C PHE A 42 -0.49 -3.15 -11.29
N LEU A 43 0.43 -3.34 -12.23
CA LEU A 43 0.06 -3.36 -13.63
C LEU A 43 0.38 -4.74 -14.22
N ASP A 44 1.52 -5.27 -13.81
CA ASP A 44 1.94 -6.58 -14.29
C ASP A 44 1.83 -7.59 -13.15
N PRO A 45 0.90 -8.57 -13.33
CA PRO A 45 0.69 -9.59 -12.33
C PRO A 45 1.82 -10.62 -12.34
N HIS A 46 2.78 -10.39 -13.24
CA HIS A 46 3.91 -11.28 -13.37
C HIS A 46 5.21 -10.49 -13.15
N CYS A 47 5.14 -9.56 -12.22
CA CYS A 47 6.30 -8.73 -11.91
C CYS A 47 6.93 -9.26 -10.61
N SER A 48 8.20 -8.92 -10.43
CA SER A 48 8.92 -9.34 -9.25
C SER A 48 8.10 -9.06 -7.99
N ALA A 49 7.77 -7.79 -7.82
CA ALA A 49 6.99 -7.37 -6.66
C ALA A 49 5.90 -8.41 -6.39
N SER A 50 4.91 -8.43 -7.26
CA SER A 50 3.81 -9.36 -7.13
C SER A 50 4.35 -10.77 -6.87
N LEU A 51 5.24 -11.20 -7.75
CA LEU A 51 5.84 -12.52 -7.62
C LEU A 51 6.40 -12.69 -6.20
N ALA A 52 6.73 -11.57 -5.59
CA ALA A 52 7.26 -11.58 -4.24
C ALA A 52 6.16 -12.00 -3.26
N GLY A 53 5.06 -11.25 -3.29
CA GLY A 53 3.94 -11.53 -2.42
C GLY A 53 3.22 -10.25 -2.02
N ALA A 54 3.00 -9.39 -3.02
CA ALA A 54 2.33 -8.13 -2.78
C ALA A 54 0.98 -8.14 -3.50
N LYS A 55 0.16 -7.16 -3.15
CA LYS A 55 -1.16 -7.04 -3.75
C LYS A 55 -1.52 -5.56 -3.90
N GLU A 56 -2.47 -5.30 -4.79
CA GLU A 56 -2.91 -3.94 -5.03
C GLU A 56 -3.48 -3.32 -3.74
N GLY A 57 -3.72 -2.02 -3.81
CA GLY A 57 -4.25 -1.31 -2.66
C GLY A 57 -3.26 -1.33 -1.50
N ASP A 58 -2.04 -1.72 -1.81
CA ASP A 58 -1.00 -1.79 -0.79
C ASP A 58 -0.40 -0.39 -0.59
N TYR A 59 -0.26 -0.03 0.68
CA TYR A 59 0.30 1.28 1.01
C TYR A 59 1.73 1.14 1.52
N ILE A 60 2.65 1.69 0.74
CA ILE A 60 4.06 1.65 1.10
C ILE A 60 4.28 2.46 2.38
N VAL A 61 4.93 1.82 3.34
CA VAL A 61 5.22 2.47 4.61
C VAL A 61 6.72 2.73 4.71
N SER A 62 7.49 1.77 4.24
CA SER A 62 8.95 1.89 4.28
C SER A 62 9.57 0.97 3.22
N ILE A 63 10.86 1.19 2.98
CA ILE A 63 11.58 0.40 2.00
C ILE A 63 12.99 0.12 2.52
N GLN A 64 13.25 -1.15 2.77
CA GLN A 64 14.56 -1.57 3.27
C GLN A 64 14.73 -1.14 4.73
N GLY A 65 14.60 0.16 4.95
CA GLY A 65 14.73 0.70 6.29
C GLY A 65 14.58 2.22 6.29
N VAL A 66 13.70 2.70 5.42
CA VAL A 66 13.46 4.13 5.30
C VAL A 66 11.97 4.41 5.50
N ASP A 67 11.67 5.64 5.88
CA ASP A 67 10.29 6.04 6.10
C ASP A 67 9.65 6.40 4.75
N CYS A 68 8.55 5.71 4.45
CA CYS A 68 7.84 5.94 3.21
C CYS A 68 6.35 6.01 3.53
N LYS A 69 6.02 6.77 4.56
CA LYS A 69 4.65 6.94 4.97
C LYS A 69 4.17 8.34 4.59
N TRP A 70 5.12 9.26 4.55
CA TRP A 70 4.81 10.64 4.21
C TRP A 70 5.33 10.90 2.80
N LEU A 71 6.46 10.29 2.50
CA LEU A 71 7.08 10.45 1.19
C LEU A 71 5.98 10.42 0.11
N THR A 72 6.26 11.10 -0.99
CA THR A 72 5.31 11.16 -2.10
C THR A 72 5.56 9.99 -3.06
N VAL A 73 5.06 10.18 -4.28
CA VAL A 73 5.22 9.16 -5.31
C VAL A 73 6.62 9.25 -5.90
N SER A 74 7.13 10.47 -5.93
CA SER A 74 8.47 10.70 -6.47
C SER A 74 9.53 10.18 -5.49
N GLU A 75 9.53 10.78 -4.31
CA GLU A 75 10.48 10.38 -3.28
C GLU A 75 10.68 8.87 -3.29
N VAL A 76 9.58 8.16 -3.11
CA VAL A 76 9.62 6.71 -3.09
C VAL A 76 10.23 6.20 -4.40
N MET A 77 9.57 6.55 -5.50
CA MET A 77 10.04 6.14 -6.81
C MET A 77 11.57 6.19 -6.89
N LYS A 78 12.12 7.23 -6.28
CA LYS A 78 13.56 7.41 -6.27
C LYS A 78 14.19 6.42 -5.29
N LEU A 79 13.61 6.37 -4.10
CA LEU A 79 14.10 5.48 -3.06
C LEU A 79 14.08 4.04 -3.59
N LEU A 80 13.26 3.81 -4.59
CA LEU A 80 13.15 2.50 -5.19
C LEU A 80 14.17 2.37 -6.31
N LYS A 81 14.19 3.37 -7.17
CA LYS A 81 15.12 3.38 -8.30
C LYS A 81 16.55 3.23 -7.77
N SER A 82 16.86 4.04 -6.75
CA SER A 82 18.18 4.00 -6.15
C SER A 82 18.62 2.55 -5.94
N PHE A 83 17.65 1.71 -5.59
CA PHE A 83 17.93 0.31 -5.35
C PHE A 83 17.65 -0.53 -6.60
N GLY A 84 17.96 0.07 -7.74
CA GLY A 84 17.75 -0.61 -9.01
C GLY A 84 18.59 -1.89 -9.10
N GLY A 85 17.90 -2.98 -9.39
CA GLY A 85 18.56 -4.27 -9.51
C GLY A 85 19.22 -4.67 -8.18
N GLU A 86 18.54 -4.30 -7.09
CA GLU A 86 19.05 -4.62 -5.77
C GLU A 86 17.90 -5.05 -4.86
N GLU A 87 18.04 -6.24 -4.31
CA GLU A 87 17.02 -6.79 -3.42
C GLU A 87 16.75 -5.82 -2.26
N VAL A 88 15.49 -5.44 -2.15
CA VAL A 88 15.08 -4.51 -1.10
C VAL A 88 13.92 -5.13 -0.31
N GLU A 89 13.61 -4.50 0.81
CA GLU A 89 12.53 -4.97 1.66
C GLU A 89 11.43 -3.91 1.74
N MET A 90 10.39 -4.12 0.94
CA MET A 90 9.26 -3.21 0.91
C MET A 90 8.17 -3.64 1.88
N LYS A 91 7.67 -2.69 2.64
CA LYS A 91 6.63 -2.97 3.61
C LYS A 91 5.33 -2.30 3.15
N VAL A 92 4.23 -3.04 3.29
CA VAL A 92 2.93 -2.55 2.91
C VAL A 92 1.90 -2.91 3.97
N VAL A 93 0.90 -2.07 4.10
CA VAL A 93 -0.16 -2.29 5.08
C VAL A 93 -1.52 -2.10 4.41
N SER A 94 -2.56 -2.51 5.12
CA SER A 94 -3.92 -2.39 4.61
C SER A 94 -4.67 -1.29 5.36
N LEU A 95 -5.62 -0.70 4.67
CA LEU A 95 -6.41 0.37 5.25
C LEU A 95 -7.78 -0.18 5.65
N LEU A 96 -8.15 0.09 6.90
CA LEU A 96 -9.43 -0.37 7.41
C LEU A 96 -10.24 0.83 7.91
N ASP A 97 -11.47 0.91 7.43
CA ASP A 97 -12.35 2.00 7.82
C ASP A 97 -13.34 1.49 8.87
N SER A 98 -14.05 2.45 9.47
CA SER A 98 -15.04 2.12 10.49
C SER A 98 -16.13 1.24 9.88
N THR A 99 -16.82 1.80 8.90
CA THR A 99 -17.90 1.09 8.23
C THR A 99 -18.37 1.87 6.99
N SER A 100 -19.09 1.17 6.13
CA SER A 100 -19.60 1.77 4.92
C SER A 100 -20.83 1.01 4.43
N SER A 101 -21.63 1.69 3.61
CA SER A 101 -22.84 1.09 3.07
C SER A 101 -23.53 2.07 2.12
N MET A 102 -24.15 1.51 1.10
CA MET A 102 -24.85 2.32 0.11
C MET A 102 -26.24 1.74 -0.18
N HIS A 103 -27.24 2.60 -0.08
CA HIS A 103 -28.61 2.19 -0.32
C HIS A 103 -29.23 3.13 -1.36
N ASN A 104 -30.02 2.53 -2.24
CA ASN A 104 -30.70 3.29 -3.29
C ASN A 104 -31.57 2.34 -4.11
N LYS A 105 -32.87 2.61 -4.07
CA LYS A 105 -33.83 1.80 -4.80
C LYS A 105 -34.97 2.68 -5.30
N SER A 106 -35.14 2.69 -6.61
CA SER A 106 -36.19 3.48 -7.23
C SER A 106 -36.61 2.86 -8.56
N GLY A 107 -37.81 3.22 -9.00
CA GLY A 107 -38.34 2.71 -10.25
C GLY A 107 -39.83 2.44 -10.15
N PRO A 108 -40.64 3.42 -10.62
CA PRO A 108 -42.08 3.31 -10.59
C PRO A 108 -42.58 2.34 -11.67
N SER A 109 -43.89 2.15 -11.71
CA SER A 109 -44.49 1.27 -12.69
C SER A 109 -46.01 1.44 -12.68
N SER A 110 -46.57 1.48 -13.88
CA SER A 110 -48.02 1.65 -14.02
C SER A 110 -48.39 1.61 -15.51
N GLY A 111 -49.51 0.95 -15.77
CA GLY A 111 -50.00 0.82 -17.14
C GLY A 111 -50.51 -0.59 -17.42
N GLY A 1 5.46 7.56 30.57
CA GLY A 1 6.73 6.90 30.33
C GLY A 1 6.67 6.01 29.09
N SER A 2 7.48 4.97 29.09
CA SER A 2 7.52 4.04 27.98
C SER A 2 6.33 3.08 28.05
N SER A 3 5.14 3.66 27.93
CA SER A 3 3.92 2.87 27.98
C SER A 3 2.95 3.34 26.90
N GLY A 4 2.44 2.38 26.13
CA GLY A 4 1.50 2.68 25.07
C GLY A 4 0.14 3.10 25.64
N SER A 5 -0.21 4.36 25.40
CA SER A 5 -1.47 4.89 25.89
C SER A 5 -2.14 5.71 24.79
N SER A 6 -3.29 5.22 24.34
CA SER A 6 -4.03 5.89 23.29
C SER A 6 -5.48 5.39 23.29
N GLY A 7 -6.36 6.22 22.71
CA GLY A 7 -7.76 5.88 22.63
C GLY A 7 -8.05 5.01 21.40
N SER A 8 -9.23 5.22 20.82
CA SER A 8 -9.64 4.47 19.65
C SER A 8 -10.59 5.30 18.79
N ALA A 9 -10.01 6.14 17.95
CA ALA A 9 -10.79 6.99 17.08
C ALA A 9 -9.91 7.51 15.94
N SER A 10 -9.62 6.62 15.00
CA SER A 10 -8.79 6.98 13.87
C SER A 10 -8.68 5.81 12.90
N LYS A 11 -8.49 6.14 11.63
CA LYS A 11 -8.38 5.12 10.61
C LYS A 11 -7.54 3.96 11.13
N ARG A 12 -7.99 2.75 10.83
CA ARG A 12 -7.30 1.55 11.27
C ARG A 12 -6.53 0.92 10.10
N TRP A 13 -5.26 0.66 10.35
CA TRP A 13 -4.40 0.07 9.34
C TRP A 13 -3.91 -1.29 9.86
N SER A 14 -3.58 -2.17 8.93
CA SER A 14 -3.10 -3.48 9.28
C SER A 14 -1.58 -3.45 9.46
N PRO A 15 -1.01 -4.65 9.80
CA PRO A 15 0.42 -4.77 10.01
C PRO A 15 1.17 -4.77 8.67
N PRO A 16 2.41 -4.21 8.71
CA PRO A 16 3.23 -4.15 7.52
C PRO A 16 3.81 -5.52 7.17
N ARG A 17 3.63 -5.90 5.91
CA ARG A 17 4.13 -7.18 5.43
C ARG A 17 5.59 -7.06 5.01
N GLY A 18 6.27 -8.20 5.00
CA GLY A 18 7.67 -8.24 4.62
C GLY A 18 7.84 -8.78 3.20
N ILE A 19 8.13 -7.87 2.28
CA ILE A 19 8.32 -8.24 0.89
C ILE A 19 9.81 -8.33 0.59
N HIS A 20 10.15 -9.22 -0.33
CA HIS A 20 11.53 -9.41 -0.73
C HIS A 20 11.62 -9.63 -2.23
N PHE A 21 12.19 -8.63 -2.91
CA PHE A 21 12.34 -8.70 -4.36
C PHE A 21 13.46 -7.79 -4.83
N THR A 22 13.70 -7.83 -6.13
CA THR A 22 14.74 -7.01 -6.73
C THR A 22 14.14 -5.98 -7.68
N VAL A 23 14.42 -4.72 -7.40
CA VAL A 23 13.91 -3.64 -8.23
C VAL A 23 14.36 -3.84 -9.67
N GLU A 24 13.73 -3.10 -10.57
CA GLU A 24 14.05 -3.20 -11.98
C GLU A 24 14.25 -1.80 -12.57
N GLU A 25 15.47 -1.30 -12.44
CA GLU A 25 15.79 0.01 -12.96
C GLU A 25 15.80 0.00 -14.49
N GLY A 26 14.66 -0.38 -15.05
CA GLY A 26 14.52 -0.45 -16.49
C GLY A 26 13.07 -0.69 -16.89
N ASP A 27 12.42 -1.56 -16.12
CA ASP A 27 11.03 -1.89 -16.39
C ASP A 27 10.39 -2.43 -15.11
N LEU A 28 9.64 -1.56 -14.45
CA LEU A 28 8.97 -1.94 -13.21
C LEU A 28 7.63 -2.62 -13.54
N GLY A 29 7.25 -3.55 -12.70
CA GLY A 29 6.01 -4.28 -12.89
C GLY A 29 4.86 -3.62 -12.12
N PHE A 30 5.04 -2.34 -11.83
CA PHE A 30 4.04 -1.59 -11.10
C PHE A 30 4.37 -0.09 -11.09
N THR A 31 3.47 0.69 -10.51
CA THR A 31 3.66 2.12 -10.43
C THR A 31 3.13 2.66 -9.09
N LEU A 32 3.31 3.95 -8.90
CA LEU A 32 2.86 4.59 -7.67
C LEU A 32 1.94 5.76 -8.03
N ARG A 33 0.75 5.72 -7.46
CA ARG A 33 -0.23 6.77 -7.71
C ARG A 33 -0.79 7.30 -6.38
N GLY A 34 -1.42 8.46 -6.46
CA GLY A 34 -1.99 9.08 -5.29
C GLY A 34 -1.02 10.06 -4.65
N ASN A 35 -1.20 10.27 -3.35
CA ASN A 35 -0.33 11.18 -2.61
C ASN A 35 0.51 10.37 -1.62
N THR A 36 -0.12 10.01 -0.51
CA THR A 36 0.56 9.26 0.53
C THR A 36 -0.44 8.79 1.58
N PRO A 37 -0.24 7.52 2.04
CA PRO A 37 0.84 6.70 1.53
C PRO A 37 0.53 6.19 0.13
N VAL A 38 1.51 6.33 -0.75
CA VAL A 38 1.36 5.88 -2.12
C VAL A 38 0.96 4.40 -2.13
N GLN A 39 0.08 4.06 -3.07
CA GLN A 39 -0.39 2.69 -3.20
C GLN A 39 0.43 1.94 -4.25
N VAL A 40 -0.02 0.73 -4.55
CA VAL A 40 0.65 -0.09 -5.54
C VAL A 40 -0.35 -0.52 -6.61
N HIS A 41 -0.10 -0.06 -7.82
CA HIS A 41 -0.97 -0.38 -8.94
C HIS A 41 -0.27 -1.39 -9.86
N PHE A 42 -0.45 -2.66 -9.53
CA PHE A 42 0.16 -3.73 -10.31
C PHE A 42 -0.29 -3.65 -11.78
N LEU A 43 0.69 -3.67 -12.67
CA LEU A 43 0.41 -3.61 -14.09
C LEU A 43 0.58 -5.00 -14.70
N ASP A 44 1.47 -5.78 -14.08
CA ASP A 44 1.74 -7.13 -14.56
C ASP A 44 1.56 -8.10 -13.39
N PRO A 45 0.75 -9.17 -13.66
CA PRO A 45 0.49 -10.18 -12.65
C PRO A 45 1.69 -11.11 -12.48
N HIS A 46 2.64 -10.96 -13.40
CA HIS A 46 3.84 -11.78 -13.36
C HIS A 46 5.08 -10.88 -13.51
N CYS A 47 5.28 -10.04 -12.50
CA CYS A 47 6.41 -9.13 -12.51
C CYS A 47 7.42 -9.61 -11.46
N SER A 48 7.46 -8.91 -10.35
CA SER A 48 8.37 -9.25 -9.27
C SER A 48 7.72 -8.92 -7.92
N ALA A 49 7.32 -7.67 -7.78
CA ALA A 49 6.69 -7.22 -6.55
C ALA A 49 5.52 -8.14 -6.21
N SER A 50 4.72 -8.43 -7.24
CA SER A 50 3.57 -9.29 -7.07
C SER A 50 4.01 -10.70 -6.67
N LEU A 51 4.97 -11.22 -7.43
CA LEU A 51 5.49 -12.55 -7.17
C LEU A 51 6.22 -12.55 -5.82
N ALA A 52 6.61 -11.36 -5.40
CA ALA A 52 7.32 -11.21 -4.13
C ALA A 52 6.36 -11.53 -2.99
N GLY A 53 5.30 -10.73 -2.90
CA GLY A 53 4.31 -10.92 -1.85
C GLY A 53 3.51 -9.63 -1.62
N ALA A 54 3.13 -9.00 -2.72
CA ALA A 54 2.37 -7.77 -2.65
C ALA A 54 1.04 -7.95 -3.39
N LYS A 55 0.07 -7.11 -3.02
CA LYS A 55 -1.23 -7.17 -3.64
C LYS A 55 -1.67 -5.75 -4.04
N GLU A 56 -2.74 -5.69 -4.81
CA GLU A 56 -3.28 -4.42 -5.26
C GLU A 56 -3.88 -3.65 -4.08
N GLY A 57 -3.50 -2.39 -3.99
CA GLY A 57 -4.00 -1.53 -2.91
C GLY A 57 -3.02 -1.52 -1.73
N ASP A 58 -1.79 -1.91 -2.02
CA ASP A 58 -0.75 -1.93 -1.00
C ASP A 58 -0.16 -0.54 -0.84
N TYR A 59 -0.04 -0.12 0.41
CA TYR A 59 0.51 1.19 0.71
C TYR A 59 1.94 1.07 1.27
N ILE A 60 2.89 1.58 0.50
CA ILE A 60 4.28 1.53 0.90
C ILE A 60 4.47 2.32 2.20
N VAL A 61 5.08 1.67 3.17
CA VAL A 61 5.32 2.29 4.45
C VAL A 61 6.82 2.49 4.65
N SER A 62 7.59 1.53 4.13
CA SER A 62 9.04 1.59 4.24
C SER A 62 9.68 0.69 3.18
N ILE A 63 10.91 1.03 2.83
CA ILE A 63 11.64 0.28 1.84
C ILE A 63 13.07 0.03 2.32
N GLN A 64 13.37 -1.23 2.58
CA GLN A 64 14.70 -1.60 3.05
C GLN A 64 14.86 -1.22 4.52
N GLY A 65 14.64 0.05 4.81
CA GLY A 65 14.75 0.54 6.16
C GLY A 65 14.55 2.06 6.22
N VAL A 66 13.64 2.53 5.38
CA VAL A 66 13.34 3.96 5.31
C VAL A 66 11.84 4.17 5.51
N ASP A 67 11.49 5.40 5.84
CA ASP A 67 10.09 5.74 6.07
C ASP A 67 9.47 6.21 4.74
N CYS A 68 8.52 5.43 4.27
CA CYS A 68 7.84 5.75 3.02
C CYS A 68 6.34 5.83 3.29
N LYS A 69 6.01 6.39 4.44
CA LYS A 69 4.62 6.53 4.83
C LYS A 69 4.16 7.98 4.57
N TRP A 70 5.12 8.88 4.58
CA TRP A 70 4.84 10.29 4.34
C TRP A 70 5.29 10.63 2.93
N LEU A 71 6.38 9.99 2.51
CA LEU A 71 6.93 10.22 1.18
C LEU A 71 5.80 10.12 0.15
N THR A 72 6.04 10.73 -1.00
CA THR A 72 5.06 10.71 -2.07
C THR A 72 5.42 9.65 -3.11
N VAL A 73 4.98 9.89 -4.33
CA VAL A 73 5.24 8.96 -5.43
C VAL A 73 6.68 9.16 -5.91
N SER A 74 7.08 10.42 -6.02
CA SER A 74 8.42 10.74 -6.47
C SER A 74 9.45 10.23 -5.46
N GLU A 75 9.40 10.80 -4.27
CA GLU A 75 10.32 10.42 -3.22
C GLU A 75 10.54 8.90 -3.22
N VAL A 76 9.44 8.19 -3.10
CA VAL A 76 9.49 6.73 -3.10
C VAL A 76 10.15 6.24 -4.39
N MET A 77 9.59 6.69 -5.51
CA MET A 77 10.11 6.31 -6.81
C MET A 77 11.64 6.35 -6.82
N LYS A 78 12.17 7.42 -6.26
CA LYS A 78 13.61 7.61 -6.19
C LYS A 78 14.20 6.62 -5.18
N LEU A 79 13.45 6.40 -4.11
CA LEU A 79 13.88 5.49 -3.07
C LEU A 79 13.92 4.06 -3.62
N LEU A 80 13.13 3.85 -4.67
CA LEU A 80 13.06 2.54 -5.30
C LEU A 80 14.12 2.44 -6.39
N LYS A 81 14.16 3.48 -7.22
CA LYS A 81 15.13 3.54 -8.30
C LYS A 81 16.54 3.41 -7.75
N SER A 82 16.81 4.21 -6.72
CA SER A 82 18.11 4.19 -6.08
C SER A 82 18.55 2.75 -5.81
N PHE A 83 17.58 1.94 -5.41
CA PHE A 83 17.86 0.54 -5.12
C PHE A 83 17.57 -0.33 -6.34
N GLY A 84 17.94 0.18 -7.50
CA GLY A 84 17.73 -0.54 -8.74
C GLY A 84 18.65 -1.77 -8.82
N GLY A 85 18.04 -2.91 -9.13
CA GLY A 85 18.79 -4.14 -9.24
C GLY A 85 19.44 -4.52 -7.91
N GLU A 86 18.74 -4.18 -6.83
CA GLU A 86 19.24 -4.46 -5.50
C GLU A 86 18.10 -4.98 -4.61
N GLU A 87 18.31 -6.19 -4.10
CA GLU A 87 17.32 -6.81 -3.24
C GLU A 87 17.02 -5.93 -2.04
N VAL A 88 15.80 -5.42 -2.00
CA VAL A 88 15.38 -4.55 -0.91
C VAL A 88 14.21 -5.20 -0.18
N GLU A 89 13.77 -4.53 0.87
CA GLU A 89 12.65 -5.02 1.67
C GLU A 89 11.56 -3.96 1.79
N MET A 90 10.55 -4.09 0.94
CA MET A 90 9.45 -3.15 0.94
C MET A 90 8.28 -3.68 1.78
N LYS A 91 7.84 -2.84 2.71
CA LYS A 91 6.73 -3.20 3.59
C LYS A 91 5.48 -2.43 3.16
N VAL A 92 4.36 -3.12 3.23
CA VAL A 92 3.09 -2.51 2.87
C VAL A 92 2.03 -2.89 3.90
N VAL A 93 0.99 -2.06 3.97
CA VAL A 93 -0.09 -2.30 4.91
C VAL A 93 -1.43 -2.21 4.17
N SER A 94 -2.47 -2.66 4.85
CA SER A 94 -3.81 -2.62 4.28
C SER A 94 -4.64 -1.53 4.96
N LEU A 95 -5.30 -0.74 4.12
CA LEU A 95 -6.14 0.34 4.62
C LEU A 95 -7.49 -0.23 5.05
N LEU A 96 -7.82 0.00 6.32
CA LEU A 96 -9.07 -0.49 6.86
C LEU A 96 -9.94 0.70 7.25
N ASP A 97 -11.14 0.74 6.69
CA ASP A 97 -12.08 1.81 6.96
C ASP A 97 -13.24 1.27 7.80
N SER A 98 -13.99 2.18 8.39
CA SER A 98 -15.13 1.82 9.20
C SER A 98 -16.21 1.18 8.33
N THR A 99 -17.32 0.84 8.98
CA THR A 99 -18.43 0.22 8.28
C THR A 99 -19.50 1.26 7.94
N SER A 100 -20.26 0.98 6.90
CA SER A 100 -21.31 1.88 6.46
C SER A 100 -22.12 1.23 5.33
N SER A 101 -23.31 1.77 5.12
CA SER A 101 -24.20 1.26 4.09
C SER A 101 -25.52 2.02 4.11
N MET A 102 -25.92 2.49 2.93
CA MET A 102 -27.16 3.24 2.80
C MET A 102 -27.78 3.02 1.42
N HIS A 103 -29.04 2.59 1.43
CA HIS A 103 -29.75 2.35 0.19
C HIS A 103 -31.16 2.94 0.29
N ASN A 104 -31.84 2.94 -0.85
CA ASN A 104 -33.19 3.48 -0.90
C ASN A 104 -33.66 3.52 -2.36
N LYS A 105 -34.97 3.55 -2.52
CA LYS A 105 -35.55 3.59 -3.86
C LYS A 105 -37.07 3.82 -3.73
N SER A 106 -37.67 4.14 -4.87
CA SER A 106 -39.11 4.38 -4.91
C SER A 106 -39.58 4.46 -6.36
N GLY A 107 -40.90 4.33 -6.52
CA GLY A 107 -41.50 4.37 -7.85
C GLY A 107 -42.99 4.08 -7.78
N PRO A 108 -43.78 5.19 -7.72
CA PRO A 108 -45.23 5.07 -7.66
C PRO A 108 -45.81 4.68 -9.02
N SER A 109 -47.13 4.56 -9.05
CA SER A 109 -47.82 4.21 -10.28
C SER A 109 -49.33 4.21 -10.05
N SER A 110 -50.06 4.08 -11.15
CA SER A 110 -51.51 4.07 -11.09
C SER A 110 -52.09 3.28 -12.26
N GLY A 111 -51.76 3.73 -13.46
CA GLY A 111 -52.23 3.07 -14.66
C GLY A 111 -53.39 3.84 -15.29
N GLY A 1 3.98 -0.40 23.74
CA GLY A 1 2.91 -0.81 24.62
C GLY A 1 1.64 0.00 24.36
N SER A 2 0.86 -0.46 23.40
CA SER A 2 -0.38 0.22 23.05
C SER A 2 -1.51 -0.24 23.96
N SER A 3 -2.25 0.72 24.47
CA SER A 3 -3.36 0.42 25.36
C SER A 3 -4.67 0.36 24.56
N GLY A 4 -4.97 1.45 23.89
CA GLY A 4 -6.18 1.53 23.09
C GLY A 4 -7.39 1.89 23.95
N SER A 5 -7.76 3.16 23.91
CA SER A 5 -8.90 3.63 24.68
C SER A 5 -9.40 4.95 24.11
N SER A 6 -10.66 4.93 23.67
CA SER A 6 -11.27 6.11 23.10
C SER A 6 -10.49 6.56 21.86
N GLY A 7 -11.14 6.45 20.71
CA GLY A 7 -10.52 6.83 19.46
C GLY A 7 -11.30 7.97 18.79
N SER A 8 -12.51 7.64 18.37
CA SER A 8 -13.37 8.62 17.71
C SER A 8 -12.72 9.10 16.42
N ALA A 9 -13.24 8.60 15.31
CA ALA A 9 -12.73 8.97 14.00
C ALA A 9 -11.25 8.58 13.91
N SER A 10 -10.99 7.52 13.17
CA SER A 10 -9.63 7.04 13.00
C SER A 10 -9.61 5.88 11.99
N LYS A 11 -8.70 5.98 11.04
CA LYS A 11 -8.56 4.96 10.02
C LYS A 11 -7.66 3.84 10.54
N ARG A 12 -8.20 2.64 10.52
CA ARG A 12 -7.45 1.48 10.99
C ARG A 12 -6.61 0.90 9.85
N TRP A 13 -5.35 0.63 10.17
CA TRP A 13 -4.43 0.07 9.19
C TRP A 13 -3.99 -1.30 9.69
N SER A 14 -3.61 -2.15 8.74
CA SER A 14 -3.16 -3.49 9.07
C SER A 14 -1.65 -3.48 9.32
N PRO A 15 -1.11 -4.70 9.64
CA PRO A 15 0.30 -4.84 9.90
C PRO A 15 1.11 -4.80 8.60
N PRO A 16 2.37 -4.34 8.72
CA PRO A 16 3.26 -4.23 7.56
C PRO A 16 3.77 -5.62 7.15
N ARG A 17 3.57 -5.93 5.88
CA ARG A 17 4.00 -7.21 5.35
C ARG A 17 5.47 -7.13 4.91
N GLY A 18 6.12 -8.28 4.93
CA GLY A 18 7.52 -8.36 4.53
C GLY A 18 7.66 -8.91 3.12
N ILE A 19 8.06 -8.04 2.21
CA ILE A 19 8.24 -8.42 0.82
C ILE A 19 9.74 -8.52 0.51
N HIS A 20 10.05 -9.39 -0.45
CA HIS A 20 11.43 -9.59 -0.85
C HIS A 20 11.51 -9.74 -2.37
N PHE A 21 12.08 -8.73 -3.01
CA PHE A 21 12.22 -8.74 -4.46
C PHE A 21 13.35 -7.81 -4.90
N THR A 22 13.62 -7.84 -6.20
CA THR A 22 14.67 -7.02 -6.77
C THR A 22 14.08 -5.99 -7.72
N VAL A 23 14.10 -4.73 -7.27
CA VAL A 23 13.56 -3.65 -8.06
C VAL A 23 14.02 -3.81 -9.52
N GLU A 24 13.35 -3.08 -10.39
CA GLU A 24 13.67 -3.14 -11.82
C GLU A 24 13.91 -1.73 -12.36
N GLU A 25 15.13 -1.26 -12.19
CA GLU A 25 15.51 0.06 -12.66
C GLU A 25 15.55 0.08 -14.19
N GLY A 26 14.42 -0.24 -14.79
CA GLY A 26 14.31 -0.26 -16.23
C GLY A 26 12.86 -0.47 -16.68
N ASP A 27 12.18 -1.35 -15.95
CA ASP A 27 10.78 -1.63 -16.27
C ASP A 27 10.09 -2.16 -15.01
N LEU A 28 9.25 -1.30 -14.42
CA LEU A 28 8.54 -1.67 -13.22
C LEU A 28 7.17 -2.22 -13.60
N GLY A 29 6.70 -3.17 -12.79
CA GLY A 29 5.40 -3.78 -13.04
C GLY A 29 4.31 -3.16 -12.17
N PHE A 30 4.56 -1.90 -11.78
CA PHE A 30 3.62 -1.19 -10.95
C PHE A 30 3.99 0.30 -10.86
N THR A 31 3.01 1.09 -10.43
CA THR A 31 3.22 2.52 -10.30
C THR A 31 2.79 3.00 -8.91
N LEU A 32 3.00 4.29 -8.67
CA LEU A 32 2.63 4.88 -7.39
C LEU A 32 1.62 6.00 -7.63
N ARG A 33 0.41 5.77 -7.14
CA ARG A 33 -0.65 6.76 -7.29
C ARG A 33 -1.03 7.34 -5.92
N GLY A 34 -1.61 8.52 -5.95
CA GLY A 34 -2.04 9.18 -4.74
C GLY A 34 -0.93 10.09 -4.20
N ASN A 35 -1.11 10.51 -2.95
CA ASN A 35 -0.14 11.37 -2.30
C ASN A 35 0.73 10.55 -1.34
N THR A 36 0.11 10.14 -0.26
CA THR A 36 0.80 9.34 0.75
C THR A 36 -0.16 8.92 1.86
N PRO A 37 0.03 7.65 2.33
CA PRO A 37 1.08 6.81 1.79
C PRO A 37 0.69 6.28 0.40
N VAL A 38 1.63 6.39 -0.52
CA VAL A 38 1.41 5.92 -1.88
C VAL A 38 0.95 4.47 -1.85
N GLN A 39 0.26 4.07 -2.91
CA GLN A 39 -0.25 2.72 -3.01
C GLN A 39 0.50 1.96 -4.11
N VAL A 40 0.00 0.77 -4.42
CA VAL A 40 0.60 -0.06 -5.43
C VAL A 40 -0.47 -0.45 -6.47
N HIS A 41 -0.29 0.08 -7.67
CA HIS A 41 -1.22 -0.19 -8.76
C HIS A 41 -0.63 -1.27 -9.68
N PHE A 42 -0.47 -2.46 -9.11
CA PHE A 42 0.07 -3.57 -9.86
C PHE A 42 -0.41 -3.55 -11.32
N LEU A 43 0.55 -3.59 -12.23
CA LEU A 43 0.24 -3.58 -13.64
C LEU A 43 0.56 -4.94 -14.25
N ASP A 44 1.55 -5.60 -13.66
CA ASP A 44 1.95 -6.91 -14.13
C ASP A 44 1.94 -7.90 -12.96
N PRO A 45 1.01 -8.89 -13.06
CA PRO A 45 0.88 -9.90 -12.02
C PRO A 45 2.02 -10.91 -12.09
N HIS A 46 2.91 -10.69 -13.05
CA HIS A 46 4.05 -11.57 -13.24
C HIS A 46 5.26 -10.76 -13.67
N CYS A 47 5.66 -9.84 -12.80
CA CYS A 47 6.81 -9.00 -13.08
C CYS A 47 7.90 -9.31 -12.06
N SER A 48 7.51 -9.31 -10.80
CA SER A 48 8.44 -9.59 -9.72
C SER A 48 7.79 -9.29 -8.37
N ALA A 49 7.55 -8.01 -8.14
CA ALA A 49 6.93 -7.57 -6.90
C ALA A 49 5.81 -8.53 -6.53
N SER A 50 4.87 -8.69 -7.45
CA SER A 50 3.75 -9.59 -7.23
C SER A 50 4.24 -10.98 -6.87
N LEU A 51 5.25 -11.42 -7.62
CA LEU A 51 5.83 -12.74 -7.39
C LEU A 51 6.52 -12.76 -6.04
N ALA A 52 6.76 -11.57 -5.52
CA ALA A 52 7.43 -11.44 -4.22
C ALA A 52 6.44 -11.81 -3.12
N GLY A 53 5.30 -11.13 -3.12
CA GLY A 53 4.28 -11.38 -2.13
C GLY A 53 3.53 -10.09 -1.78
N ALA A 54 3.17 -9.36 -2.82
CA ALA A 54 2.45 -8.11 -2.65
C ALA A 54 1.04 -8.26 -3.19
N LYS A 55 0.24 -7.22 -2.99
CA LYS A 55 -1.13 -7.22 -3.46
C LYS A 55 -1.55 -5.80 -3.83
N GLU A 56 -2.68 -5.70 -4.52
CA GLU A 56 -3.19 -4.41 -4.94
C GLU A 56 -3.73 -3.64 -3.74
N GLY A 57 -3.45 -2.34 -3.74
CA GLY A 57 -3.90 -1.48 -2.65
C GLY A 57 -2.88 -1.45 -1.52
N ASP A 58 -1.67 -1.91 -1.83
CA ASP A 58 -0.61 -1.95 -0.86
C ASP A 58 -0.02 -0.54 -0.69
N TYR A 59 0.07 -0.11 0.55
CA TYR A 59 0.60 1.21 0.85
C TYR A 59 2.04 1.12 1.38
N ILE A 60 2.96 1.70 0.62
CA ILE A 60 4.35 1.69 0.98
C ILE A 60 4.55 2.53 2.26
N VAL A 61 5.17 1.90 3.25
CA VAL A 61 5.42 2.57 4.52
C VAL A 61 6.93 2.74 4.71
N SER A 62 7.66 1.72 4.29
CA SER A 62 9.11 1.74 4.41
C SER A 62 9.74 0.89 3.30
N ILE A 63 11.03 1.12 3.09
CA ILE A 63 11.75 0.37 2.07
C ILE A 63 13.20 0.20 2.51
N GLN A 64 13.53 -1.02 2.91
CA GLN A 64 14.86 -1.34 3.36
C GLN A 64 15.09 -0.83 4.79
N GLY A 65 14.04 -0.20 5.32
CA GLY A 65 14.10 0.33 6.67
C GLY A 65 13.95 1.86 6.66
N VAL A 66 13.58 2.37 5.50
CA VAL A 66 13.39 3.81 5.34
C VAL A 66 11.99 4.19 5.82
N ASP A 67 11.69 5.47 5.67
CA ASP A 67 10.38 5.99 6.08
C ASP A 67 9.62 6.48 4.85
N CYS A 68 8.81 5.59 4.29
CA CYS A 68 8.04 5.93 3.12
C CYS A 68 6.56 6.01 3.52
N LYS A 69 6.33 6.64 4.66
CA LYS A 69 4.98 6.79 5.16
C LYS A 69 4.50 8.22 4.89
N TRP A 70 5.45 9.12 4.77
CA TRP A 70 5.13 10.52 4.50
C TRP A 70 5.58 10.84 3.07
N LEU A 71 6.69 10.23 2.68
CA LEU A 71 7.23 10.45 1.35
C LEU A 71 6.09 10.45 0.33
N THR A 72 6.32 11.13 -0.78
CA THR A 72 5.32 11.21 -1.83
C THR A 72 5.56 10.13 -2.88
N VAL A 73 5.15 10.43 -4.10
CA VAL A 73 5.32 9.50 -5.20
C VAL A 73 6.74 9.62 -5.76
N SER A 74 7.11 10.85 -6.07
CA SER A 74 8.44 11.12 -6.61
C SER A 74 9.51 10.56 -5.67
N GLU A 75 9.31 10.81 -4.38
CA GLU A 75 10.25 10.34 -3.38
C GLU A 75 10.43 8.82 -3.49
N VAL A 76 9.40 8.11 -3.08
CA VAL A 76 9.43 6.65 -3.13
C VAL A 76 10.09 6.21 -4.43
N MET A 77 9.49 6.63 -5.54
CA MET A 77 10.01 6.28 -6.85
C MET A 77 11.55 6.29 -6.86
N LYS A 78 12.09 7.39 -6.38
CA LYS A 78 13.55 7.54 -6.32
C LYS A 78 14.11 6.56 -5.30
N LEU A 79 13.40 6.44 -4.18
CA LEU A 79 13.82 5.55 -3.12
C LEU A 79 13.90 4.12 -3.66
N LEU A 80 13.05 3.84 -4.63
CA LEU A 80 13.01 2.53 -5.25
C LEU A 80 14.06 2.45 -6.36
N LYS A 81 14.07 3.49 -7.17
CA LYS A 81 15.02 3.55 -8.28
C LYS A 81 16.44 3.35 -7.73
N SER A 82 16.76 4.13 -6.72
CA SER A 82 18.08 4.05 -6.11
C SER A 82 18.43 2.58 -5.83
N PHE A 83 17.46 1.85 -5.31
CA PHE A 83 17.66 0.44 -5.02
C PHE A 83 17.31 -0.44 -6.22
N GLY A 84 17.74 0.02 -7.38
CA GLY A 84 17.48 -0.71 -8.61
C GLY A 84 18.40 -1.93 -8.73
N GLY A 85 17.80 -3.06 -9.08
CA GLY A 85 18.55 -4.29 -9.23
C GLY A 85 19.16 -4.72 -7.90
N GLU A 86 18.55 -4.25 -6.82
CA GLU A 86 19.02 -4.57 -5.49
C GLU A 86 17.88 -5.12 -4.64
N GLU A 87 18.11 -6.30 -4.07
CA GLU A 87 17.11 -6.94 -3.23
C GLU A 87 16.85 -6.10 -1.98
N VAL A 88 15.67 -5.51 -1.93
CA VAL A 88 15.29 -4.69 -0.80
C VAL A 88 14.10 -5.32 -0.09
N GLU A 89 13.71 -4.70 1.03
CA GLU A 89 12.60 -5.20 1.81
C GLU A 89 11.51 -4.12 1.93
N MET A 90 10.49 -4.26 1.09
CA MET A 90 9.40 -3.31 1.10
C MET A 90 8.27 -3.77 2.03
N LYS A 91 7.74 -2.81 2.78
CA LYS A 91 6.67 -3.11 3.71
C LYS A 91 5.39 -2.38 3.26
N VAL A 92 4.28 -3.10 3.35
CA VAL A 92 3.00 -2.55 2.96
C VAL A 92 1.96 -2.86 4.03
N VAL A 93 1.00 -1.96 4.17
CA VAL A 93 -0.05 -2.13 5.15
C VAL A 93 -1.42 -1.96 4.46
N SER A 94 -2.36 -2.80 4.88
CA SER A 94 -3.70 -2.75 4.31
C SER A 94 -4.54 -1.72 5.06
N LEU A 95 -5.43 -1.07 4.32
CA LEU A 95 -6.30 -0.07 4.90
C LEU A 95 -7.65 -0.70 5.22
N LEU A 96 -8.10 -0.48 6.45
CA LEU A 96 -9.38 -1.01 6.88
C LEU A 96 -10.35 0.14 7.13
N ASP A 97 -11.51 0.03 6.51
CA ASP A 97 -12.54 1.05 6.65
C ASP A 97 -13.92 0.39 6.61
N SER A 98 -14.88 1.05 7.24
CA SER A 98 -16.24 0.55 7.29
C SER A 98 -16.89 0.68 5.91
N THR A 99 -18.13 0.21 5.84
CA THR A 99 -18.87 0.27 4.58
C THR A 99 -20.37 0.36 4.86
N SER A 100 -20.95 1.47 4.45
CA SER A 100 -22.39 1.69 4.66
C SER A 100 -23.13 1.47 3.33
N SER A 101 -24.45 1.39 3.45
CA SER A 101 -25.29 1.18 2.28
C SER A 101 -26.70 1.72 2.55
N MET A 102 -27.47 1.81 1.48
CA MET A 102 -28.83 2.32 1.58
C MET A 102 -29.77 1.56 0.62
N HIS A 103 -30.91 1.18 1.16
CA HIS A 103 -31.90 0.46 0.37
C HIS A 103 -32.91 1.44 -0.22
N ASN A 104 -33.57 0.99 -1.27
CA ASN A 104 -34.56 1.83 -1.94
C ASN A 104 -35.86 1.03 -2.10
N LYS A 105 -36.97 1.72 -1.93
CA LYS A 105 -38.28 1.09 -2.07
C LYS A 105 -38.38 0.44 -3.45
N SER A 106 -39.02 -0.72 -3.47
CA SER A 106 -39.20 -1.45 -4.71
C SER A 106 -40.69 -1.53 -5.06
N GLY A 107 -40.96 -1.87 -6.31
CA GLY A 107 -42.33 -1.99 -6.79
C GLY A 107 -42.74 -3.46 -6.89
N PRO A 108 -43.99 -3.74 -6.42
CA PRO A 108 -44.52 -5.09 -6.46
C PRO A 108 -44.93 -5.48 -7.88
N SER A 109 -45.46 -6.69 -8.00
CA SER A 109 -45.91 -7.18 -9.29
C SER A 109 -47.32 -7.77 -9.17
N SER A 110 -47.92 -8.02 -10.32
CA SER A 110 -49.25 -8.58 -10.37
C SER A 110 -49.28 -9.80 -11.28
N GLY A 111 -50.21 -10.71 -10.98
CA GLY A 111 -50.35 -11.92 -11.77
C GLY A 111 -51.66 -12.64 -11.43
N GLY A 1 -2.72 -13.03 24.30
CA GLY A 1 -4.09 -13.02 24.77
C GLY A 1 -4.96 -12.08 23.93
N SER A 2 -5.81 -11.33 24.60
CA SER A 2 -6.69 -10.40 23.93
C SER A 2 -7.60 -9.70 24.95
N SER A 3 -7.07 -8.64 25.54
CA SER A 3 -7.82 -7.88 26.53
C SER A 3 -7.29 -6.45 26.59
N GLY A 4 -8.21 -5.52 26.85
CA GLY A 4 -7.87 -4.12 26.94
C GLY A 4 -8.99 -3.24 26.40
N SER A 5 -9.15 -2.08 27.03
CA SER A 5 -10.19 -1.14 26.63
C SER A 5 -9.56 0.06 25.92
N SER A 6 -10.30 0.59 24.97
CA SER A 6 -9.84 1.74 24.21
C SER A 6 -10.96 2.29 23.33
N GLY A 7 -11.11 3.60 23.35
CA GLY A 7 -12.14 4.25 22.56
C GLY A 7 -11.53 5.22 21.56
N SER A 8 -11.12 4.66 20.42
CA SER A 8 -10.51 5.45 19.37
C SER A 8 -11.08 5.05 18.01
N ALA A 9 -11.84 5.96 17.41
CA ALA A 9 -12.44 5.70 16.12
C ALA A 9 -11.49 6.17 15.02
N SER A 10 -10.40 5.43 14.88
CA SER A 10 -9.41 5.75 13.87
C SER A 10 -9.30 4.61 12.85
N LYS A 11 -9.04 4.99 11.60
CA LYS A 11 -8.91 4.01 10.54
C LYS A 11 -7.95 2.90 10.98
N ARG A 12 -8.43 1.68 10.88
CA ARG A 12 -7.64 0.52 11.27
C ARG A 12 -6.78 0.06 10.09
N TRP A 13 -5.49 -0.09 10.36
CA TRP A 13 -4.56 -0.54 9.34
C TRP A 13 -4.00 -1.90 9.76
N SER A 14 -3.63 -2.68 8.76
CA SER A 14 -3.09 -4.01 9.00
C SER A 14 -1.58 -3.91 9.26
N PRO A 15 -0.99 -5.09 9.61
CA PRO A 15 0.45 -5.14 9.88
C PRO A 15 1.25 -5.08 8.59
N PRO A 16 2.51 -4.61 8.72
CA PRO A 16 3.39 -4.50 7.57
C PRO A 16 3.92 -5.88 7.15
N ARG A 17 4.03 -6.05 5.84
CA ARG A 17 4.50 -7.31 5.29
C ARG A 17 5.90 -7.13 4.70
N GLY A 18 6.79 -8.03 5.09
CA GLY A 18 8.17 -7.98 4.62
C GLY A 18 8.28 -8.65 3.24
N ILE A 19 8.31 -7.81 2.21
CA ILE A 19 8.42 -8.29 0.86
C ILE A 19 9.90 -8.39 0.47
N HIS A 20 10.19 -9.33 -0.41
CA HIS A 20 11.55 -9.53 -0.87
C HIS A 20 11.58 -9.66 -2.39
N PHE A 21 12.14 -8.64 -3.04
CA PHE A 21 12.22 -8.62 -4.48
C PHE A 21 13.35 -7.71 -4.95
N THR A 22 13.62 -7.76 -6.25
CA THR A 22 14.67 -6.95 -6.84
C THR A 22 14.07 -5.92 -7.79
N VAL A 23 14.31 -4.65 -7.48
CA VAL A 23 13.80 -3.57 -8.30
C VAL A 23 14.34 -3.72 -9.72
N GLU A 24 13.51 -3.33 -10.68
CA GLU A 24 13.88 -3.42 -12.08
C GLU A 24 13.85 -2.03 -12.72
N GLU A 25 15.03 -1.58 -13.13
CA GLU A 25 15.15 -0.27 -13.76
C GLU A 25 14.79 -0.36 -15.24
N GLY A 26 13.67 -1.01 -15.51
CA GLY A 26 13.21 -1.18 -16.87
C GLY A 26 11.70 -1.45 -16.91
N ASP A 27 11.26 -2.31 -16.00
CA ASP A 27 9.87 -2.67 -15.92
C ASP A 27 9.52 -3.03 -14.48
N LEU A 28 8.95 -2.05 -13.77
CA LEU A 28 8.57 -2.25 -12.38
C LEU A 28 7.32 -3.12 -12.32
N GLY A 29 6.57 -3.09 -13.42
CA GLY A 29 5.35 -3.88 -13.50
C GLY A 29 4.22 -3.21 -12.71
N PHE A 30 4.55 -2.09 -12.08
CA PHE A 30 3.58 -1.35 -11.30
C PHE A 30 3.92 0.14 -11.26
N THR A 31 3.04 0.90 -10.62
CA THR A 31 3.24 2.33 -10.51
C THR A 31 2.73 2.84 -9.16
N LEU A 32 2.91 4.13 -8.93
CA LEU A 32 2.48 4.75 -7.69
C LEU A 32 1.73 6.04 -8.01
N ARG A 33 0.55 6.16 -7.44
CA ARG A 33 -0.27 7.33 -7.64
C ARG A 33 0.08 8.42 -6.62
N GLY A 34 -0.31 9.65 -6.95
CA GLY A 34 -0.03 10.77 -6.08
C GLY A 34 -0.96 10.76 -4.87
N ASN A 35 -0.37 10.48 -3.71
CA ASN A 35 -1.13 10.44 -2.47
C ASN A 35 -0.21 9.99 -1.34
N THR A 36 -0.84 9.62 -0.23
CA THR A 36 -0.10 9.18 0.94
C THR A 36 -1.05 8.54 1.97
N PRO A 37 -0.68 7.31 2.40
CA PRO A 37 0.51 6.66 1.89
C PRO A 37 0.30 6.14 0.47
N VAL A 38 1.22 6.52 -0.41
CA VAL A 38 1.14 6.11 -1.80
C VAL A 38 0.71 4.64 -1.86
N GLN A 39 -0.21 4.37 -2.78
CA GLN A 39 -0.73 3.03 -2.96
C GLN A 39 -0.16 2.41 -4.24
N VAL A 40 0.05 1.10 -4.18
CA VAL A 40 0.58 0.38 -5.33
C VAL A 40 -0.56 0.05 -6.30
N HIS A 41 -0.27 0.25 -7.57
CA HIS A 41 -1.26 -0.01 -8.61
C HIS A 41 -0.66 -0.95 -9.66
N PHE A 42 -0.47 -2.19 -9.25
CA PHE A 42 0.09 -3.20 -10.14
C PHE A 42 -0.45 -3.03 -11.57
N LEU A 43 0.47 -3.08 -12.52
CA LEU A 43 0.10 -2.93 -13.92
C LEU A 43 0.23 -4.29 -14.61
N ASP A 44 1.10 -5.12 -14.07
CA ASP A 44 1.33 -6.44 -14.63
C ASP A 44 1.11 -7.50 -13.54
N PRO A 45 0.29 -8.52 -13.90
CA PRO A 45 0.00 -9.60 -12.96
C PRO A 45 1.19 -10.55 -12.82
N HIS A 46 2.19 -10.32 -13.66
CA HIS A 46 3.39 -11.14 -13.64
C HIS A 46 4.62 -10.25 -13.48
N CYS A 47 4.63 -9.49 -12.41
CA CYS A 47 5.74 -8.59 -12.13
C CYS A 47 6.47 -9.10 -10.88
N SER A 48 7.75 -8.77 -10.81
CA SER A 48 8.57 -9.18 -9.67
C SER A 48 7.84 -8.86 -8.36
N ALA A 49 7.58 -7.58 -8.17
CA ALA A 49 6.89 -7.14 -6.97
C ALA A 49 5.77 -8.12 -6.63
N SER A 50 4.81 -8.22 -7.55
CA SER A 50 3.69 -9.12 -7.36
C SER A 50 4.19 -10.53 -7.04
N LEU A 51 5.15 -10.98 -7.83
CA LEU A 51 5.73 -12.29 -7.64
C LEU A 51 6.41 -12.36 -6.27
N ALA A 52 6.67 -11.19 -5.72
CA ALA A 52 7.32 -11.09 -4.42
C ALA A 52 6.33 -11.52 -3.34
N GLY A 53 5.21 -10.82 -3.29
CA GLY A 53 4.18 -11.10 -2.31
C GLY A 53 3.41 -9.85 -1.93
N ALA A 54 3.06 -9.07 -2.96
CA ALA A 54 2.33 -7.83 -2.74
C ALA A 54 0.94 -7.95 -3.39
N LYS A 55 0.08 -7.02 -3.05
CA LYS A 55 -1.27 -7.00 -3.59
C LYS A 55 -1.58 -5.60 -4.13
N GLU A 56 -2.84 -5.42 -4.49
CA GLU A 56 -3.28 -4.14 -5.03
C GLU A 56 -3.75 -3.22 -3.90
N GLY A 57 -3.33 -1.97 -3.98
CA GLY A 57 -3.69 -0.99 -2.97
C GLY A 57 -2.70 -0.99 -1.80
N ASP A 58 -1.57 -1.64 -2.04
CA ASP A 58 -0.54 -1.72 -1.03
C ASP A 58 -0.06 -0.31 -0.68
N TYR A 59 -0.11 -0.01 0.62
CA TYR A 59 0.31 1.30 1.10
C TYR A 59 1.72 1.24 1.66
N ILE A 60 2.67 1.65 0.84
CA ILE A 60 4.06 1.65 1.24
C ILE A 60 4.23 2.48 2.51
N VAL A 61 4.96 1.92 3.45
CA VAL A 61 5.19 2.60 4.73
C VAL A 61 6.69 2.89 4.86
N SER A 62 7.50 1.94 4.41
CA SER A 62 8.94 2.09 4.48
C SER A 62 9.61 1.13 3.49
N ILE A 63 10.83 1.48 3.12
CA ILE A 63 11.59 0.66 2.18
C ILE A 63 13.01 0.46 2.73
N GLN A 64 13.29 -0.78 3.09
CA GLN A 64 14.60 -1.12 3.62
C GLN A 64 14.74 -0.62 5.05
N GLY A 65 14.55 0.70 5.21
CA GLY A 65 14.65 1.31 6.51
C GLY A 65 14.42 2.83 6.42
N VAL A 66 13.52 3.20 5.54
CA VAL A 66 13.20 4.60 5.34
C VAL A 66 11.70 4.81 5.51
N ASP A 67 11.33 6.02 5.90
CA ASP A 67 9.93 6.36 6.10
C ASP A 67 9.29 6.68 4.75
N CYS A 68 8.21 5.95 4.45
CA CYS A 68 7.51 6.14 3.20
C CYS A 68 6.01 6.14 3.51
N LYS A 69 5.62 7.00 4.44
CA LYS A 69 4.22 7.11 4.83
C LYS A 69 3.64 8.42 4.27
N TRP A 70 4.48 9.44 4.27
CA TRP A 70 4.07 10.75 3.77
C TRP A 70 4.69 10.94 2.38
N LEU A 71 5.89 10.38 2.23
CA LEU A 71 6.60 10.49 0.96
C LEU A 71 5.60 10.34 -0.19
N THR A 72 5.92 10.99 -1.29
CA THR A 72 5.07 10.94 -2.47
C THR A 72 5.47 9.77 -3.38
N VAL A 73 5.09 9.89 -4.64
CA VAL A 73 5.41 8.86 -5.62
C VAL A 73 6.89 8.95 -5.99
N SER A 74 7.30 10.17 -6.36
CA SER A 74 8.68 10.40 -6.73
C SER A 74 9.61 9.96 -5.61
N GLU A 75 9.41 10.56 -4.44
CA GLU A 75 10.22 10.24 -3.27
C GLU A 75 10.45 8.73 -3.19
N VAL A 76 9.34 8.00 -3.17
CA VAL A 76 9.40 6.55 -3.09
C VAL A 76 10.09 6.00 -4.33
N MET A 77 9.47 6.27 -5.48
CA MET A 77 10.01 5.81 -6.74
C MET A 77 11.54 5.93 -6.77
N LYS A 78 12.02 7.08 -6.32
CA LYS A 78 13.44 7.35 -6.29
C LYS A 78 14.11 6.40 -5.28
N LEU A 79 13.46 6.26 -4.13
CA LEU A 79 13.98 5.40 -3.08
C LEU A 79 13.99 3.95 -3.60
N LEU A 80 13.15 3.69 -4.57
CA LEU A 80 13.05 2.36 -5.16
C LEU A 80 14.10 2.22 -6.27
N LYS A 81 14.13 3.23 -7.13
CA LYS A 81 15.07 3.23 -8.24
C LYS A 81 16.50 3.09 -7.69
N SER A 82 16.80 3.93 -6.71
CA SER A 82 18.12 3.91 -6.10
C SER A 82 18.56 2.48 -5.84
N PHE A 83 17.60 1.65 -5.45
CA PHE A 83 17.88 0.25 -5.17
C PHE A 83 17.57 -0.62 -6.39
N GLY A 84 17.94 -0.11 -7.56
CA GLY A 84 17.72 -0.82 -8.81
C GLY A 84 18.65 -2.03 -8.91
N GLY A 85 18.04 -3.18 -9.16
CA GLY A 85 18.80 -4.41 -9.30
C GLY A 85 19.37 -4.85 -7.95
N GLU A 86 18.75 -4.36 -6.89
CA GLU A 86 19.18 -4.69 -5.54
C GLU A 86 17.98 -5.11 -4.69
N GLU A 87 18.07 -6.32 -4.15
CA GLU A 87 17.00 -6.84 -3.31
C GLU A 87 16.80 -5.94 -2.09
N VAL A 88 15.56 -5.48 -1.95
CA VAL A 88 15.21 -4.61 -0.84
C VAL A 88 14.03 -5.22 -0.07
N GLU A 89 13.72 -4.60 1.06
CA GLU A 89 12.63 -5.06 1.90
C GLU A 89 11.53 -4.00 1.97
N MET A 90 10.49 -4.21 1.18
CA MET A 90 9.38 -3.28 1.14
C MET A 90 8.29 -3.70 2.14
N LYS A 91 7.77 -2.70 2.85
CA LYS A 91 6.73 -2.94 3.84
C LYS A 91 5.44 -2.25 3.39
N VAL A 92 4.37 -3.02 3.38
CA VAL A 92 3.07 -2.50 2.98
C VAL A 92 2.01 -2.95 3.98
N VAL A 93 0.94 -2.16 4.07
CA VAL A 93 -0.15 -2.48 4.97
C VAL A 93 -1.48 -2.31 4.24
N SER A 94 -2.52 -2.88 4.83
CA SER A 94 -3.84 -2.82 4.26
C SER A 94 -4.70 -1.81 5.02
N LEU A 95 -5.82 -1.45 4.41
CA LEU A 95 -6.73 -0.49 5.02
C LEU A 95 -8.05 -1.19 5.35
N LEU A 96 -8.45 -1.08 6.62
CA LEU A 96 -9.69 -1.69 7.07
C LEU A 96 -10.70 -0.60 7.40
N ASP A 97 -11.88 -0.72 6.79
CA ASP A 97 -12.93 0.25 7.01
C ASP A 97 -14.16 -0.46 7.60
N SER A 98 -14.94 0.29 8.35
CA SER A 98 -16.14 -0.25 8.97
C SER A 98 -17.06 -0.83 7.91
N THR A 99 -18.01 -1.63 8.36
CA THR A 99 -18.97 -2.26 7.46
C THR A 99 -20.38 -1.70 7.70
N SER A 100 -20.96 -1.18 6.63
CA SER A 100 -22.30 -0.62 6.71
C SER A 100 -23.21 -1.27 5.66
N SER A 101 -24.50 -1.25 5.95
CA SER A 101 -25.48 -1.82 5.05
C SER A 101 -26.88 -1.70 5.64
N MET A 102 -27.76 -1.06 4.89
CA MET A 102 -29.13 -0.86 5.32
C MET A 102 -30.01 -0.36 4.18
N HIS A 103 -31.25 -0.80 4.19
CA HIS A 103 -32.20 -0.39 3.16
C HIS A 103 -33.60 -0.89 3.52
N ASN A 104 -34.59 -0.36 2.82
CA ASN A 104 -35.96 -0.74 3.06
C ASN A 104 -36.85 -0.16 1.96
N LYS A 105 -38.04 -0.73 1.83
CA LYS A 105 -38.98 -0.29 0.82
C LYS A 105 -40.41 -0.48 1.34
N SER A 106 -41.31 0.33 0.79
CA SER A 106 -42.71 0.26 1.20
C SER A 106 -43.54 1.24 0.37
N GLY A 107 -44.81 0.91 0.21
CA GLY A 107 -45.72 1.76 -0.55
C GLY A 107 -46.85 0.93 -1.16
N PRO A 108 -47.90 0.70 -0.34
CA PRO A 108 -49.05 -0.07 -0.78
C PRO A 108 -49.93 0.76 -1.73
N SER A 109 -50.54 1.79 -1.16
CA SER A 109 -51.41 2.66 -1.93
C SER A 109 -52.69 1.92 -2.32
N SER A 110 -53.81 2.62 -2.19
CA SER A 110 -55.10 2.05 -2.52
C SER A 110 -56.06 3.14 -2.98
N GLY A 111 -57.03 2.73 -3.78
CA GLY A 111 -58.02 3.66 -4.30
C GLY A 111 -59.41 3.35 -3.75
N GLY A 1 4.68 -5.92 32.65
CA GLY A 1 3.46 -5.13 32.62
C GLY A 1 3.60 -3.92 31.68
N SER A 2 2.84 -2.88 31.98
CA SER A 2 2.87 -1.68 31.18
C SER A 2 2.66 -2.01 29.71
N SER A 3 1.40 -2.01 29.31
CA SER A 3 1.04 -2.31 27.93
C SER A 3 0.21 -1.17 27.34
N GLY A 4 0.34 -1.01 26.03
CA GLY A 4 -0.40 0.03 25.33
C GLY A 4 -1.90 -0.24 25.35
N SER A 5 -2.65 0.71 24.82
CA SER A 5 -4.09 0.60 24.77
C SER A 5 -4.64 1.18 23.47
N SER A 6 -5.25 0.32 22.67
CA SER A 6 -5.81 0.73 21.40
C SER A 6 -7.27 0.31 21.30
N GLY A 7 -8.14 1.29 21.29
CA GLY A 7 -9.57 1.04 21.21
C GLY A 7 -10.09 1.31 19.80
N SER A 8 -10.80 2.42 19.66
CA SER A 8 -11.37 2.80 18.38
C SER A 8 -11.17 4.30 18.15
N ALA A 9 -10.01 4.65 17.60
CA ALA A 9 -9.69 6.04 17.33
C ALA A 9 -8.66 6.11 16.21
N SER A 10 -8.84 7.10 15.35
CA SER A 10 -7.93 7.30 14.24
C SER A 10 -8.10 6.16 13.22
N LYS A 11 -7.74 6.47 11.98
CA LYS A 11 -7.86 5.48 10.91
C LYS A 11 -7.10 4.22 11.31
N ARG A 12 -7.74 3.08 11.06
CA ARG A 12 -7.14 1.80 11.39
C ARG A 12 -6.37 1.25 10.19
N TRP A 13 -5.10 0.95 10.43
CA TRP A 13 -4.25 0.42 9.37
C TRP A 13 -3.77 -0.97 9.81
N SER A 14 -3.53 -1.80 8.82
CA SER A 14 -3.06 -3.16 9.09
C SER A 14 -1.56 -3.15 9.34
N PRO A 15 -1.04 -4.35 9.75
CA PRO A 15 0.38 -4.49 10.02
C PRO A 15 1.19 -4.53 8.74
N PRO A 16 2.44 -4.00 8.82
CA PRO A 16 3.32 -3.96 7.67
C PRO A 16 3.91 -5.35 7.39
N ARG A 17 3.78 -5.77 6.14
CA ARG A 17 4.28 -7.07 5.73
C ARG A 17 5.71 -6.94 5.21
N GLY A 18 6.40 -8.08 5.19
CA GLY A 18 7.78 -8.10 4.72
C GLY A 18 7.88 -8.78 3.35
N ILE A 19 8.27 -7.99 2.36
CA ILE A 19 8.41 -8.51 1.01
C ILE A 19 9.89 -8.57 0.64
N HIS A 20 10.20 -9.46 -0.29
CA HIS A 20 11.58 -9.62 -0.74
C HIS A 20 11.60 -9.83 -2.24
N PHE A 21 12.11 -8.83 -2.93
CA PHE A 21 12.19 -8.88 -4.39
C PHE A 21 13.27 -7.93 -4.92
N THR A 22 13.50 -8.01 -6.22
CA THR A 22 14.50 -7.16 -6.85
C THR A 22 13.82 -6.10 -7.72
N VAL A 23 14.20 -4.85 -7.49
CA VAL A 23 13.65 -3.74 -8.25
C VAL A 23 14.08 -3.85 -9.71
N GLU A 24 13.40 -3.09 -10.56
CA GLU A 24 13.70 -3.10 -11.98
C GLU A 24 13.85 -1.66 -12.50
N GLU A 25 15.05 -1.14 -12.34
CA GLU A 25 15.34 0.21 -12.78
C GLU A 25 15.33 0.28 -14.31
N GLY A 26 14.20 -0.07 -14.89
CA GLY A 26 14.06 -0.06 -16.33
C GLY A 26 12.60 -0.29 -16.74
N ASP A 27 11.96 -1.20 -16.02
CA ASP A 27 10.56 -1.52 -16.29
C ASP A 27 9.93 -2.12 -15.04
N LEU A 28 9.07 -1.32 -14.42
CA LEU A 28 8.39 -1.76 -13.21
C LEU A 28 7.02 -2.32 -13.58
N GLY A 29 6.60 -3.32 -12.82
CA GLY A 29 5.31 -3.96 -13.05
C GLY A 29 4.21 -3.28 -12.25
N PHE A 30 4.49 -2.04 -11.84
CA PHE A 30 3.53 -1.28 -11.07
C PHE A 30 3.94 0.20 -11.01
N THR A 31 3.08 0.99 -10.39
CA THR A 31 3.33 2.41 -10.24
C THR A 31 2.81 2.91 -8.89
N LEU A 32 3.06 4.20 -8.64
CA LEU A 32 2.63 4.81 -7.41
C LEU A 32 1.60 5.90 -7.70
N ARG A 33 0.43 5.76 -7.11
CA ARG A 33 -0.64 6.72 -7.30
C ARG A 33 -1.05 7.34 -5.96
N GLY A 34 -1.65 8.52 -6.05
CA GLY A 34 -2.10 9.22 -4.85
C GLY A 34 -1.00 10.14 -4.32
N ASN A 35 -1.20 10.59 -3.09
CA ASN A 35 -0.24 11.47 -2.45
C ASN A 35 0.62 10.67 -1.47
N THR A 36 0.00 10.29 -0.36
CA THR A 36 0.69 9.52 0.66
C THR A 36 -0.28 9.11 1.77
N PRO A 37 -0.10 7.85 2.26
CA PRO A 37 0.96 6.99 1.74
C PRO A 37 0.59 6.44 0.37
N VAL A 38 1.54 6.53 -0.55
CA VAL A 38 1.33 6.04 -1.91
C VAL A 38 0.89 4.58 -1.85
N GLN A 39 0.14 4.18 -2.87
CA GLN A 39 -0.35 2.81 -2.96
C GLN A 39 0.42 2.04 -4.03
N VAL A 40 -0.09 0.85 -4.33
CA VAL A 40 0.54 0.00 -5.33
C VAL A 40 -0.48 -0.32 -6.42
N HIS A 41 -0.31 0.34 -7.55
CA HIS A 41 -1.21 0.13 -8.68
C HIS A 41 -0.58 -0.87 -9.65
N PHE A 42 -0.46 -2.11 -9.19
CA PHE A 42 0.12 -3.16 -10.00
C PHE A 42 -0.38 -3.06 -11.45
N LEU A 43 0.55 -3.25 -12.38
CA LEU A 43 0.23 -3.19 -13.78
C LEU A 43 0.37 -4.59 -14.40
N ASP A 44 1.36 -5.31 -13.90
CA ASP A 44 1.62 -6.66 -14.38
C ASP A 44 1.32 -7.67 -13.27
N PRO A 45 0.49 -8.68 -13.62
CA PRO A 45 0.13 -9.71 -12.66
C PRO A 45 1.27 -10.69 -12.43
N HIS A 46 2.36 -10.45 -13.16
CA HIS A 46 3.53 -11.31 -13.05
C HIS A 46 4.79 -10.43 -13.02
N CYS A 47 4.90 -9.64 -11.97
CA CYS A 47 6.03 -8.76 -11.80
C CYS A 47 6.73 -9.11 -10.48
N SER A 48 8.05 -9.06 -10.51
CA SER A 48 8.84 -9.37 -9.34
C SER A 48 8.04 -9.05 -8.07
N ALA A 49 7.73 -7.78 -7.90
CA ALA A 49 6.97 -7.33 -6.75
C ALA A 49 5.89 -8.37 -6.43
N SER A 50 5.06 -8.64 -7.42
CA SER A 50 3.99 -9.61 -7.27
C SER A 50 4.57 -11.00 -6.99
N LEU A 51 5.55 -11.37 -7.80
CA LEU A 51 6.20 -12.66 -7.66
C LEU A 51 6.69 -12.82 -6.22
N ALA A 52 6.94 -11.68 -5.58
CA ALA A 52 7.41 -11.69 -4.21
C ALA A 52 6.26 -12.09 -3.28
N GLY A 53 5.19 -11.32 -3.34
CA GLY A 53 4.03 -11.59 -2.51
C GLY A 53 3.31 -10.30 -2.12
N ALA A 54 3.15 -9.44 -3.11
CA ALA A 54 2.49 -8.16 -2.89
C ALA A 54 1.12 -8.18 -3.58
N LYS A 55 0.29 -7.23 -3.19
CA LYS A 55 -1.04 -7.12 -3.76
C LYS A 55 -1.39 -5.64 -3.94
N GLU A 56 -2.54 -5.41 -4.59
CA GLU A 56 -2.99 -4.05 -4.84
C GLU A 56 -3.48 -3.42 -3.54
N GLY A 57 -3.78 -2.13 -3.63
CA GLY A 57 -4.27 -1.39 -2.47
C GLY A 57 -3.24 -1.42 -1.34
N ASP A 58 -2.00 -1.72 -1.71
CA ASP A 58 -0.93 -1.79 -0.74
C ASP A 58 -0.28 -0.40 -0.60
N TYR A 59 -0.14 0.02 0.64
CA TYR A 59 0.45 1.32 0.92
C TYR A 59 1.88 1.17 1.46
N ILE A 60 2.82 1.67 0.69
CA ILE A 60 4.23 1.60 1.07
C ILE A 60 4.45 2.45 2.32
N VAL A 61 5.05 1.83 3.32
CA VAL A 61 5.33 2.52 4.57
C VAL A 61 6.84 2.74 4.69
N SER A 62 7.59 1.73 4.28
CA SER A 62 9.05 1.82 4.34
C SER A 62 9.66 0.89 3.28
N ILE A 63 10.92 1.18 2.96
CA ILE A 63 11.63 0.39 1.97
C ILE A 63 13.06 0.14 2.46
N GLN A 64 13.35 -1.12 2.72
CA GLN A 64 14.67 -1.51 3.19
C GLN A 64 14.84 -1.13 4.66
N GLY A 65 14.66 0.15 4.93
CA GLY A 65 14.79 0.66 6.28
C GLY A 65 14.65 2.18 6.32
N VAL A 66 13.75 2.68 5.48
CA VAL A 66 13.50 4.11 5.41
C VAL A 66 12.02 4.38 5.66
N ASP A 67 11.72 5.64 5.97
CA ASP A 67 10.35 6.03 6.23
C ASP A 67 9.70 6.50 4.92
N CYS A 68 8.70 5.75 4.50
CA CYS A 68 7.99 6.06 3.27
C CYS A 68 6.49 6.13 3.58
N LYS A 69 6.17 6.88 4.62
CA LYS A 69 4.78 7.03 5.04
C LYS A 69 4.37 8.49 4.88
N TRP A 70 5.35 9.33 4.58
CA TRP A 70 5.10 10.75 4.40
C TRP A 70 5.80 11.19 3.11
N LEU A 71 6.27 10.20 2.36
CA LEU A 71 6.96 10.47 1.11
C LEU A 71 5.94 10.58 -0.02
N THR A 72 6.33 11.30 -1.07
CA THR A 72 5.46 11.48 -2.20
C THR A 72 5.64 10.33 -3.20
N VAL A 73 5.08 10.53 -4.39
CA VAL A 73 5.17 9.52 -5.43
C VAL A 73 6.57 9.56 -6.05
N SER A 74 7.18 10.73 -5.99
CA SER A 74 8.51 10.93 -6.54
C SER A 74 9.56 10.38 -5.57
N GLU A 75 9.47 10.86 -4.33
CA GLU A 75 10.41 10.44 -3.30
C GLU A 75 10.58 8.91 -3.34
N VAL A 76 9.48 8.21 -3.07
CA VAL A 76 9.50 6.77 -3.07
C VAL A 76 10.11 6.27 -4.38
N MET A 77 9.54 6.74 -5.48
CA MET A 77 10.03 6.35 -6.79
C MET A 77 11.55 6.45 -6.87
N LYS A 78 12.09 7.36 -6.08
CA LYS A 78 13.53 7.57 -6.05
C LYS A 78 14.16 6.58 -5.07
N LEU A 79 13.41 6.29 -4.01
CA LEU A 79 13.88 5.36 -3.00
C LEU A 79 13.87 3.94 -3.56
N LEU A 80 13.05 3.75 -4.58
CA LEU A 80 12.93 2.44 -5.21
C LEU A 80 13.97 2.34 -6.33
N LYS A 81 13.99 3.36 -7.18
CA LYS A 81 14.93 3.39 -8.29
C LYS A 81 16.35 3.21 -7.77
N SER A 82 16.66 3.99 -6.73
CA SER A 82 17.98 3.93 -6.13
C SER A 82 18.39 2.47 -5.91
N PHE A 83 17.44 1.69 -5.46
CA PHE A 83 17.69 0.27 -5.20
C PHE A 83 17.34 -0.57 -6.43
N GLY A 84 17.60 0.00 -7.60
CA GLY A 84 17.32 -0.68 -8.84
C GLY A 84 18.15 -1.97 -8.96
N GLY A 85 17.48 -3.03 -9.40
CA GLY A 85 18.13 -4.31 -9.57
C GLY A 85 18.83 -4.74 -8.27
N GLU A 86 18.29 -4.27 -7.16
CA GLU A 86 18.84 -4.59 -5.86
C GLU A 86 17.74 -5.11 -4.93
N GLU A 87 17.95 -6.32 -4.45
CA GLU A 87 16.98 -6.94 -3.55
C GLU A 87 16.77 -6.07 -2.31
N VAL A 88 15.53 -5.65 -2.13
CA VAL A 88 15.19 -4.81 -0.99
C VAL A 88 13.99 -5.41 -0.26
N GLU A 89 13.65 -4.80 0.86
CA GLU A 89 12.53 -5.26 1.66
C GLU A 89 11.49 -4.15 1.80
N MET A 90 10.44 -4.25 1.00
CA MET A 90 9.38 -3.27 1.03
C MET A 90 8.26 -3.70 1.99
N LYS A 91 7.73 -2.72 2.71
CA LYS A 91 6.66 -2.98 3.66
C LYS A 91 5.38 -2.29 3.18
N VAL A 92 4.27 -3.00 3.32
CA VAL A 92 2.98 -2.47 2.91
C VAL A 92 1.94 -2.78 4.00
N VAL A 93 0.91 -1.97 4.02
CA VAL A 93 -0.16 -2.13 4.99
C VAL A 93 -1.52 -1.98 4.30
N SER A 94 -2.54 -2.51 4.95
CA SER A 94 -3.88 -2.45 4.40
C SER A 94 -4.67 -1.34 5.11
N LEU A 95 -5.35 -0.54 4.30
CA LEU A 95 -6.15 0.55 4.84
C LEU A 95 -7.57 0.05 5.11
N LEU A 96 -7.92 0.05 6.39
CA LEU A 96 -9.24 -0.41 6.80
C LEU A 96 -10.17 0.80 6.93
N ASP A 97 -11.25 0.60 7.66
CA ASP A 97 -12.22 1.65 7.87
C ASP A 97 -12.64 1.69 9.34
N SER A 98 -13.49 2.64 9.67
CA SER A 98 -13.97 2.78 11.04
C SER A 98 -15.39 2.23 11.16
N THR A 99 -15.93 2.31 12.36
CA THR A 99 -17.27 1.82 12.63
C THR A 99 -18.31 2.88 12.22
N SER A 100 -19.39 2.38 11.62
CA SER A 100 -20.46 3.26 11.18
C SER A 100 -21.81 2.70 11.61
N SER A 101 -22.68 3.59 12.05
CA SER A 101 -24.01 3.19 12.49
C SER A 101 -25.05 4.20 12.00
N MET A 102 -26.13 3.67 11.46
CA MET A 102 -27.20 4.50 10.94
C MET A 102 -26.68 5.47 9.87
N HIS A 103 -27.60 5.92 9.03
CA HIS A 103 -27.24 6.84 7.96
C HIS A 103 -28.36 7.88 7.80
N ASN A 104 -29.55 7.37 7.49
CA ASN A 104 -30.70 8.25 7.30
C ASN A 104 -30.41 9.22 6.16
N LYS A 105 -31.49 9.69 5.53
CA LYS A 105 -31.36 10.62 4.43
C LYS A 105 -32.37 11.75 4.61
N SER A 106 -32.06 12.89 4.02
CA SER A 106 -32.93 14.06 4.11
C SER A 106 -33.70 14.23 2.80
N GLY A 107 -34.80 14.95 2.89
CA GLY A 107 -35.63 15.19 1.73
C GLY A 107 -35.77 16.70 1.45
N PRO A 108 -34.92 17.18 0.52
CA PRO A 108 -34.93 18.60 0.15
C PRO A 108 -36.13 18.92 -0.72
N SER A 109 -36.27 20.21 -1.02
CA SER A 109 -37.37 20.67 -1.85
C SER A 109 -36.89 21.73 -2.84
N SER A 110 -37.32 21.59 -4.08
CA SER A 110 -36.94 22.52 -5.12
C SER A 110 -38.12 23.44 -5.46
N GLY A 111 -37.79 24.56 -6.09
CA GLY A 111 -38.80 25.52 -6.48
C GLY A 111 -39.61 25.02 -7.68
N GLY A 1 -4.70 18.72 27.79
CA GLY A 1 -5.91 19.29 28.37
C GLY A 1 -6.93 18.17 28.68
N SER A 2 -7.33 18.12 29.94
CA SER A 2 -8.29 17.12 30.38
C SER A 2 -9.56 17.21 29.52
N SER A 3 -10.33 16.13 29.56
CA SER A 3 -11.56 16.08 28.79
C SER A 3 -12.54 15.11 29.46
N GLY A 4 -12.10 13.86 29.58
CA GLY A 4 -12.92 12.83 30.20
C GLY A 4 -12.91 11.55 29.36
N SER A 5 -13.89 10.70 29.63
CA SER A 5 -14.00 9.44 28.91
C SER A 5 -14.68 9.68 27.56
N SER A 6 -13.99 9.26 26.51
CA SER A 6 -14.52 9.42 25.16
C SER A 6 -13.90 8.37 24.23
N GLY A 7 -14.71 7.90 23.30
CA GLY A 7 -14.25 6.90 22.34
C GLY A 7 -13.31 7.53 21.31
N SER A 8 -12.08 7.01 21.29
CA SER A 8 -11.08 7.49 20.37
C SER A 8 -11.47 7.13 18.93
N ALA A 9 -11.67 8.16 18.12
CA ALA A 9 -12.05 7.97 16.74
C ALA A 9 -10.85 8.30 15.83
N SER A 10 -10.03 7.30 15.59
CA SER A 10 -8.85 7.48 14.75
C SER A 10 -8.70 6.28 13.81
N LYS A 11 -8.42 6.59 12.55
CA LYS A 11 -8.24 5.56 11.54
C LYS A 11 -7.29 4.49 12.08
N ARG A 12 -7.37 3.32 11.48
CA ARG A 12 -6.51 2.21 11.88
C ARG A 12 -5.92 1.52 10.65
N TRP A 13 -4.65 1.14 10.78
CA TRP A 13 -3.96 0.48 9.69
C TRP A 13 -3.49 -0.89 10.18
N SER A 14 -3.31 -1.79 9.24
CA SER A 14 -2.88 -3.15 9.57
C SER A 14 -1.35 -3.19 9.64
N PRO A 15 -0.83 -4.41 9.94
CA PRO A 15 0.61 -4.61 10.04
C PRO A 15 1.26 -4.64 8.66
N PRO A 16 2.53 -4.16 8.61
CA PRO A 16 3.27 -4.13 7.36
C PRO A 16 3.74 -5.52 6.97
N ARG A 17 3.85 -5.73 5.66
CA ARG A 17 4.28 -7.02 5.14
C ARG A 17 5.69 -6.90 4.55
N GLY A 18 6.57 -7.76 5.03
CA GLY A 18 7.95 -7.76 4.56
C GLY A 18 8.06 -8.44 3.19
N ILE A 19 8.20 -7.62 2.17
CA ILE A 19 8.31 -8.13 0.82
C ILE A 19 9.80 -8.22 0.43
N HIS A 20 10.09 -9.19 -0.41
CA HIS A 20 11.46 -9.40 -0.87
C HIS A 20 11.48 -9.55 -2.39
N PHE A 21 12.04 -8.54 -3.04
CA PHE A 21 12.13 -8.55 -4.49
C PHE A 21 13.25 -7.63 -4.98
N THR A 22 13.50 -7.69 -6.28
CA THR A 22 14.54 -6.87 -6.87
C THR A 22 13.92 -5.82 -7.81
N VAL A 23 14.18 -4.57 -7.49
CA VAL A 23 13.67 -3.47 -8.29
C VAL A 23 14.18 -3.59 -9.72
N GLU A 24 13.36 -3.13 -10.65
CA GLU A 24 13.72 -3.18 -12.05
C GLU A 24 13.72 -1.78 -12.66
N GLU A 25 14.91 -1.34 -13.07
CA GLU A 25 15.04 -0.02 -13.66
C GLU A 25 14.61 -0.04 -15.13
N GLY A 26 13.40 -0.55 -15.33
CA GLY A 26 12.85 -0.64 -16.68
C GLY A 26 11.41 -1.15 -16.64
N ASP A 27 11.17 -2.10 -15.75
CA ASP A 27 9.85 -2.68 -15.62
C ASP A 27 9.64 -3.12 -14.16
N LEU A 28 9.07 -2.22 -13.38
CA LEU A 28 8.80 -2.50 -11.98
C LEU A 28 7.63 -3.49 -11.87
N GLY A 29 6.66 -3.28 -12.74
CA GLY A 29 5.48 -4.14 -12.75
C GLY A 29 4.34 -3.52 -11.94
N PHE A 30 4.57 -2.29 -11.51
CA PHE A 30 3.58 -1.57 -10.72
C PHE A 30 3.93 -0.09 -10.61
N THR A 31 2.93 0.70 -10.27
CA THR A 31 3.12 2.14 -10.13
C THR A 31 2.59 2.62 -8.78
N LEU A 32 2.76 3.91 -8.53
CA LEU A 32 2.31 4.50 -7.28
C LEU A 32 1.40 5.69 -7.59
N ARG A 33 0.37 5.84 -6.77
CA ARG A 33 -0.57 6.94 -6.95
C ARG A 33 -0.19 8.11 -6.03
N GLY A 34 -0.70 9.28 -6.40
CA GLY A 34 -0.43 10.48 -5.62
C GLY A 34 -1.18 10.46 -4.29
N ASN A 35 -0.41 10.35 -3.22
CA ASN A 35 -0.99 10.32 -1.88
C ASN A 35 0.00 9.68 -0.91
N THR A 36 -0.43 9.54 0.33
CA THR A 36 0.40 8.95 1.36
C THR A 36 -0.46 8.34 2.46
N PRO A 37 -0.15 7.06 2.78
CA PRO A 37 0.93 6.35 2.10
C PRO A 37 0.51 5.93 0.69
N VAL A 38 1.40 6.16 -0.26
CA VAL A 38 1.14 5.82 -1.64
C VAL A 38 0.71 4.35 -1.72
N GLN A 39 -0.25 4.10 -2.61
CA GLN A 39 -0.76 2.76 -2.79
C GLN A 39 0.01 2.03 -3.89
N VAL A 40 -0.44 0.84 -4.21
CA VAL A 40 0.20 0.04 -5.24
C VAL A 40 -0.83 -0.34 -6.31
N HIS A 41 -0.55 0.08 -7.53
CA HIS A 41 -1.45 -0.21 -8.65
C HIS A 41 -0.78 -1.22 -9.59
N PHE A 42 -0.60 -2.42 -9.09
CA PHE A 42 0.03 -3.47 -9.88
C PHE A 42 -0.40 -3.39 -11.34
N LEU A 43 0.55 -3.67 -12.22
CA LEU A 43 0.29 -3.62 -13.64
C LEU A 43 0.49 -5.01 -14.25
N ASP A 44 1.52 -5.69 -13.75
CA ASP A 44 1.83 -7.02 -14.22
C ASP A 44 1.65 -8.03 -13.08
N PRO A 45 0.66 -8.94 -13.26
CA PRO A 45 0.38 -9.94 -12.25
C PRO A 45 1.44 -11.05 -12.26
N HIS A 46 2.41 -10.87 -13.14
CA HIS A 46 3.49 -11.84 -13.27
C HIS A 46 4.83 -11.11 -13.29
N CYS A 47 4.97 -10.15 -12.39
CA CYS A 47 6.19 -9.38 -12.30
C CYS A 47 6.91 -9.75 -11.00
N SER A 48 8.12 -9.24 -10.86
CA SER A 48 8.91 -9.53 -9.68
C SER A 48 8.11 -9.19 -8.41
N ALA A 49 7.85 -7.90 -8.24
CA ALA A 49 7.09 -7.44 -7.09
C ALA A 49 5.94 -8.42 -6.80
N SER A 50 5.01 -8.47 -7.74
CA SER A 50 3.87 -9.36 -7.62
C SER A 50 4.33 -10.74 -7.14
N LEU A 51 5.21 -11.33 -7.92
CA LEU A 51 5.73 -12.65 -7.60
C LEU A 51 6.26 -12.64 -6.15
N ALA A 52 6.95 -11.56 -5.82
CA ALA A 52 7.51 -11.42 -4.48
C ALA A 52 6.46 -11.86 -3.45
N GLY A 53 5.40 -11.08 -3.36
CA GLY A 53 4.33 -11.37 -2.42
C GLY A 53 3.58 -10.10 -2.02
N ALA A 54 3.29 -9.29 -3.03
CA ALA A 54 2.57 -8.04 -2.80
C ALA A 54 1.13 -8.19 -3.28
N LYS A 55 0.36 -7.12 -3.08
CA LYS A 55 -1.03 -7.12 -3.49
C LYS A 55 -1.37 -5.77 -4.11
N GLU A 56 -2.60 -5.66 -4.58
CA GLU A 56 -3.06 -4.44 -5.20
C GLU A 56 -3.66 -3.49 -4.14
N GLY A 57 -3.06 -2.32 -4.04
CA GLY A 57 -3.53 -1.33 -3.08
C GLY A 57 -2.51 -1.15 -1.96
N ASP A 58 -1.56 -2.07 -1.91
CA ASP A 58 -0.52 -2.02 -0.89
C ASP A 58 -0.09 -0.57 -0.67
N TYR A 59 0.10 -0.22 0.59
CA TYR A 59 0.50 1.13 0.94
C TYR A 59 1.93 1.13 1.50
N ILE A 60 2.87 1.49 0.62
CA ILE A 60 4.27 1.53 1.01
C ILE A 60 4.41 2.35 2.29
N VAL A 61 4.89 1.68 3.33
CA VAL A 61 5.08 2.32 4.61
C VAL A 61 6.57 2.54 4.86
N SER A 62 7.37 1.68 4.25
CA SER A 62 8.81 1.76 4.39
C SER A 62 9.49 0.87 3.35
N ILE A 63 10.76 1.15 3.12
CA ILE A 63 11.55 0.38 2.16
C ILE A 63 12.98 0.24 2.65
N GLN A 64 13.36 -0.99 2.96
CA GLN A 64 14.69 -1.27 3.44
C GLN A 64 14.88 -0.71 4.86
N GLY A 65 13.78 -0.22 5.41
CA GLY A 65 13.80 0.35 6.75
C GLY A 65 13.66 1.87 6.70
N VAL A 66 13.44 2.38 5.50
CA VAL A 66 13.30 3.82 5.31
C VAL A 66 11.84 4.20 5.55
N ASP A 67 11.66 5.45 5.97
CA ASP A 67 10.32 5.96 6.24
C ASP A 67 9.66 6.35 4.93
N CYS A 68 8.59 5.64 4.59
CA CYS A 68 7.86 5.90 3.37
C CYS A 68 6.37 5.97 3.71
N LYS A 69 6.05 6.86 4.63
CA LYS A 69 4.66 7.04 5.05
C LYS A 69 4.16 8.40 4.57
N TRP A 70 5.08 9.33 4.47
CA TRP A 70 4.75 10.68 4.02
C TRP A 70 5.29 10.86 2.60
N LEU A 71 6.44 10.22 2.36
CA LEU A 71 7.08 10.31 1.06
C LEU A 71 6.01 10.20 -0.04
N THR A 72 6.25 10.93 -1.12
CA THR A 72 5.32 10.92 -2.24
C THR A 72 5.68 9.82 -3.24
N VAL A 73 4.99 9.84 -4.37
CA VAL A 73 5.23 8.85 -5.41
C VAL A 73 6.68 8.97 -5.90
N SER A 74 7.08 10.21 -6.14
CA SER A 74 8.43 10.48 -6.61
C SER A 74 9.45 10.00 -5.58
N GLU A 75 9.41 10.62 -4.41
CA GLU A 75 10.31 10.27 -3.34
C GLU A 75 10.51 8.75 -3.27
N VAL A 76 9.40 8.06 -3.01
CA VAL A 76 9.44 6.61 -2.93
C VAL A 76 10.11 6.05 -4.17
N MET A 77 9.49 6.31 -5.31
CA MET A 77 10.02 5.83 -6.58
C MET A 77 11.55 5.94 -6.60
N LYS A 78 12.04 7.12 -6.27
CA LYS A 78 13.47 7.37 -6.25
C LYS A 78 14.13 6.42 -5.25
N LEU A 79 13.50 6.29 -4.09
CA LEU A 79 14.01 5.42 -3.05
C LEU A 79 14.06 3.99 -3.57
N LEU A 80 13.16 3.69 -4.48
CA LEU A 80 13.10 2.36 -5.07
C LEU A 80 14.11 2.25 -6.22
N LYS A 81 14.09 3.27 -7.07
CA LYS A 81 15.00 3.30 -8.21
C LYS A 81 16.43 3.15 -7.71
N SER A 82 16.76 3.93 -6.70
CA SER A 82 18.11 3.88 -6.12
C SER A 82 18.54 2.43 -5.93
N PHE A 83 17.58 1.61 -5.55
CA PHE A 83 17.86 0.19 -5.33
C PHE A 83 17.54 -0.63 -6.57
N GLY A 84 17.80 -0.02 -7.73
CA GLY A 84 17.54 -0.69 -8.99
C GLY A 84 18.51 -1.87 -9.20
N GLY A 85 17.92 -3.04 -9.37
CA GLY A 85 18.71 -4.25 -9.57
C GLY A 85 19.26 -4.77 -8.24
N GLU A 86 18.61 -4.37 -7.17
CA GLU A 86 19.04 -4.78 -5.84
C GLU A 86 17.82 -5.19 -5.00
N GLU A 87 17.99 -6.28 -4.25
CA GLU A 87 16.92 -6.76 -3.40
C GLU A 87 16.72 -5.84 -2.20
N VAL A 88 15.48 -5.44 -1.99
CA VAL A 88 15.15 -4.57 -0.89
C VAL A 88 13.95 -5.14 -0.13
N GLU A 89 13.74 -4.60 1.06
CA GLU A 89 12.62 -5.04 1.89
C GLU A 89 11.55 -3.95 1.96
N MET A 90 10.48 -4.18 1.21
CA MET A 90 9.38 -3.22 1.17
C MET A 90 8.32 -3.59 2.21
N LYS A 91 7.79 -2.56 2.85
CA LYS A 91 6.77 -2.76 3.87
C LYS A 91 5.51 -1.98 3.47
N VAL A 92 4.39 -2.68 3.44
CA VAL A 92 3.13 -2.07 3.08
C VAL A 92 2.06 -2.50 4.09
N VAL A 93 1.20 -1.55 4.43
CA VAL A 93 0.12 -1.81 5.38
C VAL A 93 -1.22 -1.69 4.67
N SER A 94 -2.19 -2.43 5.17
CA SER A 94 -3.53 -2.42 4.60
C SER A 94 -4.34 -1.27 5.20
N LEU A 95 -5.46 -0.97 4.55
CA LEU A 95 -6.33 0.10 5.01
C LEU A 95 -7.66 -0.49 5.45
N LEU A 96 -8.03 -0.18 6.68
CA LEU A 96 -9.28 -0.67 7.24
C LEU A 96 -10.19 0.52 7.56
N ASP A 97 -11.41 0.46 7.02
CA ASP A 97 -12.38 1.51 7.25
C ASP A 97 -13.72 0.89 7.61
N SER A 98 -14.45 1.59 8.46
CA SER A 98 -15.75 1.12 8.90
C SER A 98 -16.68 0.94 7.69
N THR A 99 -17.89 0.49 7.97
CA THR A 99 -18.87 0.28 6.91
C THR A 99 -19.87 1.44 6.86
N SER A 100 -20.43 1.64 5.69
CA SER A 100 -21.39 2.71 5.49
C SER A 100 -22.47 2.28 4.50
N SER A 101 -23.72 2.55 4.86
CA SER A 101 -24.84 2.19 4.01
C SER A 101 -26.15 2.66 4.65
N MET A 102 -27.11 2.99 3.79
CA MET A 102 -28.39 3.45 4.26
C MET A 102 -29.54 2.79 3.47
N HIS A 103 -30.71 2.77 4.08
CA HIS A 103 -31.88 2.18 3.45
C HIS A 103 -33.15 2.86 3.98
N ASN A 104 -34.18 2.84 3.14
CA ASN A 104 -35.45 3.44 3.51
C ASN A 104 -36.51 3.05 2.48
N LYS A 105 -37.76 3.10 2.91
CA LYS A 105 -38.87 2.75 2.05
C LYS A 105 -39.64 4.02 1.68
N SER A 106 -40.18 4.02 0.47
CA SER A 106 -40.94 5.16 -0.01
C SER A 106 -42.24 4.68 -0.64
N GLY A 107 -43.31 4.75 0.14
CA GLY A 107 -44.62 4.33 -0.32
C GLY A 107 -45.54 4.00 0.84
N PRO A 108 -46.73 4.66 0.85
CA PRO A 108 -47.71 4.44 1.90
C PRO A 108 -48.41 3.08 1.73
N SER A 109 -48.73 2.47 2.86
CA SER A 109 -49.39 1.18 2.85
C SER A 109 -50.85 1.35 3.24
N SER A 110 -51.70 0.53 2.62
CA SER A 110 -53.12 0.58 2.90
C SER A 110 -53.52 -0.59 3.81
N GLY A 111 -54.74 -0.52 4.30
CA GLY A 111 -55.26 -1.56 5.18
C GLY A 111 -55.04 -1.18 6.65
N GLY A 1 -7.17 3.10 41.01
CA GLY A 1 -7.00 3.81 39.76
C GLY A 1 -7.82 3.17 38.65
N SER A 2 -7.12 2.52 37.73
CA SER A 2 -7.77 1.86 36.61
C SER A 2 -8.48 2.90 35.73
N SER A 3 -8.26 2.78 34.44
CA SER A 3 -8.87 3.70 33.48
C SER A 3 -8.58 3.24 32.06
N GLY A 4 -9.35 3.78 31.13
CA GLY A 4 -9.18 3.44 29.72
C GLY A 4 -10.45 3.78 28.93
N SER A 5 -10.53 5.03 28.50
CA SER A 5 -11.68 5.49 27.73
C SER A 5 -11.30 6.73 26.91
N SER A 6 -11.50 6.62 25.61
CA SER A 6 -11.18 7.71 24.71
C SER A 6 -11.88 7.51 23.36
N GLY A 7 -13.03 8.15 23.23
CA GLY A 7 -13.80 8.04 22.00
C GLY A 7 -12.99 8.54 20.80
N SER A 8 -12.67 7.61 19.92
CA SER A 8 -11.90 7.93 18.73
C SER A 8 -12.66 7.48 17.47
N ALA A 9 -12.48 8.25 16.41
CA ALA A 9 -13.14 7.94 15.14
C ALA A 9 -12.13 8.09 14.00
N SER A 10 -11.09 7.27 14.06
CA SER A 10 -10.06 7.30 13.03
C SER A 10 -10.08 6.00 12.23
N LYS A 11 -9.22 5.94 11.24
CA LYS A 11 -9.13 4.76 10.38
C LYS A 11 -8.17 3.76 11.02
N ARG A 12 -8.19 2.55 10.48
CA ARG A 12 -7.33 1.49 10.98
C ARG A 12 -6.52 0.88 9.84
N TRP A 13 -5.27 0.56 10.15
CA TRP A 13 -4.38 -0.03 9.17
C TRP A 13 -3.89 -1.38 9.71
N SER A 14 -3.63 -2.28 8.78
CA SER A 14 -3.15 -3.62 9.16
C SER A 14 -1.65 -3.59 9.39
N PRO A 15 -1.10 -4.77 9.78
CA PRO A 15 0.32 -4.90 10.05
C PRO A 15 1.12 -4.91 8.74
N PRO A 16 2.36 -4.36 8.81
CA PRO A 16 3.23 -4.31 7.66
C PRO A 16 3.83 -5.69 7.36
N ARG A 17 3.78 -6.06 6.09
CA ARG A 17 4.30 -7.35 5.67
C ARG A 17 5.73 -7.18 5.13
N GLY A 18 6.51 -8.24 5.29
CA GLY A 18 7.88 -8.23 4.84
C GLY A 18 8.01 -8.84 3.45
N ILE A 19 8.29 -7.99 2.48
CA ILE A 19 8.43 -8.44 1.10
C ILE A 19 9.92 -8.56 0.77
N HIS A 20 10.21 -9.47 -0.15
CA HIS A 20 11.58 -9.70 -0.57
C HIS A 20 11.63 -9.88 -2.09
N PHE A 21 12.22 -8.90 -2.75
CA PHE A 21 12.34 -8.94 -4.20
C PHE A 21 13.49 -8.06 -4.69
N THR A 22 13.76 -8.15 -5.97
CA THR A 22 14.83 -7.36 -6.58
C THR A 22 14.24 -6.33 -7.54
N VAL A 23 14.27 -5.08 -7.11
CA VAL A 23 13.75 -3.99 -7.93
C VAL A 23 14.18 -4.20 -9.38
N GLU A 24 13.41 -3.61 -10.28
CA GLU A 24 13.68 -3.73 -11.70
C GLU A 24 13.98 -2.35 -12.30
N GLU A 25 15.28 -2.06 -12.44
CA GLU A 25 15.70 -0.79 -12.99
C GLU A 25 15.52 -0.79 -14.51
N GLY A 26 14.29 -1.09 -14.93
CA GLY A 26 13.98 -1.13 -16.35
C GLY A 26 12.49 -1.43 -16.57
N ASP A 27 11.97 -2.31 -15.73
CA ASP A 27 10.57 -2.69 -15.82
C ASP A 27 10.05 -3.04 -14.42
N LEU A 28 9.72 -2.00 -13.67
CA LEU A 28 9.20 -2.18 -12.32
C LEU A 28 8.01 -3.12 -12.36
N GLY A 29 7.16 -2.92 -13.36
CA GLY A 29 5.97 -3.74 -13.52
C GLY A 29 4.78 -3.13 -12.79
N PHE A 30 5.01 -1.95 -12.22
CA PHE A 30 3.97 -1.25 -11.50
C PHE A 30 4.28 0.24 -11.38
N THR A 31 3.33 0.97 -10.84
CA THR A 31 3.49 2.41 -10.67
C THR A 31 3.09 2.83 -9.26
N LEU A 32 3.23 4.12 -8.99
CA LEU A 32 2.88 4.66 -7.68
C LEU A 32 1.87 5.79 -7.86
N ARG A 33 0.66 5.53 -7.38
CA ARG A 33 -0.41 6.51 -7.47
C ARG A 33 -0.77 7.03 -6.08
N GLY A 34 -1.52 8.12 -6.07
CA GLY A 34 -1.94 8.73 -4.82
C GLY A 34 -0.85 9.64 -4.26
N ASN A 35 -1.13 10.19 -3.09
CA ASN A 35 -0.18 11.08 -2.43
C ASN A 35 0.68 10.27 -1.45
N THR A 36 0.04 9.85 -0.36
CA THR A 36 0.73 9.07 0.65
C THR A 36 -0.26 8.58 1.70
N PRO A 37 -0.07 7.30 2.12
CA PRO A 37 1.00 6.49 1.58
C PRO A 37 0.66 6.02 0.16
N VAL A 38 1.63 6.19 -0.73
CA VAL A 38 1.46 5.78 -2.12
C VAL A 38 0.96 4.34 -2.16
N GLN A 39 0.28 4.02 -3.26
CA GLN A 39 -0.25 2.69 -3.44
C GLN A 39 0.65 1.88 -4.39
N VAL A 40 0.23 0.65 -4.64
CA VAL A 40 0.99 -0.23 -5.52
C VAL A 40 0.09 -0.68 -6.67
N HIS A 41 0.25 -0.02 -7.81
CA HIS A 41 -0.53 -0.35 -8.99
C HIS A 41 0.24 -1.31 -9.88
N PHE A 42 -0.16 -2.58 -9.84
CA PHE A 42 0.48 -3.59 -10.63
C PHE A 42 -0.01 -3.57 -12.07
N LEU A 43 0.88 -3.15 -12.97
CA LEU A 43 0.54 -3.07 -14.38
C LEU A 43 0.77 -4.43 -15.03
N ASP A 44 1.79 -5.13 -14.54
CA ASP A 44 2.12 -6.44 -15.06
C ASP A 44 2.01 -7.48 -13.94
N PRO A 45 1.39 -8.64 -14.28
CA PRO A 45 1.21 -9.71 -13.31
C PRO A 45 2.54 -10.44 -13.07
N HIS A 46 3.35 -10.49 -14.11
CA HIS A 46 4.64 -11.16 -14.03
C HIS A 46 5.72 -10.14 -13.71
N CYS A 47 5.32 -9.09 -12.99
CA CYS A 47 6.25 -8.04 -12.63
C CYS A 47 7.32 -8.64 -11.72
N SER A 48 7.43 -8.10 -10.52
CA SER A 48 8.41 -8.57 -9.56
C SER A 48 7.83 -8.48 -8.14
N ALA A 49 7.30 -7.31 -7.83
CA ALA A 49 6.71 -7.08 -6.51
C ALA A 49 5.55 -8.06 -6.30
N SER A 50 4.64 -8.08 -7.27
CA SER A 50 3.50 -8.95 -7.20
C SER A 50 3.95 -10.40 -7.00
N LEU A 51 5.05 -10.73 -7.65
CA LEU A 51 5.60 -12.07 -7.56
C LEU A 51 6.17 -12.29 -6.17
N ALA A 52 6.90 -11.30 -5.69
CA ALA A 52 7.51 -11.37 -4.37
C ALA A 52 6.47 -11.91 -3.38
N GLY A 53 5.44 -11.11 -3.17
CA GLY A 53 4.38 -11.50 -2.24
C GLY A 53 3.54 -10.28 -1.83
N ALA A 54 3.22 -9.47 -2.82
CA ALA A 54 2.43 -8.28 -2.58
C ALA A 54 1.14 -8.35 -3.40
N LYS A 55 0.25 -7.40 -3.15
CA LYS A 55 -1.01 -7.35 -3.86
C LYS A 55 -1.32 -5.90 -4.24
N GLU A 56 -2.46 -5.72 -4.89
CA GLU A 56 -2.88 -4.39 -5.31
C GLU A 56 -3.49 -3.62 -4.13
N GLY A 57 -3.46 -2.30 -4.26
CA GLY A 57 -3.98 -1.44 -3.22
C GLY A 57 -3.08 -1.46 -1.98
N ASP A 58 -1.84 -1.88 -2.19
CA ASP A 58 -0.88 -1.94 -1.11
C ASP A 58 -0.21 -0.57 -0.93
N TYR A 59 -0.08 -0.17 0.33
CA TYR A 59 0.54 1.10 0.64
C TYR A 59 1.94 0.92 1.24
N ILE A 60 2.92 1.51 0.58
CA ILE A 60 4.29 1.42 1.03
C ILE A 60 4.47 2.26 2.30
N VAL A 61 5.06 1.65 3.31
CA VAL A 61 5.29 2.33 4.58
C VAL A 61 6.79 2.56 4.75
N SER A 62 7.57 1.58 4.30
CA SER A 62 9.01 1.68 4.40
C SER A 62 9.67 0.86 3.29
N ILE A 63 10.91 1.21 2.99
CA ILE A 63 11.66 0.52 1.95
C ILE A 63 13.07 0.23 2.44
N GLN A 64 13.27 -0.99 2.89
CA GLN A 64 14.57 -1.40 3.39
C GLN A 64 14.78 -0.86 4.81
N GLY A 65 13.81 -0.09 5.27
CA GLY A 65 13.87 0.49 6.60
C GLY A 65 13.43 1.95 6.59
N VAL A 66 13.68 2.60 5.46
CA VAL A 66 13.32 4.00 5.29
C VAL A 66 11.87 4.18 5.71
N ASP A 67 11.42 5.44 5.63
CA ASP A 67 10.05 5.77 5.99
C ASP A 67 9.32 6.30 4.75
N CYS A 68 8.52 5.43 4.15
CA CYS A 68 7.77 5.79 2.97
C CYS A 68 6.29 5.88 3.35
N LYS A 69 6.05 6.50 4.49
CA LYS A 69 4.69 6.66 4.97
C LYS A 69 4.21 8.09 4.72
N TRP A 70 5.19 8.99 4.62
CA TRP A 70 4.89 10.39 4.38
C TRP A 70 5.35 10.73 2.96
N LEU A 71 6.49 10.18 2.60
CA LEU A 71 7.05 10.41 1.27
C LEU A 71 5.92 10.40 0.23
N THR A 72 6.20 11.00 -0.91
CA THR A 72 5.23 11.06 -1.98
C THR A 72 5.53 10.00 -3.04
N VAL A 73 5.05 10.26 -4.25
CA VAL A 73 5.26 9.34 -5.35
C VAL A 73 6.70 9.48 -5.86
N SER A 74 7.08 10.73 -6.10
CA SER A 74 8.42 11.02 -6.59
C SER A 74 9.46 10.39 -5.67
N GLU A 75 9.51 10.89 -4.44
CA GLU A 75 10.47 10.38 -3.46
C GLU A 75 10.57 8.86 -3.56
N VAL A 76 9.49 8.20 -3.17
CA VAL A 76 9.45 6.74 -3.21
C VAL A 76 10.10 6.26 -4.51
N MET A 77 9.50 6.66 -5.63
CA MET A 77 10.02 6.27 -6.93
C MET A 77 11.55 6.30 -6.95
N LYS A 78 12.09 7.41 -6.48
CA LYS A 78 13.53 7.58 -6.44
C LYS A 78 14.12 6.59 -5.43
N LEU A 79 13.44 6.47 -4.30
CA LEU A 79 13.89 5.57 -3.25
C LEU A 79 13.93 4.14 -3.79
N LEU A 80 13.04 3.87 -4.73
CA LEU A 80 12.96 2.55 -5.34
C LEU A 80 14.00 2.45 -6.46
N LYS A 81 14.03 3.49 -7.28
CA LYS A 81 14.97 3.53 -8.39
C LYS A 81 16.39 3.38 -7.86
N SER A 82 16.65 4.06 -6.77
CA SER A 82 17.96 4.01 -6.14
C SER A 82 18.37 2.56 -5.87
N PHE A 83 17.40 1.82 -5.33
CA PHE A 83 17.64 0.41 -5.01
C PHE A 83 17.31 -0.48 -6.21
N GLY A 84 17.65 0.02 -7.40
CA GLY A 84 17.39 -0.72 -8.61
C GLY A 84 18.36 -1.89 -8.75
N GLY A 85 17.79 -3.07 -8.96
CA GLY A 85 18.59 -4.28 -9.11
C GLY A 85 19.24 -4.68 -7.79
N GLU A 86 18.58 -4.29 -6.70
CA GLU A 86 19.08 -4.60 -5.38
C GLU A 86 17.95 -5.14 -4.50
N GLU A 87 18.19 -6.33 -3.95
CA GLU A 87 17.20 -6.97 -3.10
C GLU A 87 16.96 -6.12 -1.84
N VAL A 88 15.76 -5.56 -1.76
CA VAL A 88 15.39 -4.73 -0.63
C VAL A 88 14.21 -5.38 0.11
N GLU A 89 13.76 -4.69 1.14
CA GLU A 89 12.63 -5.17 1.93
C GLU A 89 11.53 -4.12 1.98
N MET A 90 10.50 -4.33 1.17
CA MET A 90 9.39 -3.41 1.11
C MET A 90 8.28 -3.84 2.07
N LYS A 91 7.74 -2.86 2.79
CA LYS A 91 6.68 -3.13 3.74
C LYS A 91 5.39 -2.45 3.27
N VAL A 92 4.33 -3.23 3.27
CA VAL A 92 3.04 -2.72 2.84
C VAL A 92 1.99 -3.03 3.91
N VAL A 93 0.94 -2.22 3.93
CA VAL A 93 -0.13 -2.39 4.89
C VAL A 93 -1.47 -2.29 4.18
N SER A 94 -2.53 -2.66 4.90
CA SER A 94 -3.87 -2.61 4.34
C SER A 94 -4.64 -1.44 4.96
N LEU A 95 -5.44 -0.79 4.12
CA LEU A 95 -6.23 0.33 4.57
C LEU A 95 -7.65 -0.14 4.91
N LEU A 96 -7.99 -0.03 6.19
CA LEU A 96 -9.30 -0.44 6.65
C LEU A 96 -10.15 0.79 6.96
N ASP A 97 -11.32 0.83 6.35
CA ASP A 97 -12.23 1.95 6.55
C ASP A 97 -13.68 1.46 6.40
N SER A 98 -14.58 2.18 7.06
CA SER A 98 -15.99 1.83 7.01
C SER A 98 -16.49 1.89 5.57
N THR A 99 -16.47 3.09 5.02
CA THR A 99 -16.93 3.30 3.65
C THR A 99 -18.40 2.94 3.52
N SER A 100 -19.23 3.97 3.50
CA SER A 100 -20.67 3.77 3.37
C SER A 100 -21.10 3.94 1.91
N SER A 101 -21.83 2.95 1.42
CA SER A 101 -22.30 2.98 0.04
C SER A 101 -23.83 3.02 0.03
N MET A 102 -24.36 3.39 -1.14
CA MET A 102 -25.81 3.46 -1.31
C MET A 102 -26.23 2.90 -2.66
N HIS A 103 -27.24 2.05 -2.61
CA HIS A 103 -27.75 1.42 -3.83
C HIS A 103 -29.27 1.24 -3.71
N ASN A 104 -29.95 1.53 -4.80
CA ASN A 104 -31.40 1.41 -4.84
C ASN A 104 -31.89 1.63 -6.27
N LYS A 105 -33.00 0.99 -6.58
CA LYS A 105 -33.59 1.11 -7.92
C LYS A 105 -34.92 1.85 -7.81
N SER A 106 -35.39 2.34 -8.95
CA SER A 106 -36.63 3.06 -9.00
C SER A 106 -37.21 3.03 -10.43
N GLY A 107 -38.45 3.45 -10.54
CA GLY A 107 -39.12 3.47 -11.84
C GLY A 107 -40.61 3.77 -11.67
N PRO A 108 -40.97 5.06 -11.86
CA PRO A 108 -42.35 5.48 -11.74
C PRO A 108 -43.16 5.06 -12.96
N SER A 109 -44.48 5.11 -12.81
CA SER A 109 -45.38 4.74 -13.89
C SER A 109 -46.75 5.36 -13.68
N SER A 110 -47.45 5.59 -14.78
CA SER A 110 -48.77 6.17 -14.73
C SER A 110 -49.84 5.09 -14.94
N GLY A 111 -50.90 5.19 -14.16
CA GLY A 111 -52.00 4.23 -14.26
C GLY A 111 -52.61 4.24 -15.65
N GLY A 1 6.64 5.60 29.59
CA GLY A 1 5.21 5.50 29.32
C GLY A 1 4.54 4.52 30.28
N SER A 2 3.40 4.00 29.85
CA SER A 2 2.65 3.06 30.66
C SER A 2 1.61 2.34 29.79
N SER A 3 0.74 3.13 29.19
CA SER A 3 -0.31 2.58 28.35
C SER A 3 -0.79 3.65 27.36
N GLY A 4 -1.27 4.75 27.92
CA GLY A 4 -1.76 5.85 27.09
C GLY A 4 -3.23 5.64 26.73
N SER A 5 -4.08 6.38 27.41
CA SER A 5 -5.52 6.29 27.17
C SER A 5 -5.95 7.38 26.20
N SER A 6 -6.95 7.05 25.39
CA SER A 6 -7.47 7.99 24.41
C SER A 6 -8.61 7.33 23.62
N GLY A 7 -9.47 8.18 23.08
CA GLY A 7 -10.61 7.71 22.30
C GLY A 7 -10.15 6.89 21.10
N SER A 8 -11.11 6.51 20.27
CA SER A 8 -10.81 5.73 19.09
C SER A 8 -11.37 6.41 17.84
N ALA A 9 -10.56 7.31 17.29
CA ALA A 9 -10.97 8.05 16.10
C ALA A 9 -9.75 8.24 15.19
N SER A 10 -9.62 7.34 14.24
CA SER A 10 -8.50 7.40 13.29
C SER A 10 -8.53 6.18 12.38
N LYS A 11 -8.26 6.42 11.10
CA LYS A 11 -8.25 5.36 10.12
C LYS A 11 -7.42 4.19 10.64
N ARG A 12 -8.07 3.05 10.77
CA ARG A 12 -7.40 1.85 11.26
C ARG A 12 -6.60 1.20 10.14
N TRP A 13 -5.32 1.01 10.39
CA TRP A 13 -4.43 0.40 9.41
C TRP A 13 -4.02 -0.98 9.95
N SER A 14 -3.65 -1.84 9.03
CA SER A 14 -3.22 -3.19 9.39
C SER A 14 -1.70 -3.24 9.54
N PRO A 15 -1.20 -4.45 9.87
CA PRO A 15 0.23 -4.65 10.04
C PRO A 15 0.95 -4.69 8.69
N PRO A 16 2.22 -4.22 8.70
CA PRO A 16 3.02 -4.18 7.49
C PRO A 16 3.50 -5.59 7.12
N ARG A 17 3.70 -5.80 5.83
CA ARG A 17 4.17 -7.08 5.33
C ARG A 17 5.60 -6.97 4.82
N GLY A 18 6.32 -8.08 4.93
CA GLY A 18 7.70 -8.12 4.48
C GLY A 18 7.81 -8.71 3.07
N ILE A 19 8.17 -7.84 2.13
CA ILE A 19 8.31 -8.25 0.74
C ILE A 19 9.79 -8.35 0.40
N HIS A 20 10.10 -9.23 -0.54
CA HIS A 20 11.47 -9.42 -0.98
C HIS A 20 11.52 -9.58 -2.49
N PHE A 21 12.09 -8.57 -3.15
CA PHE A 21 12.20 -8.58 -4.59
C PHE A 21 13.39 -7.74 -5.05
N THR A 22 13.67 -7.83 -6.35
CA THR A 22 14.78 -7.09 -6.92
C THR A 22 14.25 -5.98 -7.85
N VAL A 23 14.36 -4.75 -7.38
CA VAL A 23 13.90 -3.61 -8.15
C VAL A 23 14.33 -3.78 -9.60
N GLU A 24 13.69 -3.00 -10.47
CA GLU A 24 14.00 -3.06 -11.89
C GLU A 24 14.08 -1.65 -12.47
N GLU A 25 15.30 -1.26 -12.83
CA GLU A 25 15.52 0.06 -13.40
C GLU A 25 15.24 0.05 -14.90
N GLY A 26 14.07 -0.49 -15.25
CA GLY A 26 13.67 -0.57 -16.63
C GLY A 26 12.17 -0.87 -16.76
N ASP A 27 11.72 -1.77 -15.89
CA ASP A 27 10.31 -2.15 -15.90
C ASP A 27 9.91 -2.55 -14.48
N LEU A 28 9.43 -1.57 -13.74
CA LEU A 28 8.99 -1.80 -12.37
C LEU A 28 7.78 -2.73 -12.38
N GLY A 29 7.06 -2.71 -13.49
CA GLY A 29 5.88 -3.54 -13.63
C GLY A 29 4.72 -3.00 -12.80
N PHE A 30 4.95 -1.84 -12.21
CA PHE A 30 3.94 -1.19 -11.39
C PHE A 30 4.24 0.30 -11.21
N THR A 31 3.21 1.02 -10.78
CA THR A 31 3.36 2.45 -10.56
C THR A 31 2.84 2.84 -9.18
N LEU A 32 2.98 4.11 -8.85
CA LEU A 32 2.52 4.62 -7.57
C LEU A 32 1.45 5.68 -7.79
N ARG A 33 0.55 5.78 -6.82
CA ARG A 33 -0.53 6.76 -6.90
C ARG A 33 -0.18 8.01 -6.11
N GLY A 34 -0.88 9.09 -6.42
CA GLY A 34 -0.64 10.36 -5.75
C GLY A 34 -1.35 10.40 -4.40
N ASN A 35 -0.55 10.33 -3.35
CA ASN A 35 -1.09 10.37 -2.00
C ASN A 35 -0.11 9.66 -1.05
N THR A 36 -0.57 9.45 0.17
CA THR A 36 0.25 8.79 1.17
C THR A 36 -0.64 8.15 2.25
N PRO A 37 -0.29 6.89 2.62
CA PRO A 37 0.86 6.23 2.01
C PRO A 37 0.53 5.76 0.59
N VAL A 38 1.41 6.11 -0.33
CA VAL A 38 1.24 5.72 -1.72
C VAL A 38 0.91 4.23 -1.79
N GLN A 39 0.09 3.88 -2.78
CA GLN A 39 -0.30 2.50 -2.96
C GLN A 39 0.49 1.88 -4.13
N VAL A 40 0.07 0.68 -4.52
CA VAL A 40 0.72 -0.02 -5.60
C VAL A 40 -0.32 -0.41 -6.65
N HIS A 41 -0.12 0.10 -7.86
CA HIS A 41 -1.03 -0.19 -8.95
C HIS A 41 -0.42 -1.25 -9.87
N PHE A 42 -0.26 -2.44 -9.32
CA PHE A 42 0.32 -3.55 -10.08
C PHE A 42 -0.17 -3.52 -11.53
N LEU A 43 0.80 -3.53 -12.44
CA LEU A 43 0.49 -3.51 -13.86
C LEU A 43 0.82 -4.88 -14.47
N ASP A 44 1.81 -5.53 -13.87
CA ASP A 44 2.23 -6.85 -14.34
C ASP A 44 2.30 -7.81 -13.16
N PRO A 45 1.48 -8.88 -13.25
CA PRO A 45 1.43 -9.89 -12.20
C PRO A 45 2.67 -10.79 -12.24
N HIS A 46 3.55 -10.48 -13.19
CA HIS A 46 4.77 -11.26 -13.36
C HIS A 46 5.95 -10.30 -13.53
N CYS A 47 6.06 -9.35 -12.61
CA CYS A 47 7.14 -8.38 -12.65
C CYS A 47 8.18 -8.77 -11.60
N SER A 48 7.68 -9.01 -10.39
CA SER A 48 8.55 -9.38 -9.28
C SER A 48 7.86 -9.09 -7.96
N ALA A 49 7.64 -7.81 -7.71
CA ALA A 49 6.98 -7.38 -6.48
C ALA A 49 5.80 -8.29 -6.20
N SER A 50 4.96 -8.47 -7.22
CA SER A 50 3.78 -9.30 -7.09
C SER A 50 4.20 -10.72 -6.71
N LEU A 51 5.19 -11.24 -7.42
CA LEU A 51 5.68 -12.58 -7.18
C LEU A 51 6.32 -12.63 -5.79
N ALA A 52 6.77 -11.47 -5.34
CA ALA A 52 7.41 -11.36 -4.03
C ALA A 52 6.40 -11.76 -2.95
N GLY A 53 5.35 -10.95 -2.85
CA GLY A 53 4.31 -11.19 -1.87
C GLY A 53 3.46 -9.94 -1.63
N ALA A 54 3.15 -9.27 -2.73
CA ALA A 54 2.35 -8.05 -2.65
C ALA A 54 1.03 -8.26 -3.42
N LYS A 55 0.08 -7.40 -3.13
CA LYS A 55 -1.22 -7.48 -3.78
C LYS A 55 -1.75 -6.06 -4.01
N GLU A 56 -2.59 -5.94 -5.03
CA GLU A 56 -3.17 -4.66 -5.37
C GLU A 56 -3.75 -3.98 -4.12
N GLY A 57 -3.15 -2.85 -3.77
CA GLY A 57 -3.58 -2.10 -2.61
C GLY A 57 -2.48 -2.06 -1.55
N ASP A 58 -1.24 -2.20 -2.01
CA ASP A 58 -0.11 -2.18 -1.11
C ASP A 58 0.32 -0.74 -0.86
N TYR A 59 0.18 -0.32 0.39
CA TYR A 59 0.54 1.03 0.77
C TYR A 59 1.98 1.10 1.29
N ILE A 60 2.88 1.55 0.42
CA ILE A 60 4.28 1.65 0.78
C ILE A 60 4.40 2.36 2.13
N VAL A 61 4.93 1.63 3.10
CA VAL A 61 5.10 2.18 4.44
C VAL A 61 6.60 2.36 4.70
N SER A 62 7.37 1.40 4.25
CA SER A 62 8.81 1.44 4.43
C SER A 62 9.52 0.83 3.24
N ILE A 63 10.83 0.99 3.20
CA ILE A 63 11.63 0.46 2.11
C ILE A 63 13.07 0.27 2.59
N GLN A 64 13.41 -0.97 2.89
CA GLN A 64 14.74 -1.29 3.36
C GLN A 64 14.95 -0.76 4.78
N GLY A 65 13.84 -0.46 5.44
CA GLY A 65 13.89 0.05 6.80
C GLY A 65 13.81 1.58 6.81
N VAL A 66 13.49 2.14 5.65
CA VAL A 66 13.38 3.57 5.51
C VAL A 66 11.94 4.00 5.79
N ASP A 67 11.77 5.29 6.04
CA ASP A 67 10.45 5.84 6.32
C ASP A 67 9.77 6.23 5.02
N CYS A 68 8.70 5.52 4.70
CA CYS A 68 7.96 5.79 3.49
C CYS A 68 6.46 5.80 3.83
N LYS A 69 6.12 6.53 4.87
CA LYS A 69 4.74 6.63 5.31
C LYS A 69 4.16 7.97 4.86
N TRP A 70 5.04 8.94 4.72
CA TRP A 70 4.63 10.28 4.29
C TRP A 70 5.14 10.49 2.87
N LEU A 71 6.31 9.94 2.60
CA LEU A 71 6.91 10.07 1.28
C LEU A 71 5.84 9.91 0.21
N THR A 72 6.02 10.61 -0.88
CA THR A 72 5.08 10.55 -1.99
C THR A 72 5.55 9.55 -3.04
N VAL A 73 5.09 9.77 -4.27
CA VAL A 73 5.46 8.90 -5.37
C VAL A 73 6.91 9.18 -5.78
N SER A 74 7.18 10.45 -6.02
CA SER A 74 8.51 10.86 -6.42
C SER A 74 9.56 10.27 -5.46
N GLU A 75 9.43 10.63 -4.20
CA GLU A 75 10.35 10.14 -3.18
C GLU A 75 10.52 8.63 -3.30
N VAL A 76 9.47 7.92 -2.94
CA VAL A 76 9.49 6.46 -3.01
C VAL A 76 10.16 6.02 -4.32
N MET A 77 9.58 6.46 -5.42
CA MET A 77 10.11 6.13 -6.73
C MET A 77 11.64 6.12 -6.72
N LYS A 78 12.21 7.23 -6.30
CA LYS A 78 13.66 7.37 -6.23
C LYS A 78 14.20 6.39 -5.20
N LEU A 79 13.51 6.31 -4.07
CA LEU A 79 13.91 5.43 -3.00
C LEU A 79 13.93 3.98 -3.51
N LEU A 80 13.15 3.75 -4.55
CA LEU A 80 13.06 2.44 -5.14
C LEU A 80 14.11 2.32 -6.25
N LYS A 81 14.09 3.28 -7.15
CA LYS A 81 15.03 3.29 -8.26
C LYS A 81 16.46 3.22 -7.71
N SER A 82 16.73 4.07 -6.73
CA SER A 82 18.04 4.11 -6.12
C SER A 82 18.53 2.69 -5.83
N PHE A 83 17.59 1.84 -5.44
CA PHE A 83 17.91 0.46 -5.13
C PHE A 83 17.62 -0.45 -6.33
N GLY A 84 17.96 0.05 -7.51
CA GLY A 84 17.74 -0.70 -8.74
C GLY A 84 18.51 -2.03 -8.71
N GLY A 85 17.78 -3.10 -8.90
CA GLY A 85 18.37 -4.43 -8.90
C GLY A 85 19.36 -4.58 -7.74
N GLU A 86 18.94 -4.10 -6.58
CA GLU A 86 19.77 -4.18 -5.39
C GLU A 86 19.08 -5.03 -4.33
N GLU A 87 17.88 -5.46 -4.64
CA GLU A 87 17.11 -6.29 -3.73
C GLU A 87 16.86 -5.53 -2.41
N VAL A 88 15.60 -5.19 -2.20
CA VAL A 88 15.21 -4.47 -1.00
C VAL A 88 13.95 -5.10 -0.41
N GLU A 89 13.60 -4.64 0.78
CA GLU A 89 12.42 -5.15 1.46
C GLU A 89 11.39 -4.04 1.64
N MET A 90 10.33 -4.11 0.82
CA MET A 90 9.27 -3.13 0.88
C MET A 90 8.16 -3.56 1.83
N LYS A 91 7.74 -2.63 2.67
CA LYS A 91 6.68 -2.91 3.64
C LYS A 91 5.41 -2.16 3.22
N VAL A 92 4.30 -2.88 3.27
CA VAL A 92 3.02 -2.29 2.91
C VAL A 92 1.97 -2.69 3.95
N VAL A 93 1.08 -1.76 4.23
CA VAL A 93 0.02 -1.99 5.20
C VAL A 93 -1.34 -1.90 4.50
N SER A 94 -2.35 -2.43 5.17
CA SER A 94 -3.70 -2.40 4.63
C SER A 94 -4.50 -1.28 5.29
N LEU A 95 -5.39 -0.69 4.49
CA LEU A 95 -6.23 0.40 4.98
C LEU A 95 -7.60 -0.15 5.36
N LEU A 96 -7.95 0.04 6.63
CA LEU A 96 -9.23 -0.42 7.13
C LEU A 96 -10.12 0.77 7.47
N ASP A 97 -11.31 0.77 6.90
CA ASP A 97 -12.26 1.84 7.12
C ASP A 97 -13.60 1.47 6.50
N SER A 98 -14.65 2.11 7.00
CA SER A 98 -15.99 1.86 6.51
C SER A 98 -16.18 2.51 5.13
N THR A 99 -16.03 3.82 5.12
CA THR A 99 -16.17 4.56 3.87
C THR A 99 -17.58 4.38 3.30
N SER A 100 -18.05 5.43 2.64
CA SER A 100 -19.38 5.39 2.03
C SER A 100 -20.45 5.39 3.13
N SER A 101 -21.53 6.11 2.86
CA SER A 101 -22.63 6.21 3.81
C SER A 101 -23.77 7.00 3.19
N MET A 102 -24.79 6.27 2.76
CA MET A 102 -25.95 6.89 2.15
C MET A 102 -27.21 6.04 2.39
N HIS A 103 -28.36 6.69 2.25
CA HIS A 103 -29.63 6.03 2.46
C HIS A 103 -30.75 6.83 1.79
N ASN A 104 -31.63 6.11 1.13
CA ASN A 104 -32.75 6.74 0.45
C ASN A 104 -33.74 5.67 -0.02
N LYS A 105 -35.02 6.00 0.10
CA LYS A 105 -36.06 5.08 -0.30
C LYS A 105 -36.75 5.60 -1.56
N SER A 106 -37.41 6.74 -1.41
CA SER A 106 -38.11 7.35 -2.54
C SER A 106 -39.22 6.42 -3.03
N GLY A 107 -40.05 6.97 -3.90
CA GLY A 107 -41.17 6.21 -4.46
C GLY A 107 -42.33 7.13 -4.81
N PRO A 108 -42.26 7.70 -6.04
CA PRO A 108 -43.31 8.60 -6.51
C PRO A 108 -44.56 7.82 -6.90
N SER A 109 -45.65 8.55 -7.07
CA SER A 109 -46.92 7.94 -7.46
C SER A 109 -47.07 7.95 -8.98
N SER A 110 -48.07 7.24 -9.46
CA SER A 110 -48.33 7.15 -10.88
C SER A 110 -49.85 7.05 -11.13
N GLY A 111 -50.31 7.85 -12.08
CA GLY A 111 -51.73 7.84 -12.43
C GLY A 111 -52.01 8.81 -13.58
N GLY A 1 -3.44 -1.03 27.06
CA GLY A 1 -4.66 -1.69 27.52
C GLY A 1 -5.88 -1.07 26.83
N SER A 2 -7.06 -1.54 27.25
CA SER A 2 -8.30 -1.06 26.69
C SER A 2 -9.48 -1.55 27.54
N SER A 3 -10.59 -0.83 27.42
CA SER A 3 -11.78 -1.18 28.16
C SER A 3 -12.92 -0.22 27.80
N GLY A 4 -13.97 -0.79 27.21
CA GLY A 4 -15.11 0.00 26.80
C GLY A 4 -15.23 0.06 25.28
N SER A 5 -15.43 1.28 24.78
CA SER A 5 -15.57 1.48 23.35
C SER A 5 -15.69 2.98 23.05
N SER A 6 -14.84 3.44 22.14
CA SER A 6 -14.85 4.84 21.75
C SER A 6 -13.80 5.08 20.66
N GLY A 7 -14.13 6.00 19.77
CA GLY A 7 -13.23 6.35 18.68
C GLY A 7 -13.78 7.51 17.85
N SER A 8 -12.86 8.26 17.26
CA SER A 8 -13.24 9.41 16.45
C SER A 8 -12.03 9.93 15.69
N ALA A 9 -12.15 9.97 14.38
CA ALA A 9 -11.08 10.45 13.53
C ALA A 9 -9.81 9.65 13.82
N SER A 10 -9.74 8.48 13.19
CA SER A 10 -8.59 7.61 13.38
C SER A 10 -8.72 6.38 12.46
N LYS A 11 -8.10 6.49 11.30
CA LYS A 11 -8.14 5.41 10.33
C LYS A 11 -7.26 4.26 10.82
N ARG A 12 -7.87 3.09 10.91
CA ARG A 12 -7.17 1.91 11.37
C ARG A 12 -6.36 1.28 10.22
N TRP A 13 -5.08 1.12 10.47
CA TRP A 13 -4.19 0.53 9.47
C TRP A 13 -3.79 -0.87 9.94
N SER A 14 -3.41 -1.70 8.99
CA SER A 14 -3.00 -3.05 9.30
C SER A 14 -1.48 -3.11 9.49
N PRO A 15 -0.98 -4.33 9.80
CA PRO A 15 0.44 -4.53 10.02
C PRO A 15 1.21 -4.52 8.69
N PRO A 16 2.48 -4.05 8.76
CA PRO A 16 3.32 -3.98 7.59
C PRO A 16 3.82 -5.38 7.18
N ARG A 17 3.80 -5.62 5.88
CA ARG A 17 4.24 -6.91 5.35
C ARG A 17 5.75 -6.88 5.12
N GLY A 18 6.27 -8.04 4.75
CA GLY A 18 7.70 -8.17 4.48
C GLY A 18 7.95 -8.85 3.13
N ILE A 19 7.97 -8.02 2.09
CA ILE A 19 8.20 -8.51 0.75
C ILE A 19 9.71 -8.52 0.45
N HIS A 20 10.10 -9.47 -0.38
CA HIS A 20 11.50 -9.59 -0.75
C HIS A 20 11.62 -9.80 -2.25
N PHE A 21 12.15 -8.79 -2.93
CA PHE A 21 12.32 -8.86 -4.36
C PHE A 21 13.44 -7.93 -4.83
N THR A 22 13.72 -7.98 -6.12
CA THR A 22 14.77 -7.16 -6.70
C THR A 22 14.16 -6.14 -7.67
N VAL A 23 14.25 -4.87 -7.27
CA VAL A 23 13.72 -3.80 -8.09
C VAL A 23 14.23 -3.95 -9.52
N GLU A 24 13.31 -3.78 -10.47
CA GLU A 24 13.66 -3.89 -11.87
C GLU A 24 13.65 -2.51 -12.53
N GLU A 25 14.83 -2.07 -12.95
CA GLU A 25 14.97 -0.78 -13.59
C GLU A 25 14.69 -0.91 -15.09
N GLY A 26 14.12 -2.04 -15.46
CA GLY A 26 13.79 -2.30 -16.85
C GLY A 26 12.31 -2.67 -17.01
N ASP A 27 11.64 -2.79 -15.88
CA ASP A 27 10.23 -3.15 -15.87
C ASP A 27 9.76 -3.34 -14.43
N LEU A 28 9.76 -2.26 -13.69
CA LEU A 28 9.34 -2.30 -12.29
C LEU A 28 8.16 -3.27 -12.16
N GLY A 29 7.31 -3.27 -13.17
CA GLY A 29 6.14 -4.14 -13.16
C GLY A 29 4.90 -3.40 -12.65
N PHE A 30 5.14 -2.53 -11.68
CA PHE A 30 4.06 -1.75 -11.10
C PHE A 30 4.36 -0.25 -11.16
N THR A 31 3.51 0.51 -10.50
CA THR A 31 3.66 1.96 -10.47
C THR A 31 3.25 2.52 -9.11
N LEU A 32 3.43 3.82 -8.95
CA LEU A 32 3.07 4.48 -7.71
C LEU A 32 2.20 5.70 -8.01
N ARG A 33 1.02 5.70 -7.43
CA ARG A 33 0.09 6.80 -7.63
C ARG A 33 -0.72 7.05 -6.35
N GLY A 34 -1.30 8.24 -6.29
CA GLY A 34 -2.09 8.62 -5.13
C GLY A 34 -1.25 9.40 -4.12
N ASN A 35 -1.78 9.52 -2.92
CA ASN A 35 -1.09 10.24 -1.86
C ASN A 35 -0.33 9.24 -0.98
N THR A 36 0.26 9.76 0.08
CA THR A 36 1.01 8.93 1.00
C THR A 36 0.10 8.41 2.12
N PRO A 37 0.33 7.12 2.50
CA PRO A 37 1.38 6.34 1.87
C PRO A 37 0.96 5.88 0.47
N VAL A 38 1.86 6.08 -0.48
CA VAL A 38 1.60 5.70 -1.85
C VAL A 38 1.16 4.24 -1.90
N GLN A 39 0.29 3.94 -2.86
CA GLN A 39 -0.22 2.58 -3.02
C GLN A 39 0.41 1.93 -4.26
N VAL A 40 0.25 0.62 -4.33
CA VAL A 40 0.78 -0.14 -5.45
C VAL A 40 -0.35 -0.47 -6.43
N HIS A 41 -0.14 -0.11 -7.69
CA HIS A 41 -1.12 -0.37 -8.72
C HIS A 41 -0.58 -1.41 -9.70
N PHE A 42 -0.58 -2.65 -9.27
CA PHE A 42 -0.09 -3.74 -10.10
C PHE A 42 -0.52 -3.56 -11.55
N LEU A 43 0.47 -3.56 -12.43
CA LEU A 43 0.20 -3.38 -13.85
C LEU A 43 0.35 -4.74 -14.56
N ASP A 44 1.22 -5.57 -14.00
CA ASP A 44 1.46 -6.89 -14.56
C ASP A 44 1.22 -7.95 -13.48
N PRO A 45 0.49 -9.01 -13.89
CA PRO A 45 0.18 -10.10 -12.97
C PRO A 45 1.41 -10.99 -12.74
N HIS A 46 2.46 -10.70 -13.51
CA HIS A 46 3.69 -11.46 -13.40
C HIS A 46 4.87 -10.50 -13.22
N CYS A 47 4.75 -9.65 -12.21
CA CYS A 47 5.79 -8.68 -11.91
C CYS A 47 6.54 -9.15 -10.66
N SER A 48 7.79 -8.72 -10.58
CA SER A 48 8.63 -9.09 -9.45
C SER A 48 7.85 -8.94 -8.15
N ALA A 49 7.39 -7.71 -7.91
CA ALA A 49 6.62 -7.42 -6.72
C ALA A 49 5.61 -8.53 -6.47
N SER A 50 4.72 -8.70 -7.43
CA SER A 50 3.69 -9.72 -7.34
C SER A 50 4.33 -11.08 -7.07
N LEU A 51 5.33 -11.40 -7.87
CA LEU A 51 6.03 -12.66 -7.73
C LEU A 51 6.66 -12.74 -6.33
N ALA A 52 6.79 -11.58 -5.71
CA ALA A 52 7.36 -11.50 -4.37
C ALA A 52 6.32 -11.96 -3.35
N GLY A 53 5.18 -11.27 -3.35
CA GLY A 53 4.11 -11.59 -2.43
C GLY A 53 3.34 -10.33 -2.02
N ALA A 54 2.95 -9.57 -3.02
CA ALA A 54 2.21 -8.33 -2.78
C ALA A 54 0.83 -8.45 -3.44
N LYS A 55 -0.11 -7.70 -2.87
CA LYS A 55 -1.47 -7.70 -3.40
C LYS A 55 -1.94 -6.25 -3.58
N GLU A 56 -2.64 -6.04 -4.68
CA GLU A 56 -3.15 -4.70 -4.99
C GLU A 56 -3.70 -4.04 -3.72
N GLY A 57 -3.18 -2.85 -3.44
CA GLY A 57 -3.60 -2.10 -2.27
C GLY A 57 -2.50 -2.05 -1.23
N ASP A 58 -1.26 -2.18 -1.71
CA ASP A 58 -0.10 -2.15 -0.83
C ASP A 58 0.35 -0.69 -0.67
N TYR A 59 0.38 -0.27 0.59
CA TYR A 59 0.80 1.09 0.90
C TYR A 59 2.26 1.12 1.38
N ILE A 60 3.15 1.43 0.44
CA ILE A 60 4.56 1.51 0.75
C ILE A 60 4.76 2.34 2.02
N VAL A 61 4.88 1.65 3.14
CA VAL A 61 5.07 2.32 4.41
C VAL A 61 6.57 2.55 4.64
N SER A 62 7.36 1.66 4.06
CA SER A 62 8.81 1.76 4.18
C SER A 62 9.49 0.79 3.20
N ILE A 63 10.72 1.14 2.85
CA ILE A 63 11.48 0.31 1.93
C ILE A 63 12.88 0.08 2.49
N GLN A 64 13.19 -1.19 2.73
CA GLN A 64 14.48 -1.56 3.27
C GLN A 64 14.57 -1.19 4.75
N GLY A 65 14.36 0.09 5.02
CA GLY A 65 14.41 0.59 6.39
C GLY A 65 14.25 2.10 6.43
N VAL A 66 13.40 2.60 5.55
CA VAL A 66 13.14 4.03 5.47
C VAL A 66 11.64 4.28 5.63
N ASP A 67 11.33 5.41 6.27
CA ASP A 67 9.95 5.79 6.49
C ASP A 67 9.37 6.38 5.20
N CYS A 68 8.38 5.68 4.65
CA CYS A 68 7.74 6.11 3.43
C CYS A 68 6.24 6.29 3.70
N LYS A 69 5.95 6.92 4.84
CA LYS A 69 4.58 7.16 5.22
C LYS A 69 4.19 8.61 4.90
N TRP A 70 5.21 9.41 4.65
CA TRP A 70 5.01 10.81 4.34
C TRP A 70 5.45 11.04 2.88
N LEU A 71 6.59 10.46 2.55
CA LEU A 71 7.13 10.59 1.21
C LEU A 71 5.98 10.49 0.19
N THR A 72 6.19 11.15 -0.94
CA THR A 72 5.19 11.15 -2.00
C THR A 72 5.50 10.06 -3.02
N VAL A 73 4.94 10.22 -4.21
CA VAL A 73 5.16 9.27 -5.28
C VAL A 73 6.57 9.42 -5.82
N SER A 74 6.97 10.66 -6.06
CA SER A 74 8.29 10.94 -6.57
C SER A 74 9.35 10.40 -5.62
N GLU A 75 9.33 10.92 -4.41
CA GLU A 75 10.29 10.50 -3.39
C GLU A 75 10.48 8.98 -3.45
N VAL A 76 9.44 8.27 -3.05
CA VAL A 76 9.48 6.82 -3.05
C VAL A 76 10.11 6.33 -4.36
N MET A 77 9.48 6.73 -5.46
CA MET A 77 9.97 6.34 -6.77
C MET A 77 11.49 6.36 -6.82
N LYS A 78 12.07 7.39 -6.23
CA LYS A 78 13.52 7.53 -6.20
C LYS A 78 14.10 6.53 -5.20
N LEU A 79 13.46 6.46 -4.05
CA LEU A 79 13.89 5.55 -3.00
C LEU A 79 13.94 4.13 -3.55
N LEU A 80 13.12 3.89 -4.56
CA LEU A 80 13.06 2.59 -5.19
C LEU A 80 14.13 2.49 -6.28
N LYS A 81 14.20 3.53 -7.10
CA LYS A 81 15.17 3.57 -8.17
C LYS A 81 16.57 3.33 -7.60
N SER A 82 16.89 4.09 -6.55
CA SER A 82 18.18 3.96 -5.91
C SER A 82 18.54 2.49 -5.72
N PHE A 83 17.57 1.74 -5.21
CA PHE A 83 17.76 0.32 -4.97
C PHE A 83 17.39 -0.50 -6.21
N GLY A 84 17.75 0.04 -7.37
CA GLY A 84 17.46 -0.63 -8.63
C GLY A 84 18.34 -1.86 -8.82
N GLY A 85 17.69 -3.00 -9.02
CA GLY A 85 18.40 -4.25 -9.22
C GLY A 85 19.11 -4.68 -7.92
N GLU A 86 18.45 -4.41 -6.81
CA GLU A 86 19.01 -4.77 -5.51
C GLU A 86 17.89 -5.26 -4.59
N GLU A 87 18.07 -6.49 -4.10
CA GLU A 87 17.10 -7.09 -3.22
C GLU A 87 16.83 -6.16 -2.03
N VAL A 88 15.58 -5.69 -1.96
CA VAL A 88 15.18 -4.81 -0.88
C VAL A 88 13.96 -5.40 -0.18
N GLU A 89 13.69 -4.85 1.00
CA GLU A 89 12.55 -5.31 1.79
C GLU A 89 11.47 -4.23 1.84
N MET A 90 10.42 -4.45 1.07
CA MET A 90 9.32 -3.51 1.02
C MET A 90 8.24 -3.88 2.04
N LYS A 91 7.73 -2.85 2.72
CA LYS A 91 6.70 -3.06 3.72
C LYS A 91 5.48 -2.21 3.37
N VAL A 92 4.32 -2.85 3.45
CA VAL A 92 3.08 -2.16 3.14
C VAL A 92 2.03 -2.52 4.19
N VAL A 93 1.17 -1.56 4.49
CA VAL A 93 0.12 -1.76 5.47
C VAL A 93 -1.24 -1.61 4.79
N SER A 94 -2.19 -2.43 5.24
CA SER A 94 -3.52 -2.39 4.68
C SER A 94 -4.36 -1.34 5.42
N LEU A 95 -5.15 -0.61 4.63
CA LEU A 95 -6.00 0.43 5.20
C LEU A 95 -7.37 -0.17 5.54
N LEU A 96 -7.81 0.12 6.75
CA LEU A 96 -9.09 -0.38 7.22
C LEU A 96 -9.99 0.80 7.61
N ASP A 97 -11.16 0.84 7.00
CA ASP A 97 -12.11 1.90 7.27
C ASP A 97 -13.35 1.30 7.93
N SER A 98 -14.05 2.15 8.68
CA SER A 98 -15.26 1.73 9.36
C SER A 98 -16.48 1.92 8.46
N THR A 99 -17.62 1.49 8.96
CA THR A 99 -18.86 1.60 8.20
C THR A 99 -18.72 0.94 6.84
N SER A 100 -19.09 -0.33 6.79
CA SER A 100 -19.01 -1.09 5.56
C SER A 100 -19.88 -0.45 4.49
N SER A 101 -19.70 -0.91 3.25
CA SER A 101 -20.47 -0.38 2.13
C SER A 101 -21.41 -1.45 1.59
N MET A 102 -22.69 -1.14 1.60
CA MET A 102 -23.70 -2.07 1.12
C MET A 102 -24.97 -1.33 0.72
N HIS A 103 -25.35 -1.50 -0.54
CA HIS A 103 -26.54 -0.86 -1.07
C HIS A 103 -26.90 -1.49 -2.42
N ASN A 104 -28.19 -1.79 -2.57
CA ASN A 104 -28.68 -2.38 -3.80
C ASN A 104 -30.16 -2.72 -3.64
N LYS A 105 -30.80 -2.99 -4.76
CA LYS A 105 -32.21 -3.33 -4.77
C LYS A 105 -32.41 -4.66 -5.51
N SER A 106 -33.62 -5.19 -5.41
CA SER A 106 -33.96 -6.44 -6.07
C SER A 106 -35.47 -6.56 -6.21
N GLY A 107 -35.90 -6.82 -7.44
CA GLY A 107 -37.32 -6.96 -7.72
C GLY A 107 -37.54 -7.84 -8.95
N PRO A 108 -37.74 -9.16 -8.69
CA PRO A 108 -37.96 -10.12 -9.76
C PRO A 108 -39.38 -9.99 -10.31
N SER A 109 -39.68 -10.83 -11.30
CA SER A 109 -40.99 -10.83 -11.92
C SER A 109 -41.49 -12.27 -12.11
N SER A 110 -42.79 -12.43 -11.98
CA SER A 110 -43.40 -13.73 -12.14
C SER A 110 -44.89 -13.58 -12.47
N GLY A 111 -45.43 -14.61 -13.10
CA GLY A 111 -46.83 -14.61 -13.47
C GLY A 111 -47.02 -15.12 -14.90
N GLY A 1 18.89 19.43 15.05
CA GLY A 1 17.48 19.39 14.69
C GLY A 1 16.83 18.09 15.14
N SER A 2 16.98 17.07 14.29
CA SER A 2 16.42 15.77 14.59
C SER A 2 14.91 15.90 14.84
N SER A 3 14.25 14.75 14.86
CA SER A 3 12.81 14.72 15.09
C SER A 3 12.36 13.30 15.42
N GLY A 4 11.41 13.21 16.32
CA GLY A 4 10.88 11.91 16.73
C GLY A 4 9.38 11.99 17.02
N SER A 5 8.60 11.61 16.03
CA SER A 5 7.14 11.64 16.16
C SER A 5 6.65 10.32 16.78
N SER A 6 6.40 10.36 18.08
CA SER A 6 5.93 9.19 18.79
C SER A 6 4.51 9.43 19.31
N GLY A 7 3.55 8.83 18.63
CA GLY A 7 2.16 8.98 19.02
C GLY A 7 1.24 9.02 17.79
N SER A 8 0.27 9.91 17.84
CA SER A 8 -0.68 10.06 16.75
C SER A 8 -1.46 8.76 16.55
N ALA A 9 -2.77 8.87 16.66
CA ALA A 9 -3.64 7.72 16.49
C ALA A 9 -4.83 8.10 15.63
N SER A 10 -4.77 7.71 14.37
CA SER A 10 -5.84 8.01 13.43
C SER A 10 -6.18 6.76 12.62
N LYS A 11 -7.44 6.69 12.22
CA LYS A 11 -7.91 5.57 11.43
C LYS A 11 -7.27 4.27 11.96
N ARG A 12 -7.25 3.27 11.10
CA ARG A 12 -6.67 1.99 11.46
C ARG A 12 -5.97 1.35 10.26
N TRP A 13 -4.75 0.89 10.50
CA TRP A 13 -3.98 0.27 9.44
C TRP A 13 -3.54 -1.12 9.94
N SER A 14 -3.44 -2.05 8.99
CA SER A 14 -3.03 -3.40 9.31
C SER A 14 -1.51 -3.46 9.49
N PRO A 15 -1.03 -4.70 9.81
CA PRO A 15 0.40 -4.91 10.00
C PRO A 15 1.15 -4.91 8.67
N PRO A 16 2.42 -4.42 8.71
CA PRO A 16 3.24 -4.37 7.52
C PRO A 16 3.75 -5.77 7.15
N ARG A 17 3.88 -6.00 5.85
CA ARG A 17 4.36 -7.27 5.35
C ARG A 17 5.77 -7.11 4.78
N GLY A 18 6.66 -8.00 5.21
CA GLY A 18 8.03 -7.98 4.76
C GLY A 18 8.16 -8.68 3.40
N ILE A 19 8.20 -7.87 2.35
CA ILE A 19 8.33 -8.40 1.00
C ILE A 19 9.82 -8.53 0.65
N HIS A 20 10.10 -9.50 -0.20
CA HIS A 20 11.47 -9.74 -0.64
C HIS A 20 11.51 -9.91 -2.16
N PHE A 21 12.10 -8.93 -2.82
CA PHE A 21 12.20 -8.96 -4.26
C PHE A 21 13.36 -8.07 -4.74
N THR A 22 13.63 -8.16 -6.04
CA THR A 22 14.69 -7.37 -6.64
C THR A 22 14.11 -6.33 -7.60
N VAL A 23 14.17 -5.07 -7.16
CA VAL A 23 13.66 -3.98 -7.96
C VAL A 23 14.08 -4.19 -9.43
N GLU A 24 13.29 -3.62 -10.32
CA GLU A 24 13.58 -3.72 -11.75
C GLU A 24 13.91 -2.35 -12.33
N GLU A 25 15.19 -2.12 -12.51
CA GLU A 25 15.66 -0.85 -13.06
C GLU A 25 15.49 -0.84 -14.58
N GLY A 26 14.28 -1.15 -15.01
CA GLY A 26 13.98 -1.18 -16.43
C GLY A 26 12.47 -1.33 -16.67
N ASP A 27 11.85 -2.17 -15.85
CA ASP A 27 10.43 -2.41 -15.96
C ASP A 27 9.87 -2.79 -14.57
N LEU A 28 9.70 -1.77 -13.74
CA LEU A 28 9.18 -1.97 -12.41
C LEU A 28 7.96 -2.90 -12.47
N GLY A 29 7.20 -2.74 -13.54
CA GLY A 29 6.01 -3.55 -13.74
C GLY A 29 4.77 -2.85 -13.17
N PHE A 30 4.97 -2.15 -12.07
CA PHE A 30 3.88 -1.43 -11.43
C PHE A 30 4.21 0.07 -11.32
N THR A 31 3.25 0.80 -10.76
CA THR A 31 3.41 2.23 -10.61
C THR A 31 2.94 2.67 -9.21
N LEU A 32 3.11 3.96 -8.95
CA LEU A 32 2.72 4.51 -7.67
C LEU A 32 1.65 5.60 -7.90
N ARG A 33 0.55 5.46 -7.18
CA ARG A 33 -0.54 6.41 -7.29
C ARG A 33 -0.94 6.93 -5.91
N GLY A 34 -1.60 8.07 -5.90
CA GLY A 34 -2.05 8.68 -4.66
C GLY A 34 -0.99 9.63 -4.09
N ASN A 35 -1.20 10.02 -2.85
CA ASN A 35 -0.27 10.92 -2.18
C ASN A 35 0.63 10.11 -1.26
N THR A 36 0.05 9.66 -0.15
CA THR A 36 0.79 8.88 0.83
C THR A 36 -0.14 8.37 1.92
N PRO A 37 0.11 7.11 2.35
CA PRO A 37 1.20 6.32 1.78
C PRO A 37 0.82 5.82 0.38
N VAL A 38 1.75 6.01 -0.54
CA VAL A 38 1.54 5.57 -1.91
C VAL A 38 1.20 4.08 -1.93
N GLN A 39 0.33 3.73 -2.86
CA GLN A 39 -0.10 2.34 -2.99
C GLN A 39 0.66 1.65 -4.13
N VAL A 40 0.26 0.42 -4.41
CA VAL A 40 0.90 -0.34 -5.46
C VAL A 40 -0.15 -0.73 -6.51
N HIS A 41 0.06 -0.23 -7.72
CA HIS A 41 -0.86 -0.51 -8.82
C HIS A 41 -0.22 -1.51 -9.77
N PHE A 42 -0.54 -2.78 -9.56
CA PHE A 42 -0.01 -3.85 -10.40
C PHE A 42 -0.48 -3.69 -11.84
N LEU A 43 0.49 -3.52 -12.72
CA LEU A 43 0.19 -3.37 -14.14
C LEU A 43 0.61 -4.63 -14.89
N ASP A 44 1.56 -5.35 -14.30
CA ASP A 44 2.05 -6.57 -14.90
C ASP A 44 2.04 -7.69 -13.85
N PRO A 45 1.52 -8.87 -14.28
CA PRO A 45 1.44 -10.02 -13.39
C PRO A 45 2.82 -10.66 -13.20
N HIS A 46 3.66 -10.50 -14.22
CA HIS A 46 5.00 -11.05 -14.17
C HIS A 46 5.99 -9.96 -13.80
N CYS A 47 5.49 -8.96 -13.07
CA CYS A 47 6.33 -7.86 -12.64
C CYS A 47 7.44 -8.40 -11.76
N SER A 48 7.46 -7.94 -10.52
CA SER A 48 8.46 -8.38 -9.56
C SER A 48 7.90 -8.33 -8.15
N ALA A 49 7.24 -7.22 -7.84
CA ALA A 49 6.64 -7.04 -6.52
C ALA A 49 5.60 -8.13 -6.29
N SER A 50 4.74 -8.30 -7.28
CA SER A 50 3.69 -9.30 -7.19
C SER A 50 4.30 -10.69 -7.02
N LEU A 51 5.30 -10.97 -7.85
CA LEU A 51 5.98 -12.26 -7.79
C LEU A 51 6.55 -12.47 -6.39
N ALA A 52 6.80 -11.35 -5.72
CA ALA A 52 7.35 -11.41 -4.38
C ALA A 52 6.30 -11.98 -3.42
N GLY A 53 5.17 -11.31 -3.35
CA GLY A 53 4.08 -11.74 -2.49
C GLY A 53 3.29 -10.55 -1.96
N ALA A 54 3.00 -9.63 -2.87
CA ALA A 54 2.25 -8.44 -2.51
C ALA A 54 0.82 -8.56 -3.05
N LYS A 55 0.10 -7.45 -2.99
CA LYS A 55 -1.28 -7.42 -3.45
C LYS A 55 -1.56 -6.06 -4.09
N GLU A 56 -2.83 -5.85 -4.40
CA GLU A 56 -3.25 -4.60 -5.01
C GLU A 56 -3.69 -3.60 -3.94
N GLY A 57 -2.92 -2.53 -3.82
CA GLY A 57 -3.21 -1.50 -2.84
C GLY A 57 -2.10 -1.40 -1.79
N ASP A 58 -1.07 -2.19 -2.01
CA ASP A 58 0.07 -2.21 -1.09
C ASP A 58 0.54 -0.78 -0.85
N TYR A 59 0.35 -0.33 0.39
CA TYR A 59 0.76 1.02 0.77
C TYR A 59 2.21 1.04 1.25
N ILE A 60 3.10 1.40 0.34
CA ILE A 60 4.52 1.46 0.66
C ILE A 60 4.71 2.28 1.93
N VAL A 61 4.79 1.59 3.05
CA VAL A 61 4.98 2.24 4.33
C VAL A 61 6.47 2.44 4.59
N SER A 62 7.27 1.55 4.01
CA SER A 62 8.71 1.62 4.16
C SER A 62 9.39 0.82 3.06
N ILE A 63 10.70 1.01 2.95
CA ILE A 63 11.48 0.31 1.95
C ILE A 63 12.91 0.10 2.46
N GLN A 64 13.22 -1.15 2.78
CA GLN A 64 14.53 -1.49 3.28
C GLN A 64 14.68 -1.05 4.73
N GLY A 65 13.59 -0.51 5.27
CA GLY A 65 13.58 -0.05 6.64
C GLY A 65 13.48 1.49 6.71
N VAL A 66 13.14 2.07 5.57
CA VAL A 66 13.01 3.52 5.48
C VAL A 66 11.60 3.92 5.91
N ASP A 67 11.34 5.22 5.84
CA ASP A 67 10.04 5.76 6.21
C ASP A 67 9.36 6.34 4.97
N CYS A 68 8.53 5.51 4.34
CA CYS A 68 7.81 5.93 3.15
C CYS A 68 6.34 6.11 3.52
N LYS A 69 6.12 6.64 4.72
CA LYS A 69 4.77 6.88 5.20
C LYS A 69 4.38 8.34 4.93
N TRP A 70 5.39 9.16 4.68
CA TRP A 70 5.16 10.56 4.40
C TRP A 70 5.57 10.82 2.95
N LEU A 71 6.67 10.20 2.55
CA LEU A 71 7.17 10.37 1.20
C LEU A 71 5.99 10.35 0.22
N THR A 72 6.19 11.02 -0.91
CA THR A 72 5.17 11.11 -1.93
C THR A 72 5.36 10.00 -2.97
N VAL A 73 5.04 10.34 -4.21
CA VAL A 73 5.19 9.40 -5.31
C VAL A 73 6.60 9.51 -5.89
N SER A 74 7.01 10.75 -6.11
CA SER A 74 8.33 11.01 -6.67
C SER A 74 9.41 10.47 -5.73
N GLU A 75 9.31 10.88 -4.47
CA GLU A 75 10.26 10.45 -3.46
C GLU A 75 10.45 8.93 -3.53
N VAL A 76 9.41 8.22 -3.11
CA VAL A 76 9.45 6.78 -3.11
C VAL A 76 10.09 6.28 -4.40
N MET A 77 9.49 6.69 -5.52
CA MET A 77 9.99 6.31 -6.83
C MET A 77 11.52 6.26 -6.84
N LYS A 78 12.11 7.33 -6.33
CA LYS A 78 13.56 7.43 -6.28
C LYS A 78 14.09 6.41 -5.27
N LEU A 79 13.45 6.37 -4.11
CA LEU A 79 13.85 5.46 -3.06
C LEU A 79 13.90 4.03 -3.62
N LEU A 80 13.05 3.79 -4.60
CA LEU A 80 12.99 2.48 -5.23
C LEU A 80 14.08 2.38 -6.31
N LYS A 81 14.17 3.45 -7.10
CA LYS A 81 15.16 3.49 -8.16
C LYS A 81 16.56 3.30 -7.57
N SER A 82 16.84 4.06 -6.53
CA SER A 82 18.13 3.98 -5.86
C SER A 82 18.48 2.51 -5.59
N PHE A 83 17.45 1.74 -5.28
CA PHE A 83 17.65 0.33 -5.00
C PHE A 83 17.28 -0.53 -6.22
N GLY A 84 17.65 -0.03 -7.38
CA GLY A 84 17.37 -0.74 -8.62
C GLY A 84 18.27 -1.97 -8.78
N GLY A 85 17.64 -3.10 -9.03
CA GLY A 85 18.37 -4.34 -9.20
C GLY A 85 19.05 -4.76 -7.89
N GLU A 86 18.44 -4.36 -6.79
CA GLU A 86 18.97 -4.68 -5.48
C GLU A 86 17.85 -5.18 -4.56
N GLU A 87 18.04 -6.39 -4.05
CA GLU A 87 17.07 -6.99 -3.16
C GLU A 87 16.82 -6.07 -1.96
N VAL A 88 15.59 -5.60 -1.86
CA VAL A 88 15.20 -4.73 -0.76
C VAL A 88 13.98 -5.30 -0.05
N GLU A 89 13.71 -4.77 1.13
CA GLU A 89 12.59 -5.23 1.93
C GLU A 89 11.51 -4.14 1.98
N MET A 90 10.48 -4.32 1.15
CA MET A 90 9.39 -3.37 1.11
C MET A 90 8.27 -3.78 2.07
N LYS A 91 7.83 -2.80 2.84
CA LYS A 91 6.77 -3.04 3.82
C LYS A 91 5.51 -2.28 3.37
N VAL A 92 4.38 -2.96 3.48
CA VAL A 92 3.11 -2.37 3.11
C VAL A 92 2.05 -2.75 4.14
N VAL A 93 1.19 -1.79 4.45
CA VAL A 93 0.13 -2.01 5.42
C VAL A 93 -1.22 -1.84 4.72
N SER A 94 -2.18 -2.67 5.14
CA SER A 94 -3.51 -2.62 4.57
C SER A 94 -4.35 -1.57 5.31
N LEU A 95 -5.10 -0.80 4.52
CA LEU A 95 -5.95 0.23 5.09
C LEU A 95 -7.15 -0.41 5.77
N LEU A 96 -7.11 -0.43 7.08
CA LEU A 96 -8.19 -1.01 7.87
C LEU A 96 -9.38 -0.06 7.87
N ASP A 97 -10.32 -0.33 8.78
CA ASP A 97 -11.51 0.50 8.90
C ASP A 97 -12.36 -0.01 10.06
N SER A 98 -13.13 0.90 10.62
CA SER A 98 -13.99 0.56 11.74
C SER A 98 -14.75 -0.73 11.45
N THR A 99 -15.35 -1.29 12.49
CA THR A 99 -16.10 -2.52 12.35
C THR A 99 -17.61 -2.23 12.44
N SER A 100 -18.30 -2.51 11.34
CA SER A 100 -19.73 -2.29 11.29
C SER A 100 -20.41 -3.41 10.49
N SER A 101 -21.51 -3.90 11.03
CA SER A 101 -22.25 -4.96 10.38
C SER A 101 -23.76 -4.73 10.55
N MET A 102 -24.44 -4.60 9.42
CA MET A 102 -25.87 -4.37 9.43
C MET A 102 -26.52 -4.91 8.15
N HIS A 103 -27.84 -5.05 8.20
CA HIS A 103 -28.58 -5.54 7.06
C HIS A 103 -30.09 -5.49 7.37
N ASN A 104 -30.84 -5.00 6.39
CA ASN A 104 -32.28 -4.90 6.55
C ASN A 104 -32.97 -5.65 5.40
N LYS A 105 -34.14 -6.18 5.70
CA LYS A 105 -34.91 -6.91 4.71
C LYS A 105 -36.40 -6.83 5.06
N SER A 106 -37.21 -6.77 4.02
CA SER A 106 -38.65 -6.70 4.20
C SER A 106 -39.37 -7.18 2.94
N GLY A 107 -40.55 -7.74 3.15
CA GLY A 107 -41.34 -8.24 2.04
C GLY A 107 -42.84 -8.23 2.38
N PRO A 108 -43.52 -7.15 1.92
CA PRO A 108 -44.94 -7.00 2.16
C PRO A 108 -45.76 -7.95 1.28
N SER A 109 -47.07 -7.87 1.43
CA SER A 109 -47.96 -8.71 0.65
C SER A 109 -49.41 -8.21 0.78
N SER A 110 -50.27 -8.75 -0.06
CA SER A 110 -51.67 -8.36 -0.04
C SER A 110 -51.80 -6.86 -0.30
N GLY A 111 -52.97 -6.49 -0.81
CA GLY A 111 -53.24 -5.09 -1.11
C GLY A 111 -54.72 -4.88 -1.43
N GLY A 1 -19.19 -14.32 6.28
CA GLY A 1 -20.00 -13.89 7.41
C GLY A 1 -19.92 -12.38 7.59
N SER A 2 -20.92 -11.84 8.27
CA SER A 2 -20.99 -10.42 8.51
C SER A 2 -20.71 -10.13 9.99
N SER A 3 -19.69 -9.32 10.23
CA SER A 3 -19.31 -8.97 11.59
C SER A 3 -18.83 -7.51 11.63
N GLY A 4 -18.99 -6.90 12.80
CA GLY A 4 -18.58 -5.52 12.99
C GLY A 4 -17.38 -5.43 13.93
N SER A 5 -17.23 -4.26 14.52
CA SER A 5 -16.13 -4.03 15.45
C SER A 5 -16.19 -2.60 16.00
N SER A 6 -16.47 -2.51 17.29
CA SER A 6 -16.57 -1.21 17.94
C SER A 6 -15.27 -0.91 18.69
N GLY A 7 -14.87 0.35 18.64
CA GLY A 7 -13.66 0.78 19.31
C GLY A 7 -13.63 2.30 19.47
N SER A 8 -12.43 2.82 19.69
CA SER A 8 -12.26 4.25 19.85
C SER A 8 -12.28 4.95 18.49
N ALA A 9 -12.60 6.24 18.54
CA ALA A 9 -12.66 7.03 17.32
C ALA A 9 -11.24 7.38 16.87
N SER A 10 -10.70 6.50 16.04
CA SER A 10 -9.35 6.69 15.52
C SER A 10 -9.05 5.65 14.43
N LYS A 11 -8.22 6.05 13.49
CA LYS A 11 -7.84 5.17 12.39
C LYS A 11 -6.96 4.05 12.94
N ARG A 12 -6.97 2.93 12.21
CA ARG A 12 -6.18 1.78 12.60
C ARG A 12 -5.53 1.14 11.37
N TRP A 13 -4.21 1.02 11.44
CA TRP A 13 -3.46 0.44 10.34
C TRP A 13 -2.87 -0.90 10.83
N SER A 14 -3.12 -1.93 10.05
CA SER A 14 -2.62 -3.26 10.39
C SER A 14 -1.10 -3.26 10.37
N PRO A 15 -0.52 -4.46 10.65
CA PRO A 15 0.92 -4.62 10.66
C PRO A 15 1.49 -4.64 9.24
N PRO A 16 2.73 -4.10 9.10
CA PRO A 16 3.39 -4.05 7.81
C PRO A 16 3.91 -5.43 7.41
N ARG A 17 3.80 -5.73 6.12
CA ARG A 17 4.24 -7.01 5.60
C ARG A 17 5.69 -6.91 5.12
N GLY A 18 6.36 -8.05 5.10
CA GLY A 18 7.74 -8.10 4.66
C GLY A 18 7.85 -8.70 3.27
N ILE A 19 8.12 -7.83 2.30
CA ILE A 19 8.26 -8.25 0.92
C ILE A 19 9.74 -8.37 0.57
N HIS A 20 10.03 -9.25 -0.37
CA HIS A 20 11.41 -9.45 -0.82
C HIS A 20 11.44 -9.64 -2.34
N PHE A 21 12.00 -8.65 -3.01
CA PHE A 21 12.10 -8.70 -4.46
C PHE A 21 13.28 -7.86 -4.96
N THR A 22 13.50 -7.91 -6.25
CA THR A 22 14.57 -7.15 -6.87
C THR A 22 14.01 -6.06 -7.77
N VAL A 23 14.41 -4.82 -7.48
CA VAL A 23 13.96 -3.68 -8.26
C VAL A 23 14.46 -3.82 -9.70
N GLU A 24 13.51 -3.69 -10.63
CA GLU A 24 13.85 -3.79 -12.04
C GLU A 24 14.42 -2.47 -12.55
N GLU A 25 14.44 -1.49 -11.66
CA GLU A 25 14.96 -0.17 -12.01
C GLU A 25 14.74 0.11 -13.50
N GLY A 26 13.48 0.04 -13.90
CA GLY A 26 13.11 0.29 -15.28
C GLY A 26 12.37 -0.91 -15.88
N ASP A 27 11.43 -1.43 -15.11
CA ASP A 27 10.64 -2.56 -15.55
C ASP A 27 9.75 -3.03 -14.39
N LEU A 28 9.19 -2.07 -13.69
CA LEU A 28 8.31 -2.36 -12.57
C LEU A 28 6.93 -2.73 -13.09
N GLY A 29 6.35 -3.76 -12.50
CA GLY A 29 5.03 -4.21 -12.89
C GLY A 29 3.94 -3.52 -12.07
N PHE A 30 4.19 -2.26 -11.75
CA PHE A 30 3.25 -1.48 -10.98
C PHE A 30 3.66 0.00 -10.94
N THR A 31 2.78 0.81 -10.38
CA THR A 31 3.04 2.24 -10.28
C THR A 31 2.64 2.76 -8.90
N LEU A 32 2.88 4.04 -8.68
CA LEU A 32 2.56 4.67 -7.41
C LEU A 32 1.51 5.75 -7.64
N ARG A 33 0.47 5.71 -6.81
CA ARG A 33 -0.61 6.68 -6.91
C ARG A 33 -1.02 7.15 -5.51
N GLY A 34 -1.54 8.38 -5.47
CA GLY A 34 -1.98 8.95 -4.20
C GLY A 34 -0.86 9.76 -3.56
N ASN A 35 -1.15 10.28 -2.37
CA ASN A 35 -0.19 11.06 -1.63
C ASN A 35 0.70 10.13 -0.81
N THR A 36 0.23 9.81 0.38
CA THR A 36 0.97 8.93 1.26
C THR A 36 0.08 8.44 2.41
N PRO A 37 0.23 7.13 2.75
CA PRO A 37 1.19 6.29 2.05
C PRO A 37 0.67 5.90 0.66
N VAL A 38 1.54 6.05 -0.33
CA VAL A 38 1.19 5.72 -1.70
C VAL A 38 0.71 4.27 -1.76
N GLN A 39 -0.13 4.00 -2.75
CA GLN A 39 -0.67 2.66 -2.94
C GLN A 39 0.08 1.94 -4.05
N VAL A 40 -0.26 0.68 -4.24
CA VAL A 40 0.37 -0.13 -5.26
C VAL A 40 -0.67 -0.54 -6.31
N HIS A 41 -0.58 0.10 -7.46
CA HIS A 41 -1.51 -0.18 -8.55
C HIS A 41 -0.86 -1.16 -9.52
N PHE A 42 -0.69 -2.40 -9.05
CA PHE A 42 -0.09 -3.44 -9.87
C PHE A 42 -0.54 -3.30 -11.34
N LEU A 43 0.41 -3.54 -12.23
CA LEU A 43 0.14 -3.45 -13.65
C LEU A 43 0.30 -4.83 -14.29
N ASP A 44 1.33 -5.53 -13.85
CA ASP A 44 1.61 -6.86 -14.36
C ASP A 44 1.57 -7.86 -13.21
N PRO A 45 0.71 -8.90 -13.37
CA PRO A 45 0.56 -9.92 -12.37
C PRO A 45 1.75 -10.88 -12.38
N HIS A 46 2.68 -10.61 -13.29
CA HIS A 46 3.86 -11.44 -13.43
C HIS A 46 5.12 -10.55 -13.35
N CYS A 47 5.20 -9.79 -12.26
CA CYS A 47 6.33 -8.91 -12.06
C CYS A 47 7.01 -9.29 -10.74
N SER A 48 8.26 -8.88 -10.61
CA SER A 48 9.02 -9.17 -9.41
C SER A 48 8.17 -8.87 -8.17
N ALA A 49 7.82 -7.60 -8.03
CA ALA A 49 7.02 -7.17 -6.89
C ALA A 49 5.95 -8.24 -6.61
N SER A 50 5.04 -8.38 -7.56
CA SER A 50 3.97 -9.35 -7.41
C SER A 50 4.53 -10.72 -7.07
N LEU A 51 5.52 -11.13 -7.86
CA LEU A 51 6.16 -12.42 -7.64
C LEU A 51 6.72 -12.47 -6.22
N ALA A 52 6.93 -11.30 -5.66
CA ALA A 52 7.47 -11.20 -4.31
C ALA A 52 6.42 -11.72 -3.32
N GLY A 53 5.22 -11.17 -3.42
CA GLY A 53 4.13 -11.56 -2.55
C GLY A 53 3.36 -10.34 -2.06
N ALA A 54 3.11 -9.42 -2.97
CA ALA A 54 2.38 -8.21 -2.65
C ALA A 54 0.90 -8.38 -3.01
N LYS A 55 0.19 -7.26 -3.05
CA LYS A 55 -1.22 -7.29 -3.38
C LYS A 55 -1.68 -5.87 -3.73
N GLU A 56 -2.76 -5.80 -4.49
CA GLU A 56 -3.31 -4.52 -4.90
C GLU A 56 -3.90 -3.78 -3.69
N GLY A 57 -3.35 -2.61 -3.44
CA GLY A 57 -3.81 -1.80 -2.32
C GLY A 57 -2.72 -1.63 -1.27
N ASP A 58 -1.56 -2.21 -1.58
CA ASP A 58 -0.43 -2.13 -0.67
C ASP A 58 -0.03 -0.67 -0.49
N TYR A 59 0.14 -0.28 0.76
CA TYR A 59 0.52 1.08 1.08
C TYR A 59 1.99 1.16 1.50
N ILE A 60 2.83 1.51 0.54
CA ILE A 60 4.26 1.61 0.79
C ILE A 60 4.48 2.43 2.06
N VAL A 61 4.72 1.73 3.16
CA VAL A 61 4.94 2.37 4.43
C VAL A 61 6.44 2.66 4.60
N SER A 62 7.24 1.67 4.22
CA SER A 62 8.68 1.80 4.33
C SER A 62 9.36 0.92 3.29
N ILE A 63 10.65 1.18 3.06
CA ILE A 63 11.42 0.42 2.09
C ILE A 63 12.85 0.24 2.61
N GLN A 64 13.19 -1.00 2.90
CA GLN A 64 14.51 -1.31 3.40
C GLN A 64 14.67 -0.82 4.83
N GLY A 65 13.57 -0.32 5.38
CA GLY A 65 13.57 0.18 6.74
C GLY A 65 13.51 1.71 6.76
N VAL A 66 13.21 2.27 5.59
CA VAL A 66 13.12 3.72 5.47
C VAL A 66 11.65 4.13 5.42
N ASP A 67 11.34 5.16 6.19
CA ASP A 67 9.98 5.67 6.26
C ASP A 67 9.54 6.11 4.86
N CYS A 68 8.44 5.51 4.40
CA CYS A 68 7.91 5.83 3.08
C CYS A 68 6.43 6.19 3.24
N LYS A 69 6.00 6.24 4.49
CA LYS A 69 4.62 6.57 4.79
C LYS A 69 4.44 8.10 4.76
N TRP A 70 5.57 8.79 4.69
CA TRP A 70 5.56 10.24 4.64
C TRP A 70 5.95 10.68 3.24
N LEU A 71 6.83 9.90 2.63
CA LEU A 71 7.30 10.19 1.28
C LEU A 71 6.10 10.20 0.33
N THR A 72 6.34 10.76 -0.86
CA THR A 72 5.29 10.83 -1.86
C THR A 72 5.43 9.68 -2.86
N VAL A 73 5.06 9.96 -4.10
CA VAL A 73 5.15 8.96 -5.15
C VAL A 73 6.52 9.04 -5.82
N SER A 74 7.03 10.25 -5.91
CA SER A 74 8.33 10.48 -6.53
C SER A 74 9.44 10.03 -5.58
N GLU A 75 9.43 10.63 -4.39
CA GLU A 75 10.44 10.30 -3.39
C GLU A 75 10.65 8.79 -3.32
N VAL A 76 9.54 8.08 -3.15
CA VAL A 76 9.58 6.63 -3.07
C VAL A 76 10.21 6.07 -4.34
N MET A 77 9.60 6.42 -5.47
CA MET A 77 10.08 5.96 -6.76
C MET A 77 11.61 6.02 -6.82
N LYS A 78 12.16 7.07 -6.21
CA LYS A 78 13.59 7.26 -6.20
C LYS A 78 14.22 6.27 -5.21
N LEU A 79 13.58 6.14 -4.06
CA LEU A 79 14.06 5.23 -3.03
C LEU A 79 14.08 3.80 -3.58
N LEU A 80 13.20 3.57 -4.55
CA LEU A 80 13.09 2.26 -5.16
C LEU A 80 14.13 2.13 -6.28
N LYS A 81 14.21 3.17 -7.08
CA LYS A 81 15.16 3.20 -8.19
C LYS A 81 16.58 3.10 -7.62
N SER A 82 16.84 3.91 -6.62
CA SER A 82 18.16 3.94 -5.99
C SER A 82 18.62 2.50 -5.71
N PHE A 83 17.66 1.65 -5.44
CA PHE A 83 17.95 0.25 -5.15
C PHE A 83 17.71 -0.62 -6.38
N GLY A 84 18.11 -0.10 -7.53
CA GLY A 84 17.94 -0.82 -8.78
C GLY A 84 18.74 -2.12 -8.77
N GLY A 85 18.02 -3.23 -8.88
CA GLY A 85 18.64 -4.54 -8.89
C GLY A 85 19.57 -4.71 -7.68
N GLU A 86 19.08 -4.29 -6.53
CA GLU A 86 19.85 -4.39 -5.31
C GLU A 86 19.09 -5.22 -4.26
N GLU A 87 17.88 -5.59 -4.62
CA GLU A 87 17.03 -6.39 -3.74
C GLU A 87 16.82 -5.64 -2.43
N VAL A 88 15.56 -5.31 -2.18
CA VAL A 88 15.19 -4.60 -0.96
C VAL A 88 13.94 -5.24 -0.36
N GLU A 89 13.52 -4.69 0.77
CA GLU A 89 12.34 -5.20 1.46
C GLU A 89 11.31 -4.09 1.62
N MET A 90 10.24 -4.20 0.83
CA MET A 90 9.17 -3.21 0.88
C MET A 90 8.09 -3.62 1.87
N LYS A 91 7.73 -2.67 2.72
CA LYS A 91 6.70 -2.92 3.72
C LYS A 91 5.44 -2.15 3.35
N VAL A 92 4.31 -2.83 3.48
CA VAL A 92 3.02 -2.22 3.17
C VAL A 92 2.00 -2.63 4.22
N VAL A 93 1.11 -1.69 4.54
CA VAL A 93 0.09 -1.94 5.53
C VAL A 93 -1.29 -1.74 4.89
N SER A 94 -2.21 -2.61 5.27
CA SER A 94 -3.57 -2.54 4.74
C SER A 94 -4.40 -1.56 5.55
N LEU A 95 -5.14 -0.72 4.84
CA LEU A 95 -5.98 0.27 5.48
C LEU A 95 -7.20 -0.42 6.11
N LEU A 96 -7.23 -0.40 7.44
CA LEU A 96 -8.32 -1.02 8.17
C LEU A 96 -9.42 0.02 8.43
N ASP A 97 -9.25 1.17 7.78
CA ASP A 97 -10.22 2.25 7.93
C ASP A 97 -11.09 2.32 6.68
N SER A 98 -12.24 2.98 6.83
CA SER A 98 -13.16 3.13 5.72
C SER A 98 -13.80 4.53 5.76
N THR A 99 -14.48 4.80 6.86
CA THR A 99 -15.13 6.09 7.03
C THR A 99 -15.92 6.46 5.77
N SER A 100 -17.21 6.16 5.81
CA SER A 100 -18.08 6.46 4.68
C SER A 100 -18.53 7.92 4.73
N SER A 101 -19.08 8.30 5.87
CA SER A 101 -19.55 9.66 6.06
C SER A 101 -20.43 10.08 4.88
N MET A 102 -21.53 9.37 4.73
CA MET A 102 -22.48 9.65 3.67
C MET A 102 -23.61 10.54 4.14
N HIS A 103 -24.00 11.47 3.29
CA HIS A 103 -25.08 12.40 3.62
C HIS A 103 -26.41 11.64 3.67
N ASN A 104 -27.28 12.11 4.55
CA ASN A 104 -28.59 11.48 4.70
C ASN A 104 -29.62 12.56 5.05
N LYS A 105 -30.64 12.65 4.20
CA LYS A 105 -31.70 13.62 4.40
C LYS A 105 -33.05 12.97 4.09
N SER A 106 -34.11 13.64 4.51
CA SER A 106 -35.45 13.15 4.29
C SER A 106 -36.17 14.04 3.27
N GLY A 107 -37.19 13.47 2.63
CA GLY A 107 -37.96 14.19 1.64
C GLY A 107 -38.60 15.44 2.26
N PRO A 108 -39.50 16.07 1.47
CA PRO A 108 -40.18 17.27 1.92
C PRO A 108 -41.27 16.94 2.94
N SER A 109 -41.04 17.36 4.17
CA SER A 109 -41.98 17.11 5.25
C SER A 109 -41.85 18.19 6.32
N SER A 110 -42.66 19.23 6.18
CA SER A 110 -42.65 20.33 7.11
C SER A 110 -41.36 21.14 6.95
N GLY A 111 -40.28 20.58 7.45
CA GLY A 111 -38.98 21.24 7.36
C GLY A 111 -38.60 21.88 8.70
N GLY A 1 4.01 6.92 24.07
CA GLY A 1 3.21 8.07 23.71
C GLY A 1 2.81 8.87 24.95
N SER A 2 1.56 9.31 24.96
CA SER A 2 1.05 10.08 26.08
C SER A 2 -0.42 9.76 26.30
N SER A 3 -0.66 8.63 26.96
CA SER A 3 -2.01 8.19 27.25
C SER A 3 -2.79 8.03 25.94
N GLY A 4 -3.89 7.29 26.04
CA GLY A 4 -4.73 7.06 24.88
C GLY A 4 -5.43 8.35 24.43
N SER A 5 -6.05 8.27 23.27
CA SER A 5 -6.74 9.43 22.72
C SER A 5 -8.17 9.03 22.31
N SER A 6 -8.96 10.05 22.02
CA SER A 6 -10.35 9.82 21.63
C SER A 6 -10.40 8.87 20.43
N GLY A 7 -11.55 8.23 20.28
CA GLY A 7 -11.75 7.29 19.19
C GLY A 7 -12.62 7.91 18.09
N SER A 8 -13.91 7.65 18.18
CA SER A 8 -14.85 8.16 17.20
C SER A 8 -14.43 7.74 15.79
N ALA A 9 -14.78 6.52 15.44
CA ALA A 9 -14.44 5.97 14.14
C ALA A 9 -13.01 6.38 13.78
N SER A 10 -12.06 5.63 14.33
CA SER A 10 -10.66 5.89 14.08
C SER A 10 -10.14 4.96 12.97
N LYS A 11 -9.41 5.54 12.04
CA LYS A 11 -8.85 4.79 10.94
C LYS A 11 -7.83 3.79 11.48
N ARG A 12 -7.90 2.57 10.97
CA ARG A 12 -6.98 1.52 11.39
C ARG A 12 -6.25 0.93 10.18
N TRP A 13 -5.01 0.55 10.41
CA TRP A 13 -4.19 -0.02 9.36
C TRP A 13 -3.69 -1.39 9.84
N SER A 14 -3.64 -2.32 8.89
CA SER A 14 -3.19 -3.66 9.20
C SER A 14 -1.67 -3.69 9.38
N PRO A 15 -1.14 -4.89 9.73
CA PRO A 15 0.28 -5.05 9.93
C PRO A 15 1.03 -5.06 8.59
N PRO A 16 2.29 -4.54 8.63
CA PRO A 16 3.12 -4.49 7.44
C PRO A 16 3.66 -5.87 7.08
N ARG A 17 3.84 -6.07 5.79
CA ARG A 17 4.35 -7.35 5.30
C ARG A 17 5.75 -7.17 4.70
N GLY A 18 6.66 -8.03 5.13
CA GLY A 18 8.02 -7.98 4.65
C GLY A 18 8.15 -8.64 3.28
N ILE A 19 8.25 -7.81 2.26
CA ILE A 19 8.37 -8.29 0.89
C ILE A 19 9.85 -8.41 0.53
N HIS A 20 10.14 -9.35 -0.36
CA HIS A 20 11.51 -9.58 -0.80
C HIS A 20 11.54 -9.73 -2.32
N PHE A 21 12.11 -8.72 -2.97
CA PHE A 21 12.22 -8.73 -4.42
C PHE A 21 13.36 -7.84 -4.89
N THR A 22 13.58 -7.84 -6.20
CA THR A 22 14.63 -7.03 -6.79
C THR A 22 14.03 -5.98 -7.73
N VAL A 23 14.08 -4.74 -7.28
CA VAL A 23 13.55 -3.64 -8.06
C VAL A 23 13.95 -3.82 -9.53
N GLU A 24 13.05 -3.41 -10.42
CA GLU A 24 13.30 -3.53 -11.84
C GLU A 24 13.63 -2.15 -12.44
N GLU A 25 14.92 -1.88 -12.55
CA GLU A 25 15.37 -0.61 -13.10
C GLU A 25 15.18 -0.59 -14.62
N GLY A 26 13.95 -0.87 -15.03
CA GLY A 26 13.63 -0.89 -16.45
C GLY A 26 12.14 -1.14 -16.66
N ASP A 27 11.59 -2.01 -15.82
CA ASP A 27 10.17 -2.36 -15.91
C ASP A 27 9.65 -2.70 -14.50
N LEU A 28 9.39 -1.66 -13.74
CA LEU A 28 8.88 -1.83 -12.38
C LEU A 28 7.64 -2.73 -12.42
N GLY A 29 6.82 -2.50 -13.44
CA GLY A 29 5.60 -3.27 -13.61
C GLY A 29 4.45 -2.64 -12.82
N PHE A 30 4.75 -1.51 -12.20
CA PHE A 30 3.75 -0.80 -11.42
C PHE A 30 4.17 0.65 -11.17
N THR A 31 3.19 1.46 -10.82
CA THR A 31 3.44 2.87 -10.56
C THR A 31 2.94 3.25 -9.16
N LEU A 32 3.19 4.50 -8.80
CA LEU A 32 2.78 5.00 -7.50
C LEU A 32 1.79 6.16 -7.70
N ARG A 33 0.74 6.14 -6.90
CA ARG A 33 -0.27 7.17 -6.97
C ARG A 33 0.11 8.36 -6.09
N GLY A 34 -0.38 9.53 -6.48
CA GLY A 34 -0.09 10.75 -5.73
C GLY A 34 -0.87 10.78 -4.41
N ASN A 35 -0.12 10.69 -3.32
CA ASN A 35 -0.73 10.71 -2.00
C ASN A 35 0.18 9.97 -1.02
N THR A 36 -0.31 9.85 0.21
CA THR A 36 0.44 9.17 1.25
C THR A 36 -0.51 8.59 2.30
N PRO A 37 -0.26 7.31 2.65
CA PRO A 37 0.82 6.56 2.05
C PRO A 37 0.47 6.14 0.62
N VAL A 38 1.40 6.41 -0.28
CA VAL A 38 1.21 6.08 -1.69
C VAL A 38 0.70 4.63 -1.79
N GLN A 39 0.10 4.33 -2.93
CA GLN A 39 -0.44 3.00 -3.17
C GLN A 39 0.30 2.34 -4.35
N VAL A 40 0.13 1.03 -4.44
CA VAL A 40 0.76 0.28 -5.52
C VAL A 40 -0.28 -0.02 -6.60
N HIS A 41 -0.01 0.51 -7.79
CA HIS A 41 -0.92 0.31 -8.91
C HIS A 41 -0.32 -0.74 -9.87
N PHE A 42 -0.19 -1.95 -9.35
CA PHE A 42 0.36 -3.05 -10.14
C PHE A 42 -0.14 -2.98 -11.58
N LEU A 43 0.80 -3.12 -12.51
CA LEU A 43 0.46 -3.09 -13.93
C LEU A 43 0.65 -4.49 -14.52
N ASP A 44 1.66 -5.18 -14.02
CA ASP A 44 1.96 -6.52 -14.49
C ASP A 44 2.01 -7.48 -13.30
N PRO A 45 1.16 -8.54 -13.37
CA PRO A 45 1.10 -9.53 -12.32
C PRO A 45 2.31 -10.46 -12.37
N HIS A 46 3.19 -10.19 -13.33
CA HIS A 46 4.39 -10.99 -13.49
C HIS A 46 5.60 -10.07 -13.64
N CYS A 47 5.60 -9.01 -12.84
CA CYS A 47 6.69 -8.05 -12.88
C CYS A 47 7.75 -8.49 -11.86
N SER A 48 7.29 -8.80 -10.66
CA SER A 48 8.17 -9.23 -9.60
C SER A 48 7.52 -9.00 -8.24
N ALA A 49 7.34 -7.73 -7.90
CA ALA A 49 6.73 -7.37 -6.64
C ALA A 49 5.56 -8.31 -6.35
N SER A 50 4.76 -8.54 -7.37
CA SER A 50 3.61 -9.42 -7.24
C SER A 50 4.07 -10.84 -6.93
N LEU A 51 5.08 -11.28 -7.66
CA LEU A 51 5.62 -12.62 -7.46
C LEU A 51 6.28 -12.69 -6.08
N ALA A 52 6.77 -11.54 -5.63
CA ALA A 52 7.42 -11.47 -4.32
C ALA A 52 6.41 -11.82 -3.24
N GLY A 53 5.35 -11.02 -3.17
CA GLY A 53 4.31 -11.24 -2.18
C GLY A 53 3.58 -9.94 -1.86
N ALA A 54 3.27 -9.20 -2.92
CA ALA A 54 2.57 -7.93 -2.78
C ALA A 54 1.24 -8.00 -3.52
N LYS A 55 0.42 -6.98 -3.32
CA LYS A 55 -0.88 -6.90 -3.97
C LYS A 55 -1.13 -5.47 -4.44
N GLU A 56 -2.31 -5.28 -5.02
CA GLU A 56 -2.69 -3.96 -5.51
C GLU A 56 -3.24 -3.10 -4.37
N GLY A 57 -3.01 -1.80 -4.48
CA GLY A 57 -3.48 -0.87 -3.48
C GLY A 57 -2.56 -0.87 -2.26
N ASP A 58 -1.55 -1.72 -2.32
CA ASP A 58 -0.58 -1.82 -1.23
C ASP A 58 -0.06 -0.43 -0.88
N TYR A 59 -0.03 -0.16 0.42
CA TYR A 59 0.45 1.13 0.89
C TYR A 59 1.85 1.00 1.51
N ILE A 60 2.84 1.36 0.72
CA ILE A 60 4.23 1.30 1.16
C ILE A 60 4.41 2.20 2.37
N VAL A 61 5.03 1.65 3.41
CA VAL A 61 5.28 2.39 4.63
C VAL A 61 6.78 2.63 4.78
N SER A 62 7.55 1.63 4.39
CA SER A 62 8.99 1.72 4.48
C SER A 62 9.64 0.88 3.38
N ILE A 63 10.87 1.27 3.03
CA ILE A 63 11.61 0.57 1.99
C ILE A 63 13.02 0.29 2.47
N GLN A 64 13.24 -0.93 2.94
CA GLN A 64 14.54 -1.33 3.42
C GLN A 64 14.77 -0.77 4.83
N GLY A 65 13.79 -0.02 5.31
CA GLY A 65 13.87 0.58 6.62
C GLY A 65 13.46 2.05 6.58
N VAL A 66 13.69 2.67 5.44
CA VAL A 66 13.36 4.08 5.26
C VAL A 66 11.91 4.30 5.69
N ASP A 67 11.50 5.56 5.63
CA ASP A 67 10.14 5.93 6.00
C ASP A 67 9.38 6.41 4.76
N CYS A 68 8.56 5.51 4.23
CA CYS A 68 7.78 5.83 3.05
C CYS A 68 6.30 5.85 3.45
N LYS A 69 6.00 6.66 4.47
CA LYS A 69 4.64 6.77 4.96
C LYS A 69 4.09 8.15 4.58
N TRP A 70 5.00 9.11 4.45
CA TRP A 70 4.62 10.47 4.10
C TRP A 70 5.17 10.76 2.71
N LEU A 71 6.35 10.23 2.45
CA LEU A 71 7.00 10.43 1.17
C LEU A 71 5.95 10.36 0.06
N THR A 72 6.23 11.05 -1.03
CA THR A 72 5.32 11.07 -2.17
C THR A 72 5.69 9.97 -3.16
N VAL A 73 5.21 10.14 -4.39
CA VAL A 73 5.49 9.18 -5.44
C VAL A 73 6.94 9.31 -5.89
N SER A 74 7.34 10.55 -6.15
CA SER A 74 8.70 10.83 -6.59
C SER A 74 9.70 10.25 -5.59
N GLU A 75 9.65 10.80 -4.37
CA GLU A 75 10.54 10.35 -3.32
C GLU A 75 10.66 8.83 -3.33
N VAL A 76 9.52 8.18 -3.16
CA VAL A 76 9.47 6.73 -3.15
C VAL A 76 10.07 6.19 -4.45
N MET A 77 9.57 6.72 -5.56
CA MET A 77 10.05 6.30 -6.86
C MET A 77 11.58 6.33 -6.92
N LYS A 78 12.14 7.42 -6.43
CA LYS A 78 13.58 7.58 -6.42
C LYS A 78 14.20 6.65 -5.38
N LEU A 79 13.50 6.53 -4.25
CA LEU A 79 13.96 5.68 -3.18
C LEU A 79 14.02 4.23 -3.67
N LEU A 80 13.08 3.89 -4.55
CA LEU A 80 13.02 2.55 -5.10
C LEU A 80 14.00 2.45 -6.27
N LYS A 81 13.94 3.45 -7.15
CA LYS A 81 14.81 3.49 -8.30
C LYS A 81 16.26 3.29 -7.87
N SER A 82 16.67 4.11 -6.91
CA SER A 82 18.02 4.05 -6.38
C SER A 82 18.41 2.58 -6.11
N PHE A 83 17.44 1.84 -5.59
CA PHE A 83 17.66 0.44 -5.28
C PHE A 83 17.33 -0.45 -6.48
N GLY A 84 17.63 0.09 -7.66
CA GLY A 84 17.38 -0.65 -8.90
C GLY A 84 18.30 -1.86 -9.02
N GLY A 85 17.68 -3.01 -9.21
CA GLY A 85 18.45 -4.24 -9.34
C GLY A 85 19.10 -4.63 -8.02
N GLU A 86 18.51 -4.16 -6.93
CA GLU A 86 19.02 -4.44 -5.60
C GLU A 86 17.90 -4.94 -4.69
N GLU A 87 18.12 -6.12 -4.13
CA GLU A 87 17.14 -6.72 -3.25
C GLU A 87 16.91 -5.82 -2.02
N VAL A 88 15.65 -5.48 -1.82
CA VAL A 88 15.28 -4.63 -0.70
C VAL A 88 14.11 -5.26 0.05
N GLU A 89 13.68 -4.58 1.10
CA GLU A 89 12.57 -5.06 1.92
C GLU A 89 11.47 -4.00 1.97
N MET A 90 10.44 -4.23 1.17
CA MET A 90 9.31 -3.31 1.12
C MET A 90 8.21 -3.73 2.11
N LYS A 91 7.65 -2.74 2.79
CA LYS A 91 6.60 -2.99 3.75
C LYS A 91 5.32 -2.31 3.29
N VAL A 92 4.24 -3.08 3.26
CA VAL A 92 2.95 -2.56 2.84
C VAL A 92 1.91 -2.92 3.89
N VAL A 93 0.92 -2.04 4.01
CA VAL A 93 -0.15 -2.25 4.98
C VAL A 93 -1.50 -2.16 4.26
N SER A 94 -2.52 -2.71 4.90
CA SER A 94 -3.86 -2.70 4.33
C SER A 94 -4.69 -1.59 4.99
N LEU A 95 -5.61 -1.04 4.20
CA LEU A 95 -6.47 0.02 4.70
C LEU A 95 -7.81 -0.57 5.13
N LEU A 96 -8.05 -0.52 6.43
CA LEU A 96 -9.29 -1.04 6.98
C LEU A 96 -10.34 0.07 7.00
N ASP A 97 -11.43 -0.21 7.72
CA ASP A 97 -12.51 0.76 7.83
C ASP A 97 -13.70 0.10 8.53
N SER A 98 -14.58 0.95 9.05
CA SER A 98 -15.76 0.45 9.74
C SER A 98 -16.47 -0.61 8.91
N THR A 99 -17.32 -1.37 9.57
CA THR A 99 -18.06 -2.43 8.91
C THR A 99 -19.56 -2.20 9.06
N SER A 100 -19.92 -0.94 9.22
CA SER A 100 -21.33 -0.58 9.38
C SER A 100 -21.97 -0.40 8.01
N SER A 101 -23.29 -0.55 7.99
CA SER A 101 -24.04 -0.39 6.76
C SER A 101 -25.54 -0.27 7.07
N MET A 102 -26.23 0.43 6.18
CA MET A 102 -27.66 0.63 6.34
C MET A 102 -27.97 1.31 7.68
N HIS A 103 -29.17 1.87 7.75
CA HIS A 103 -29.60 2.56 8.96
C HIS A 103 -28.77 3.83 9.16
N ASN A 104 -29.44 4.96 9.07
CA ASN A 104 -28.78 6.25 9.23
C ASN A 104 -29.54 7.08 10.26
N LYS A 105 -30.81 7.29 9.98
CA LYS A 105 -31.66 8.06 10.88
C LYS A 105 -31.09 9.47 11.02
N SER A 106 -31.98 10.41 11.34
CA SER A 106 -31.57 11.79 11.50
C SER A 106 -32.12 12.35 12.82
N GLY A 107 -31.65 13.53 13.16
CA GLY A 107 -32.09 14.17 14.40
C GLY A 107 -33.45 14.84 14.21
N PRO A 108 -34.15 15.04 15.36
CA PRO A 108 -35.46 15.68 15.34
C PRO A 108 -35.35 17.18 15.10
N SER A 109 -36.43 17.76 14.59
CA SER A 109 -36.46 19.18 14.32
C SER A 109 -37.51 19.86 15.21
N SER A 110 -37.10 20.98 15.80
CA SER A 110 -37.99 21.74 16.67
C SER A 110 -37.31 23.02 17.13
N GLY A 111 -36.17 22.85 17.77
CA GLY A 111 -35.40 23.98 18.27
C GLY A 111 -35.16 25.01 17.15
#